data_8D2J
#
_entry.id   8D2J
#
_cell.length_a   65.641
_cell.length_b   79.393
_cell.length_c   108.548
_cell.angle_alpha   97.92
_cell.angle_beta   104.95
_cell.angle_gamma   97.41
#
_symmetry.space_group_name_H-M   'P 1'
#
loop_
_entity.id
_entity.type
_entity.pdbx_description
1 polymer IPD113_Cow
2 non-polymer GLYCEROL
3 water water
#
_entity_poly.entity_id   1
_entity_poly.type   'polypeptide(L)'
_entity_poly.pdbx_seq_one_letter_code
;MAAEGVETVSELAPATDKVQNADMAEEDPIFTQLAQKMAAAAEKEEVPVDLLAQYMQVEAHDWHNRVRGAILGLISAVPK
VGAAISRLIGLFWPANKVDIWEALRAEEYIRNIVQQELFEFEMRLLENDIQALETTVGRYDTAALTEKGNFLSIWISQAD
ALYIRMRNSTNNIHLLLHMVTVSTLHLAALHERLTFGEELYGTNNSTNWTRDLVDKFETYTSDLIPNVFKRWKEWRPTQI
EISAWVRRGSCGNLTCRPDVSYATVEDKISGALFSFQATNRNSTTLFLEVCEDHKTRMVNEAIADMASCLSPTFAFHKLL
PDDIQTQFSPYDRQQFGQVFRGPYSQDLSHGLWTAFKNFRSRTTRSDQTLRDRILEVIIRAGHHVDAIQFVYDHSNPNLT
TPGTVAGNAAGGTRHQVDVRDRPIQELRMEFSQDVLASLQLHFEDGTSTRKFGNELGWATRILTCTAPYGYRFSSWAFRE
DPGPYRTTAISVLRFQFTPELDMPLPASYMLS
;
_entity_poly.pdbx_strand_id   B,A,C,D
#
loop_
_chem_comp.id
_chem_comp.type
_chem_comp.name
_chem_comp.formula
GOL non-polymer GLYCEROL 'C3 H8 O3'
#
# COMPACT_ATOMS: atom_id res chain seq x y z
N GLU A 27 -7.83 -19.65 -13.36
CA GLU A 27 -7.86 -18.16 -13.53
C GLU A 27 -7.12 -17.78 -14.82
N ASP A 28 -7.63 -16.79 -15.54
CA ASP A 28 -6.96 -16.17 -16.72
C ASP A 28 -5.59 -15.69 -16.26
N PRO A 29 -4.48 -16.12 -16.93
CA PRO A 29 -3.13 -15.72 -16.52
C PRO A 29 -2.88 -14.22 -16.35
N ILE A 30 -3.67 -13.36 -17.02
CA ILE A 30 -3.52 -11.88 -16.99
C ILE A 30 -3.63 -11.36 -15.55
N PHE A 31 -4.52 -11.94 -14.74
CA PHE A 31 -4.87 -11.42 -13.39
C PHE A 31 -3.69 -11.63 -12.43
N THR A 32 -2.98 -12.75 -12.57
CA THR A 32 -1.75 -13.08 -11.80
C THR A 32 -0.61 -12.16 -12.25
N GLN A 33 -0.50 -11.92 -13.56
CA GLN A 33 0.53 -11.02 -14.16
C GLN A 33 0.34 -9.60 -13.61
N LEU A 34 -0.89 -9.06 -13.71
CA LEU A 34 -1.24 -7.70 -13.22
C LEU A 34 -0.93 -7.58 -11.72
N ALA A 35 -1.29 -8.60 -10.93
CA ALA A 35 -1.06 -8.66 -9.47
C ALA A 35 0.44 -8.52 -9.17
N GLN A 36 1.29 -9.22 -9.92
CA GLN A 36 2.77 -9.24 -9.76
C GLN A 36 3.35 -7.87 -10.11
N LYS A 37 2.89 -7.28 -11.23
CA LYS A 37 3.36 -5.95 -11.73
C LYS A 37 3.09 -4.87 -10.66
N MET A 38 1.91 -4.91 -10.02
CA MET A 38 1.52 -3.94 -8.97
C MET A 38 2.41 -4.13 -7.74
N ALA A 39 2.81 -5.37 -7.43
CA ALA A 39 3.73 -5.71 -6.32
C ALA A 39 5.14 -5.17 -6.59
N ALA A 40 5.64 -5.35 -7.81
CA ALA A 40 6.95 -4.83 -8.28
C ALA A 40 6.98 -3.30 -8.15
N ALA A 41 5.95 -2.62 -8.65
CA ALA A 41 5.81 -1.14 -8.66
C ALA A 41 5.76 -0.60 -7.23
N ALA A 42 5.11 -1.32 -6.31
CA ALA A 42 4.86 -0.90 -4.91
C ALA A 42 6.19 -0.73 -4.16
N GLU A 43 7.23 -1.45 -4.57
CA GLU A 43 8.60 -1.39 -3.96
C GLU A 43 9.18 0.03 -4.11
N LYS A 44 8.90 0.69 -5.24
CA LYS A 44 9.59 1.93 -5.70
C LYS A 44 8.70 3.16 -5.50
N GLU A 45 7.47 3.10 -6.00
CA GLU A 45 6.56 4.27 -6.16
C GLU A 45 5.81 4.53 -4.86
N GLU A 46 5.66 5.80 -4.49
CA GLU A 46 4.91 6.25 -3.28
C GLU A 46 3.41 6.04 -3.53
N VAL A 47 2.92 6.39 -4.73
CA VAL A 47 1.51 6.21 -5.18
C VAL A 47 1.52 5.39 -6.48
N PRO A 48 1.51 4.04 -6.39
CA PRO A 48 1.48 3.19 -7.59
C PRO A 48 0.10 3.19 -8.27
N VAL A 49 0.04 2.69 -9.51
CA VAL A 49 -1.17 2.70 -10.38
C VAL A 49 -1.93 1.38 -10.20
N ASP A 50 -3.26 1.43 -10.19
CA ASP A 50 -4.12 0.22 -10.19
C ASP A 50 -4.11 -0.37 -11.61
N LEU A 51 -3.11 -1.21 -11.91
CA LEU A 51 -2.88 -1.81 -13.24
C LEU A 51 -4.02 -2.78 -13.57
N LEU A 52 -4.57 -3.46 -12.56
CA LEU A 52 -5.74 -4.37 -12.69
C LEU A 52 -6.92 -3.58 -13.26
N ALA A 53 -7.33 -2.52 -12.57
CA ALA A 53 -8.46 -1.63 -12.96
C ALA A 53 -8.18 -1.06 -14.36
N GLN A 54 -6.93 -0.65 -14.61
CA GLN A 54 -6.47 -0.08 -15.91
C GLN A 54 -6.76 -1.07 -17.05
N TYR A 55 -6.35 -2.34 -16.89
CA TYR A 55 -6.55 -3.43 -17.88
C TYR A 55 -8.05 -3.63 -18.14
N MET A 56 -8.85 -3.72 -17.07
CA MET A 56 -10.31 -4.02 -17.15
C MET A 56 -11.04 -2.86 -17.84
N GLN A 57 -10.54 -1.63 -17.71
CA GLN A 57 -11.09 -0.42 -18.36
C GLN A 57 -10.72 -0.41 -19.86
N VAL A 58 -9.59 -1.01 -20.23
CA VAL A 58 -9.18 -1.21 -21.66
C VAL A 58 -10.13 -2.23 -22.30
N GLU A 59 -10.41 -3.35 -21.61
CA GLU A 59 -11.30 -4.44 -22.08
C GLU A 59 -12.72 -3.89 -22.25
N ALA A 60 -13.15 -2.97 -21.39
CA ALA A 60 -14.47 -2.29 -21.44
C ALA A 60 -14.67 -1.63 -22.81
N HIS A 61 -13.57 -1.23 -23.47
CA HIS A 61 -13.56 -0.57 -24.79
C HIS A 61 -12.80 -1.43 -25.82
N ASP A 62 -12.90 -2.77 -25.71
CA ASP A 62 -12.18 -3.73 -26.58
C ASP A 62 -12.48 -3.45 -28.05
N TRP A 63 -13.77 -3.42 -28.43
CA TRP A 63 -14.22 -3.12 -29.81
C TRP A 63 -13.57 -1.82 -30.30
N HIS A 64 -13.72 -0.74 -29.53
CA HIS A 64 -13.21 0.61 -29.84
C HIS A 64 -11.71 0.55 -30.15
N ASN A 65 -10.92 -0.09 -29.28
CA ASN A 65 -9.44 -0.21 -29.40
C ASN A 65 -9.08 -1.01 -30.66
N ARG A 66 -9.86 -2.05 -30.99
CA ARG A 66 -9.60 -2.91 -32.18
C ARG A 66 -9.77 -2.09 -33.47
N VAL A 67 -10.82 -1.28 -33.55
CA VAL A 67 -11.13 -0.42 -34.74
C VAL A 67 -10.00 0.59 -34.92
N ARG A 68 -9.60 1.28 -33.84
CA ARG A 68 -8.50 2.28 -33.85
C ARG A 68 -7.18 1.59 -34.22
N GLY A 69 -6.90 0.42 -33.62
CA GLY A 69 -5.70 -0.39 -33.87
C GLY A 69 -5.62 -0.85 -35.33
N ALA A 70 -6.77 -1.18 -35.93
CA ALA A 70 -6.89 -1.63 -37.35
C ALA A 70 -6.58 -0.46 -38.29
N ILE A 71 -7.15 0.72 -38.03
CA ILE A 71 -6.94 1.96 -38.83
C ILE A 71 -5.46 2.36 -38.73
N LEU A 72 -4.95 2.48 -37.51
CA LEU A 72 -3.56 2.90 -37.20
C LEU A 72 -2.56 1.98 -37.92
N GLY A 73 -2.86 0.67 -37.97
CA GLY A 73 -1.97 -0.37 -38.55
C GLY A 73 -1.78 -0.22 -40.05
N LEU A 74 -2.69 0.46 -40.74
CA LEU A 74 -2.62 0.71 -42.21
C LEU A 74 -1.50 1.72 -42.51
N ILE A 75 -1.29 2.69 -41.61
CA ILE A 75 -0.30 3.80 -41.75
C ILE A 75 0.99 3.43 -41.00
N SER A 76 0.85 2.77 -39.85
CA SER A 76 1.96 2.41 -38.91
C SER A 76 2.96 1.47 -39.60
N ALA A 77 2.46 0.41 -40.24
CA ALA A 77 3.25 -0.65 -40.90
C ALA A 77 4.05 -0.06 -42.07
N VAL A 78 5.34 -0.43 -42.18
CA VAL A 78 6.19 -0.19 -43.38
C VAL A 78 5.46 -0.79 -44.57
N PRO A 79 5.26 -0.04 -45.68
CA PRO A 79 4.40 -0.49 -46.77
C PRO A 79 4.80 -1.88 -47.29
N LYS A 80 4.02 -2.90 -46.92
CA LYS A 80 4.17 -4.31 -47.37
C LYS A 80 2.78 -4.90 -47.62
N VAL A 81 2.54 -5.43 -48.83
CA VAL A 81 1.20 -5.91 -49.30
C VAL A 81 0.66 -6.94 -48.30
N GLY A 82 -0.57 -6.75 -47.82
CA GLY A 82 -1.30 -7.71 -46.97
C GLY A 82 -0.95 -7.61 -45.49
N ALA A 83 0.17 -6.97 -45.15
CA ALA A 83 0.73 -6.91 -43.77
C ALA A 83 -0.26 -6.22 -42.83
N ALA A 84 -0.72 -5.02 -43.20
CA ALA A 84 -1.68 -4.19 -42.43
C ALA A 84 -3.04 -4.90 -42.35
N ILE A 85 -3.45 -5.58 -43.42
CA ILE A 85 -4.74 -6.32 -43.50
C ILE A 85 -4.65 -7.55 -42.57
N SER A 86 -3.52 -8.25 -42.58
CA SER A 86 -3.22 -9.39 -41.66
C SER A 86 -3.34 -8.94 -40.21
N ARG A 87 -2.82 -7.74 -39.91
CA ARG A 87 -2.88 -7.09 -38.57
C ARG A 87 -4.36 -6.86 -38.20
N LEU A 88 -5.13 -6.28 -39.12
CA LEU A 88 -6.58 -5.97 -38.93
C LEU A 88 -7.34 -7.26 -38.61
N ILE A 89 -7.09 -8.33 -39.36
CA ILE A 89 -7.77 -9.66 -39.21
C ILE A 89 -7.48 -10.21 -37.81
N GLY A 90 -6.23 -10.09 -37.34
CA GLY A 90 -5.80 -10.51 -36.00
C GLY A 90 -6.57 -9.80 -34.90
N LEU A 91 -6.86 -8.51 -35.07
CA LEU A 91 -7.63 -7.69 -34.10
C LEU A 91 -9.11 -8.07 -34.15
N PHE A 92 -9.67 -8.20 -35.36
CA PHE A 92 -11.13 -8.32 -35.62
C PHE A 92 -11.62 -9.76 -35.40
N TRP A 93 -10.80 -10.75 -35.75
CA TRP A 93 -11.14 -12.20 -35.65
C TRP A 93 -9.99 -12.97 -35.02
N PRO A 94 -9.64 -12.68 -33.74
CA PRO A 94 -8.57 -13.40 -33.05
C PRO A 94 -8.97 -14.83 -32.68
N ALA A 95 -7.99 -15.66 -32.31
CA ALA A 95 -8.16 -17.08 -31.95
C ALA A 95 -8.66 -17.21 -30.50
N ASN A 96 -8.09 -16.42 -29.58
CA ASN A 96 -8.28 -16.57 -28.10
C ASN A 96 -9.11 -15.41 -27.54
N LYS A 97 -9.90 -14.72 -28.37
CA LYS A 97 -10.84 -13.65 -27.93
C LYS A 97 -12.09 -13.67 -28.80
N VAL A 98 -13.11 -12.95 -28.35
CA VAL A 98 -14.42 -12.73 -29.06
C VAL A 98 -14.14 -11.97 -30.37
N ASP A 99 -15.04 -12.07 -31.35
CA ASP A 99 -14.90 -11.39 -32.67
C ASP A 99 -15.36 -9.93 -32.53
N ILE A 100 -15.11 -9.12 -33.56
CA ILE A 100 -15.39 -7.65 -33.58
C ILE A 100 -16.87 -7.40 -33.29
N TRP A 101 -17.76 -8.25 -33.83
CA TRP A 101 -19.24 -8.06 -33.79
C TRP A 101 -19.76 -8.25 -32.37
N GLU A 102 -19.16 -9.16 -31.60
CA GLU A 102 -19.59 -9.46 -30.21
C GLU A 102 -18.82 -8.56 -29.23
N ALA A 103 -17.59 -8.17 -29.55
CA ALA A 103 -16.84 -7.12 -28.83
C ALA A 103 -17.70 -5.85 -28.78
N LEU A 104 -18.29 -5.48 -29.92
CA LEU A 104 -19.26 -4.35 -30.07
C LEU A 104 -20.33 -4.43 -28.98
N ARG A 105 -20.98 -5.58 -28.82
CA ARG A 105 -22.12 -5.80 -27.88
C ARG A 105 -21.72 -5.42 -26.44
N ALA A 106 -20.45 -5.63 -26.08
CA ALA A 106 -19.90 -5.46 -24.72
C ALA A 106 -19.33 -4.05 -24.50
N GLU A 107 -19.44 -3.14 -25.46
CA GLU A 107 -18.98 -1.72 -25.33
CA GLU A 107 -18.97 -1.73 -25.31
C GLU A 107 -19.71 -1.10 -24.12
N GLU A 108 -18.95 -0.52 -23.19
CA GLU A 108 -19.42 0.03 -21.89
C GLU A 108 -20.64 0.95 -22.07
N TYR A 109 -20.65 1.80 -23.10
CA TYR A 109 -21.63 2.90 -23.28
C TYR A 109 -22.92 2.40 -23.98
N ILE A 110 -22.89 1.18 -24.55
CA ILE A 110 -23.90 0.67 -25.51
C ILE A 110 -25.31 0.77 -24.91
N ARG A 111 -25.46 0.45 -23.61
CA ARG A 111 -26.76 0.35 -22.90
C ARG A 111 -27.43 1.72 -22.82
N ASN A 112 -26.67 2.82 -22.89
CA ASN A 112 -27.18 4.20 -22.69
C ASN A 112 -27.61 4.82 -24.03
N ILE A 113 -27.27 4.20 -25.16
CA ILE A 113 -27.34 4.87 -26.51
C ILE A 113 -28.26 4.09 -27.46
N VAL A 114 -28.08 2.78 -27.60
CA VAL A 114 -28.82 1.95 -28.60
C VAL A 114 -29.57 0.82 -27.89
N GLN A 115 -30.65 0.35 -28.53
CA GLN A 115 -31.47 -0.82 -28.09
C GLN A 115 -30.89 -2.08 -28.72
N GLN A 116 -30.32 -2.98 -27.90
CA GLN A 116 -29.58 -4.19 -28.33
C GLN A 116 -30.50 -5.09 -29.18
N GLU A 117 -31.75 -5.27 -28.75
CA GLU A 117 -32.73 -6.16 -29.42
C GLU A 117 -32.93 -5.70 -30.87
N LEU A 118 -32.92 -4.38 -31.12
CA LEU A 118 -33.23 -3.80 -32.46
C LEU A 118 -32.09 -4.08 -33.44
N PHE A 119 -30.83 -3.92 -33.02
CA PHE A 119 -29.65 -4.18 -33.89
C PHE A 119 -29.41 -5.69 -33.97
N GLU A 120 -29.82 -6.46 -32.96
CA GLU A 120 -29.85 -7.95 -33.00
C GLU A 120 -30.77 -8.40 -34.15
N PHE A 121 -31.98 -7.83 -34.22
CA PHE A 121 -33.00 -8.16 -35.25
C PHE A 121 -32.43 -7.86 -36.65
N GLU A 122 -31.76 -6.72 -36.81
CA GLU A 122 -31.18 -6.27 -38.11
C GLU A 122 -30.01 -7.17 -38.50
N MET A 123 -29.16 -7.54 -37.54
CA MET A 123 -27.92 -8.34 -37.78
C MET A 123 -28.26 -9.76 -38.26
N ARG A 124 -29.40 -10.31 -37.84
CA ARG A 124 -29.88 -11.65 -38.30
C ARG A 124 -30.17 -11.60 -39.80
N LEU A 125 -30.72 -10.49 -40.29
CA LEU A 125 -31.04 -10.27 -41.73
C LEU A 125 -29.76 -10.03 -42.54
N LEU A 126 -28.67 -9.58 -41.89
CA LEU A 126 -27.38 -9.22 -42.55
C LEU A 126 -26.36 -10.35 -42.38
N GLU A 127 -26.69 -11.41 -41.63
CA GLU A 127 -25.74 -12.48 -41.21
C GLU A 127 -25.01 -13.05 -42.44
N ASN A 128 -25.75 -13.44 -43.49
CA ASN A 128 -25.21 -14.17 -44.67
C ASN A 128 -24.31 -13.26 -45.50
N ASP A 129 -24.65 -11.97 -45.60
CA ASP A 129 -23.83 -10.94 -46.31
C ASP A 129 -22.52 -10.71 -45.54
N ILE A 130 -22.57 -10.57 -44.22
CA ILE A 130 -21.37 -10.41 -43.34
C ILE A 130 -20.48 -11.63 -43.52
N GLN A 131 -21.09 -12.82 -43.52
CA GLN A 131 -20.41 -14.14 -43.71
C GLN A 131 -19.70 -14.16 -45.06
N ALA A 132 -20.35 -13.64 -46.10
CA ALA A 132 -19.79 -13.53 -47.48
C ALA A 132 -18.57 -12.62 -47.47
N LEU A 133 -18.70 -11.41 -46.90
CA LEU A 133 -17.60 -10.41 -46.81
C LEU A 133 -16.41 -11.02 -46.06
N GLU A 134 -16.68 -11.73 -44.96
CA GLU A 134 -15.63 -12.35 -44.09
C GLU A 134 -14.90 -13.44 -44.90
N THR A 135 -15.62 -14.22 -45.71
CA THR A 135 -15.05 -15.26 -46.61
C THR A 135 -14.03 -14.60 -47.54
N THR A 136 -14.41 -13.47 -48.16
CA THR A 136 -13.59 -12.70 -49.13
C THR A 136 -12.32 -12.17 -48.44
N VAL A 137 -12.44 -11.67 -47.21
CA VAL A 137 -11.31 -11.10 -46.40
C VAL A 137 -10.28 -12.22 -46.15
N GLY A 138 -10.74 -13.40 -45.74
CA GLY A 138 -9.90 -14.58 -45.51
C GLY A 138 -9.21 -15.06 -46.78
N ARG A 139 -9.94 -15.00 -47.90
CA ARG A 139 -9.42 -15.41 -49.24
C ARG A 139 -8.31 -14.44 -49.68
N TYR A 140 -8.50 -13.13 -49.48
CA TYR A 140 -7.48 -12.09 -49.76
C TYR A 140 -6.21 -12.36 -48.94
N ASP A 141 -6.38 -12.68 -47.65
CA ASP A 141 -5.27 -12.82 -46.66
C ASP A 141 -4.41 -14.04 -47.02
N THR A 142 -5.04 -15.13 -47.47
CA THR A 142 -4.39 -16.46 -47.72
C THR A 142 -3.90 -16.56 -49.17
N ALA A 143 -4.47 -15.78 -50.09
CA ALA A 143 -4.20 -15.85 -51.55
C ALA A 143 -2.76 -15.42 -51.85
N ALA A 144 -2.21 -15.90 -52.97
CA ALA A 144 -0.93 -15.43 -53.56
C ALA A 144 -1.19 -14.08 -54.24
N LEU A 145 -0.12 -13.31 -54.48
CA LEU A 145 -0.17 -11.90 -54.97
C LEU A 145 -1.03 -11.79 -56.23
N THR A 146 -0.94 -12.78 -57.14
CA THR A 146 -1.60 -12.78 -58.48
C THR A 146 -3.12 -12.98 -58.34
N GLU A 147 -3.58 -13.51 -57.21
CA GLU A 147 -5.03 -13.76 -56.93
C GLU A 147 -5.60 -12.65 -56.05
N LYS A 148 -4.77 -12.01 -55.22
CA LYS A 148 -5.19 -10.98 -54.21
C LYS A 148 -6.09 -9.92 -54.86
N GLY A 149 -5.67 -9.38 -56.01
CA GLY A 149 -6.32 -8.24 -56.70
C GLY A 149 -7.81 -8.45 -56.87
N ASN A 150 -8.22 -9.62 -57.35
CA ASN A 150 -9.64 -9.98 -57.62
C ASN A 150 -10.45 -9.92 -56.33
N PHE A 151 -9.92 -10.54 -55.25
CA PHE A 151 -10.61 -10.69 -53.94
C PHE A 151 -10.82 -9.30 -53.31
N LEU A 152 -9.83 -8.42 -53.40
CA LEU A 152 -9.90 -7.04 -52.86
C LEU A 152 -11.04 -6.27 -53.54
N SER A 153 -11.19 -6.41 -54.86
CA SER A 153 -12.27 -5.77 -55.67
C SER A 153 -13.64 -6.27 -55.20
N ILE A 154 -13.73 -7.56 -54.87
CA ILE A 154 -14.98 -8.21 -54.35
C ILE A 154 -15.27 -7.66 -52.95
N TRP A 155 -14.24 -7.59 -52.10
CA TRP A 155 -14.27 -6.96 -50.75
C TRP A 155 -14.94 -5.58 -50.84
N ILE A 156 -14.48 -4.73 -51.76
CA ILE A 156 -14.94 -3.32 -51.95
C ILE A 156 -16.45 -3.32 -52.23
N SER A 157 -16.89 -4.10 -53.22
CA SER A 157 -18.31 -4.22 -53.65
C SER A 157 -19.18 -4.69 -52.48
N GLN A 158 -18.78 -5.80 -51.83
CA GLN A 158 -19.52 -6.44 -50.71
C GLN A 158 -19.59 -5.48 -49.51
N ALA A 159 -18.47 -4.81 -49.18
CA ALA A 159 -18.37 -3.84 -48.07
C ALA A 159 -19.33 -2.67 -48.33
N ASP A 160 -19.28 -2.09 -49.53
CA ASP A 160 -20.14 -0.95 -49.94
C ASP A 160 -21.61 -1.36 -49.82
N ALA A 161 -21.99 -2.51 -50.38
CA ALA A 161 -23.37 -3.05 -50.41
C ALA A 161 -23.89 -3.22 -48.98
N LEU A 162 -23.07 -3.78 -48.08
CA LEU A 162 -23.45 -4.08 -46.67
C LEU A 162 -23.78 -2.78 -45.93
N TYR A 163 -22.98 -1.73 -46.12
CA TYR A 163 -23.16 -0.42 -45.44
C TYR A 163 -24.51 0.19 -45.86
N ILE A 164 -24.82 0.16 -47.16
CA ILE A 164 -26.08 0.71 -47.73
C ILE A 164 -27.27 0.01 -47.05
N ARG A 165 -27.20 -1.31 -46.89
CA ARG A 165 -28.24 -2.14 -46.21
C ARG A 165 -28.46 -1.60 -44.78
N MET A 166 -27.37 -1.35 -44.04
CA MET A 166 -27.41 -0.81 -42.65
C MET A 166 -27.96 0.63 -42.67
N ARG A 167 -27.51 1.44 -43.64
CA ARG A 167 -27.93 2.85 -43.81
C ARG A 167 -29.44 2.91 -44.08
N ASN A 168 -29.94 2.05 -44.98
CA ASN A 168 -31.37 2.03 -45.42
C ASN A 168 -32.25 1.34 -44.37
N SER A 169 -31.64 0.59 -43.45
CA SER A 169 -32.32 -0.15 -42.34
C SER A 169 -33.31 0.76 -41.61
N THR A 170 -34.46 0.19 -41.22
CA THR A 170 -35.52 0.83 -40.39
C THR A 170 -34.92 1.34 -39.08
N ASN A 171 -34.06 0.52 -38.47
CA ASN A 171 -33.42 0.77 -37.15
C ASN A 171 -31.94 1.10 -37.37
N ASN A 172 -31.64 1.95 -38.35
CA ASN A 172 -30.27 2.33 -38.78
C ASN A 172 -29.52 2.97 -37.61
N ILE A 173 -30.19 3.84 -36.85
CA ILE A 173 -29.62 4.60 -35.70
C ILE A 173 -29.01 3.61 -34.69
N HIS A 174 -29.55 2.40 -34.59
CA HIS A 174 -29.13 1.35 -33.61
C HIS A 174 -27.94 0.54 -34.16
N LEU A 175 -27.60 0.69 -35.45
CA LEU A 175 -26.49 -0.02 -36.13
C LEU A 175 -25.26 0.90 -36.28
N LEU A 176 -25.30 2.10 -35.69
CA LEU A 176 -24.22 3.13 -35.88
C LEU A 176 -22.84 2.52 -35.61
N LEU A 177 -22.68 1.71 -34.56
CA LEU A 177 -21.37 1.09 -34.22
C LEU A 177 -21.02 0.03 -35.27
N HIS A 178 -22.02 -0.65 -35.83
CA HIS A 178 -21.88 -1.65 -36.92
C HIS A 178 -21.42 -0.94 -38.20
N MET A 179 -21.97 0.25 -38.47
CA MET A 179 -21.56 1.13 -39.60
C MET A 179 -20.09 1.51 -39.44
N VAL A 180 -19.69 1.95 -38.25
CA VAL A 180 -18.27 2.26 -37.88
C VAL A 180 -17.39 1.07 -38.32
N THR A 181 -17.82 -0.16 -38.03
CA THR A 181 -17.07 -1.43 -38.27
C THR A 181 -16.94 -1.68 -39.79
N VAL A 182 -18.03 -1.55 -40.54
CA VAL A 182 -18.10 -1.87 -42.00
C VAL A 182 -17.33 -0.80 -42.77
N SER A 183 -17.51 0.49 -42.42
CA SER A 183 -16.80 1.64 -43.04
C SER A 183 -15.29 1.49 -42.84
N THR A 184 -14.84 0.99 -41.69
CA THR A 184 -13.41 0.67 -41.42
C THR A 184 -12.94 -0.39 -42.43
N LEU A 185 -13.67 -1.52 -42.51
CA LEU A 185 -13.36 -2.65 -43.44
C LEU A 185 -13.34 -2.14 -44.89
N HIS A 186 -14.31 -1.31 -45.27
CA HIS A 186 -14.47 -0.75 -46.64
C HIS A 186 -13.27 0.14 -46.97
N LEU A 187 -12.92 1.09 -46.09
CA LEU A 187 -11.81 2.04 -46.32
C LEU A 187 -10.46 1.33 -46.22
N ALA A 188 -10.34 0.31 -45.35
CA ALA A 188 -9.13 -0.52 -45.21
C ALA A 188 -8.74 -1.11 -46.57
N ALA A 189 -9.73 -1.64 -47.31
CA ALA A 189 -9.57 -2.27 -48.64
C ALA A 189 -9.21 -1.21 -49.70
N LEU A 190 -9.88 -0.06 -49.67
CA LEU A 190 -9.64 1.07 -50.62
C LEU A 190 -8.23 1.65 -50.41
N HIS A 191 -7.77 1.72 -49.16
CA HIS A 191 -6.39 2.13 -48.79
C HIS A 191 -5.39 1.10 -49.33
N GLU A 192 -5.67 -0.19 -49.12
CA GLU A 192 -4.81 -1.33 -49.56
C GLU A 192 -4.61 -1.26 -51.09
N ARG A 193 -5.69 -0.95 -51.83
CA ARG A 193 -5.72 -0.93 -53.31
C ARG A 193 -4.89 0.25 -53.83
N LEU A 194 -5.03 1.43 -53.24
CA LEU A 194 -4.24 2.65 -53.61
C LEU A 194 -2.76 2.39 -53.30
N THR A 195 -2.47 1.84 -52.12
CA THR A 195 -1.09 1.65 -51.58
C THR A 195 -0.33 0.63 -52.43
N PHE A 196 -0.96 -0.51 -52.77
CA PHE A 196 -0.30 -1.69 -53.40
C PHE A 196 -0.93 -2.02 -54.76
N GLY A 197 -1.72 -1.09 -55.31
CA GLY A 197 -2.50 -1.29 -56.54
C GLY A 197 -1.66 -1.72 -57.74
N GLU A 198 -0.42 -1.21 -57.85
CA GLU A 198 0.46 -1.46 -59.01
C GLU A 198 0.86 -2.94 -59.05
N GLU A 199 1.30 -3.50 -57.92
CA GLU A 199 1.80 -4.90 -57.85
C GLU A 199 0.62 -5.87 -57.74
N LEU A 200 -0.58 -5.39 -57.39
CA LEU A 200 -1.84 -6.20 -57.32
C LEU A 200 -2.39 -6.43 -58.72
N TYR A 201 -2.51 -5.38 -59.52
CA TYR A 201 -3.24 -5.37 -60.83
C TYR A 201 -2.28 -5.16 -62.00
N GLY A 202 -1.02 -4.80 -61.75
CA GLY A 202 0.01 -4.56 -62.79
C GLY A 202 -0.01 -3.13 -63.29
N THR A 203 -1.17 -2.67 -63.78
CA THR A 203 -1.42 -1.28 -64.28
C THR A 203 -1.22 -0.26 -63.15
N ASN A 204 -0.87 0.98 -63.51
CA ASN A 204 -0.82 2.14 -62.60
C ASN A 204 -2.08 2.99 -62.82
N ASN A 205 -3.05 2.87 -61.92
CA ASN A 205 -4.34 3.62 -61.96
C ASN A 205 -4.50 4.37 -60.63
N SER A 206 -3.41 4.96 -60.13
CA SER A 206 -3.32 5.62 -58.80
C SER A 206 -4.28 6.81 -58.73
N THR A 207 -4.54 7.48 -59.86
CA THR A 207 -5.47 8.63 -59.98
C THR A 207 -6.88 8.19 -59.57
N ASN A 208 -7.38 7.11 -60.19
CA ASN A 208 -8.74 6.55 -59.94
C ASN A 208 -8.82 6.02 -58.51
N TRP A 209 -7.79 5.30 -58.04
CA TRP A 209 -7.73 4.66 -56.71
C TRP A 209 -7.79 5.72 -55.61
N THR A 210 -7.11 6.86 -55.82
CA THR A 210 -7.14 8.05 -54.93
C THR A 210 -8.57 8.60 -54.86
N ARG A 211 -9.18 8.84 -56.03
CA ARG A 211 -10.55 9.43 -56.15
C ARG A 211 -11.56 8.55 -55.42
N ASP A 212 -11.42 7.22 -55.53
CA ASP A 212 -12.33 6.23 -54.91
C ASP A 212 -12.23 6.32 -53.39
N LEU A 213 -10.99 6.35 -52.86
CA LEU A 213 -10.70 6.48 -51.41
C LEU A 213 -11.26 7.80 -50.89
N VAL A 214 -11.02 8.90 -51.61
CA VAL A 214 -11.48 10.28 -51.23
C VAL A 214 -13.02 10.29 -51.21
N ASP A 215 -13.65 9.73 -52.24
CA ASP A 215 -15.12 9.76 -52.44
C ASP A 215 -15.82 9.01 -51.29
N LYS A 216 -15.30 7.84 -50.90
CA LYS A 216 -15.90 7.00 -49.83
C LYS A 216 -15.61 7.63 -48.45
N PHE A 217 -14.38 8.11 -48.23
CA PHE A 217 -14.01 8.90 -47.04
C PHE A 217 -15.04 10.02 -46.83
N GLU A 218 -15.33 10.77 -47.91
CA GLU A 218 -16.26 11.92 -47.90
C GLU A 218 -17.66 11.47 -47.49
N THR A 219 -18.25 10.54 -48.26
CA THR A 219 -19.63 10.03 -48.04
C THR A 219 -19.80 9.58 -46.58
N TYR A 220 -18.80 8.88 -46.04
CA TYR A 220 -18.83 8.35 -44.64
C TYR A 220 -18.76 9.51 -43.64
N THR A 221 -17.67 10.27 -43.65
CA THR A 221 -17.31 11.25 -42.57
C THR A 221 -18.09 12.56 -42.72
N SER A 222 -18.56 12.92 -43.93
CA SER A 222 -19.21 14.22 -44.21
C SER A 222 -20.70 14.07 -44.52
N ASP A 223 -21.21 12.84 -44.69
CA ASP A 223 -22.64 12.59 -45.03
C ASP A 223 -23.24 11.54 -44.07
N LEU A 224 -22.92 10.25 -44.28
CA LEU A 224 -23.74 9.12 -43.76
C LEU A 224 -23.61 9.01 -42.23
N ILE A 225 -22.41 9.12 -41.67
CA ILE A 225 -22.18 9.02 -40.19
C ILE A 225 -22.78 10.26 -39.50
N PRO A 226 -22.47 11.50 -39.94
CA PRO A 226 -23.11 12.70 -39.38
C PRO A 226 -24.66 12.68 -39.42
N ASN A 227 -25.24 12.24 -40.54
CA ASN A 227 -26.70 12.35 -40.81
C ASN A 227 -27.47 11.28 -40.01
N VAL A 228 -26.94 10.06 -39.89
CA VAL A 228 -27.56 8.97 -39.08
C VAL A 228 -27.45 9.35 -37.60
N PHE A 229 -26.29 9.90 -37.18
CA PHE A 229 -26.05 10.44 -35.82
C PHE A 229 -27.09 11.52 -35.51
N LYS A 230 -27.35 12.44 -36.45
CA LYS A 230 -28.37 13.51 -36.31
C LYS A 230 -29.74 12.86 -36.04
N ARG A 231 -30.10 11.84 -36.82
CA ARG A 231 -31.38 11.11 -36.69
C ARG A 231 -31.42 10.43 -35.31
N TRP A 232 -30.33 9.78 -34.91
CA TRP A 232 -30.17 9.14 -33.58
C TRP A 232 -30.35 10.18 -32.47
N LYS A 233 -29.74 11.36 -32.63
CA LYS A 233 -29.72 12.46 -31.62
C LYS A 233 -31.13 13.03 -31.46
N GLU A 234 -31.92 13.03 -32.55
CA GLU A 234 -33.34 13.50 -32.55
C GLU A 234 -34.21 12.53 -31.73
N TRP A 235 -33.85 11.24 -31.74
CA TRP A 235 -34.65 10.13 -31.15
C TRP A 235 -34.35 9.95 -29.65
N ARG A 236 -33.08 10.10 -29.23
CA ARG A 236 -32.62 9.71 -27.87
C ARG A 236 -33.38 10.48 -26.79
N PRO A 237 -33.62 11.81 -26.94
CA PRO A 237 -34.39 12.56 -25.95
C PRO A 237 -35.85 12.11 -25.79
N THR A 238 -36.44 11.52 -26.84
CA THR A 238 -37.87 11.11 -26.88
C THR A 238 -38.10 9.91 -25.96
N GLN A 239 -37.04 9.19 -25.57
CA GLN A 239 -37.09 8.02 -24.65
C GLN A 239 -37.09 8.50 -23.20
N ILE A 240 -36.90 9.80 -22.96
CA ILE A 240 -36.96 10.42 -21.60
C ILE A 240 -38.34 11.09 -21.44
N GLU A 241 -39.12 10.63 -20.46
CA GLU A 241 -40.51 11.09 -20.20
C GLU A 241 -40.55 11.96 -18.94
N ILE A 242 -41.23 13.11 -19.02
CA ILE A 242 -41.53 14.02 -17.88
C ILE A 242 -43.04 14.00 -17.65
N SER A 243 -43.46 13.62 -16.43
CA SER A 243 -44.88 13.55 -16.01
C SER A 243 -45.09 14.44 -14.79
N ALA A 244 -46.15 15.26 -14.80
CA ALA A 244 -46.54 16.16 -13.70
C ALA A 244 -48.03 16.01 -13.42
N TRP A 245 -48.41 15.90 -12.14
CA TRP A 245 -49.83 15.77 -11.71
C TRP A 245 -49.99 16.23 -10.26
N VAL A 246 -51.24 16.42 -9.83
CA VAL A 246 -51.64 16.91 -8.48
C VAL A 246 -52.79 16.04 -7.97
N ARG A 247 -52.79 15.73 -6.67
CA ARG A 247 -53.98 15.25 -5.92
C ARG A 247 -54.43 16.36 -4.98
N ARG A 248 -55.63 16.90 -5.20
CA ARG A 248 -56.21 18.02 -4.42
C ARG A 248 -56.49 17.55 -2.98
N GLY A 249 -56.42 18.48 -2.02
CA GLY A 249 -56.66 18.23 -0.59
C GLY A 249 -58.13 17.90 -0.32
N SER A 250 -58.40 17.20 0.78
CA SER A 250 -59.75 16.69 1.16
C SER A 250 -59.93 16.80 2.68
N CYS A 251 -60.98 17.50 3.13
CA CYS A 251 -61.42 17.57 4.54
C CYS A 251 -62.47 16.47 4.80
N GLY A 252 -62.04 15.38 5.44
CA GLY A 252 -62.90 14.24 5.84
C GLY A 252 -63.03 14.15 7.35
N ASN A 253 -63.32 12.94 7.85
CA ASN A 253 -63.41 12.64 9.30
C ASN A 253 -62.00 12.35 9.84
N LEU A 254 -61.41 13.31 10.57
CA LEU A 254 -60.20 13.12 11.42
C LEU A 254 -59.09 14.13 11.04
N THR A 255 -59.01 14.56 9.79
CA THR A 255 -58.04 15.61 9.34
C THR A 255 -58.48 16.23 8.01
N CYS A 256 -57.86 17.36 7.66
CA CYS A 256 -57.92 18.03 6.33
C CYS A 256 -56.61 17.77 5.59
N ARG A 257 -56.60 16.76 4.70
CA ARG A 257 -55.41 16.35 3.90
C ARG A 257 -55.01 17.51 2.99
N PRO A 258 -53.71 17.84 2.89
CA PRO A 258 -53.27 18.96 2.04
C PRO A 258 -53.14 18.57 0.56
N ASP A 259 -53.07 19.57 -0.32
CA ASP A 259 -52.72 19.40 -1.76
C ASP A 259 -51.30 18.85 -1.84
N VAL A 260 -51.06 17.89 -2.74
CA VAL A 260 -49.70 17.36 -3.05
C VAL A 260 -49.48 17.47 -4.56
N SER A 261 -48.42 18.17 -4.97
CA SER A 261 -47.95 18.30 -6.37
C SER A 261 -46.80 17.33 -6.62
N TYR A 262 -46.88 16.54 -7.70
CA TYR A 262 -45.90 15.49 -8.07
C TYR A 262 -45.28 15.79 -9.44
N ALA A 263 -44.09 15.25 -9.67
CA ALA A 263 -43.40 15.24 -10.98
C ALA A 263 -42.36 14.11 -11.00
N THR A 264 -42.15 13.52 -12.18
CA THR A 264 -41.14 12.45 -12.39
CA THR A 264 -41.15 12.43 -12.40
C THR A 264 -40.43 12.67 -13.73
N VAL A 265 -39.17 12.27 -13.81
CA VAL A 265 -38.36 12.26 -15.07
C VAL A 265 -37.68 10.88 -15.13
N GLU A 266 -38.00 10.10 -16.16
CA GLU A 266 -37.51 8.71 -16.34
C GLU A 266 -36.95 8.54 -17.75
N ASP A 267 -35.74 7.98 -17.85
CA ASP A 267 -35.11 7.57 -19.13
C ASP A 267 -35.41 6.08 -19.33
N LYS A 268 -36.11 5.74 -20.42
CA LYS A 268 -36.57 4.37 -20.71
C LYS A 268 -35.40 3.51 -21.21
N ILE A 269 -34.27 4.13 -21.56
CA ILE A 269 -33.04 3.44 -22.05
C ILE A 269 -32.18 3.03 -20.85
N SER A 270 -31.60 4.00 -20.13
CA SER A 270 -30.73 3.78 -18.94
C SER A 270 -31.57 3.22 -17.78
N GLY A 271 -32.85 3.60 -17.70
CA GLY A 271 -33.76 3.22 -16.60
C GLY A 271 -33.66 4.18 -15.42
N ALA A 272 -32.89 5.28 -15.56
CA ALA A 272 -32.71 6.33 -14.54
C ALA A 272 -34.07 6.99 -14.25
N LEU A 273 -34.37 7.22 -12.98
CA LEU A 273 -35.67 7.77 -12.50
C LEU A 273 -35.39 8.78 -11.37
N PHE A 274 -35.97 9.98 -11.48
CA PHE A 274 -35.91 11.05 -10.44
C PHE A 274 -37.35 11.50 -10.15
N SER A 275 -37.73 11.50 -8.87
CA SER A 275 -39.11 11.74 -8.39
C SER A 275 -39.15 12.98 -7.48
N PHE A 276 -40.21 13.77 -7.60
CA PHE A 276 -40.42 15.05 -6.90
C PHE A 276 -41.86 15.13 -6.40
N GLN A 277 -42.05 15.58 -5.16
CA GLN A 277 -43.37 15.92 -4.60
C GLN A 277 -43.20 17.05 -3.56
N ALA A 278 -44.25 17.86 -3.39
CA ALA A 278 -44.31 18.98 -2.43
C ALA A 278 -45.75 19.15 -1.94
N THR A 279 -45.95 19.14 -0.62
CA THR A 279 -47.26 19.30 0.05
C THR A 279 -47.60 20.80 0.14
N ASN A 280 -48.89 21.14 0.23
CA ASN A 280 -49.41 22.53 0.33
C ASN A 280 -49.00 23.33 -0.90
N ARG A 281 -48.99 22.68 -2.08
CA ARG A 281 -48.77 23.32 -3.40
C ARG A 281 -49.68 22.63 -4.43
N ASN A 282 -50.37 23.43 -5.25
CA ASN A 282 -51.26 22.96 -6.35
C ASN A 282 -50.70 23.50 -7.67
N SER A 283 -49.83 22.71 -8.31
CA SER A 283 -49.07 23.12 -9.52
C SER A 283 -48.59 21.90 -10.31
N THR A 284 -48.74 21.94 -11.63
CA THR A 284 -48.22 20.94 -12.60
C THR A 284 -46.96 21.50 -13.28
N THR A 285 -46.57 22.74 -12.94
CA THR A 285 -45.45 23.50 -13.55
C THR A 285 -44.25 23.58 -12.60
N LEU A 286 -44.48 23.40 -11.29
CA LEU A 286 -43.49 23.68 -10.20
C LEU A 286 -42.16 22.97 -10.50
N PHE A 287 -42.20 21.69 -10.89
CA PHE A 287 -41.00 20.80 -11.00
C PHE A 287 -40.55 20.63 -12.46
N LEU A 288 -41.15 21.35 -13.42
CA LEU A 288 -40.86 21.18 -14.87
C LEU A 288 -39.40 21.57 -15.17
N GLU A 289 -38.91 22.65 -14.57
CA GLU A 289 -37.55 23.20 -14.81
C GLU A 289 -36.49 22.17 -14.38
N VAL A 290 -36.65 21.58 -13.20
CA VAL A 290 -35.64 20.63 -12.61
C VAL A 290 -35.70 19.31 -13.39
N CYS A 291 -36.89 18.88 -13.82
CA CYS A 291 -37.10 17.66 -14.65
C CYS A 291 -36.48 17.86 -16.04
N GLU A 292 -36.65 19.06 -16.61
CA GLU A 292 -36.09 19.44 -17.94
C GLU A 292 -34.55 19.48 -17.84
N ASP A 293 -34.02 19.94 -16.70
CA ASP A 293 -32.55 20.00 -16.45
C ASP A 293 -31.98 18.58 -16.32
N HIS A 294 -32.73 17.67 -15.68
CA HIS A 294 -32.38 16.22 -15.57
C HIS A 294 -32.34 15.61 -16.97
N LYS A 295 -33.34 15.89 -17.80
CA LYS A 295 -33.46 15.37 -19.19
C LYS A 295 -32.25 15.87 -20.01
N THR A 296 -31.94 17.16 -19.93
CA THR A 296 -30.77 17.80 -20.60
C THR A 296 -29.49 17.05 -20.20
N ARG A 297 -29.30 16.79 -18.89
CA ARG A 297 -28.13 16.07 -18.33
C ARG A 297 -28.07 14.66 -18.91
N MET A 298 -29.19 13.94 -18.90
CA MET A 298 -29.30 12.54 -19.42
C MET A 298 -28.94 12.53 -20.91
N VAL A 299 -29.42 13.52 -21.67
CA VAL A 299 -29.15 13.67 -23.13
C VAL A 299 -27.65 13.98 -23.33
N ASN A 300 -27.08 14.86 -22.50
CA ASN A 300 -25.62 15.19 -22.52
C ASN A 300 -24.82 13.88 -22.47
N GLU A 301 -25.11 13.02 -21.49
CA GLU A 301 -24.32 11.79 -21.18
C GLU A 301 -24.42 10.82 -22.36
N ALA A 302 -25.63 10.68 -22.95
CA ALA A 302 -25.93 9.80 -24.10
C ALA A 302 -25.14 10.27 -25.34
N ILE A 303 -25.26 11.55 -25.70
CA ILE A 303 -24.59 12.16 -26.89
C ILE A 303 -23.08 11.94 -26.77
N ALA A 304 -22.51 12.18 -25.59
CA ALA A 304 -21.07 12.02 -25.30
C ALA A 304 -20.68 10.55 -25.47
N ASP A 305 -21.54 9.63 -24.99
CA ASP A 305 -21.37 8.16 -25.13
C ASP A 305 -21.29 7.78 -26.61
N MET A 306 -22.28 8.21 -27.40
CA MET A 306 -22.39 7.86 -28.86
C MET A 306 -21.22 8.49 -29.61
N ALA A 307 -20.93 9.77 -29.36
CA ALA A 307 -19.82 10.53 -29.96
C ALA A 307 -18.51 9.75 -29.78
N SER A 308 -18.24 9.25 -28.57
CA SER A 308 -17.10 8.36 -28.24
C SER A 308 -17.09 7.15 -29.18
N CYS A 309 -18.24 6.47 -29.33
CA CYS A 309 -18.39 5.23 -30.14
C CYS A 309 -18.09 5.50 -31.62
N LEU A 310 -18.40 6.70 -32.12
CA LEU A 310 -18.19 7.09 -33.54
C LEU A 310 -16.79 7.70 -33.74
N SER A 311 -16.03 7.93 -32.66
CA SER A 311 -14.74 8.68 -32.69
C SER A 311 -13.66 7.93 -33.48
N PRO A 312 -13.64 6.58 -33.54
CA PRO A 312 -12.65 5.88 -34.38
C PRO A 312 -12.69 6.26 -35.86
N THR A 313 -13.87 6.69 -36.37
CA THR A 313 -14.09 7.14 -37.77
C THR A 313 -13.35 8.46 -38.02
N PHE A 314 -13.00 9.20 -36.97
CA PHE A 314 -12.27 10.49 -37.05
C PHE A 314 -10.82 10.24 -37.50
N ALA A 315 -10.35 8.99 -37.38
CA ALA A 315 -8.99 8.56 -37.78
C ALA A 315 -8.95 8.14 -39.26
N PHE A 316 -10.10 8.03 -39.93
CA PHE A 316 -10.20 7.71 -41.38
C PHE A 316 -9.37 8.71 -42.18
N HIS A 317 -9.37 9.97 -41.74
CA HIS A 317 -8.60 11.11 -42.32
C HIS A 317 -7.14 10.73 -42.56
N LYS A 318 -6.53 9.99 -41.62
CA LYS A 318 -5.08 9.64 -41.65
C LYS A 318 -4.79 8.65 -42.78
N LEU A 319 -5.82 8.00 -43.35
CA LEU A 319 -5.67 7.03 -44.47
C LEU A 319 -5.46 7.80 -45.79
N LEU A 320 -5.96 9.03 -45.90
CA LEU A 320 -5.79 9.89 -47.10
C LEU A 320 -4.31 10.19 -47.28
N PRO A 321 -3.78 10.18 -48.54
CA PRO A 321 -2.40 10.61 -48.80
C PRO A 321 -2.05 11.96 -48.15
N ASP A 322 -0.84 12.04 -47.61
CA ASP A 322 -0.32 13.21 -46.83
C ASP A 322 -0.59 14.51 -47.60
N ASP A 323 -0.40 14.49 -48.92
CA ASP A 323 -0.39 15.71 -49.79
C ASP A 323 -1.81 16.27 -50.00
N ILE A 324 -2.87 15.56 -49.59
CA ILE A 324 -4.27 16.02 -49.76
C ILE A 324 -5.00 16.10 -48.40
N GLN A 325 -4.36 15.71 -47.30
CA GLN A 325 -5.01 15.64 -45.95
C GLN A 325 -5.53 17.03 -45.54
N THR A 326 -4.81 18.10 -45.88
CA THR A 326 -5.16 19.50 -45.51
C THR A 326 -6.43 19.96 -46.24
N GLN A 327 -6.86 19.24 -47.28
CA GLN A 327 -8.04 19.60 -48.11
C GLN A 327 -9.35 19.09 -47.50
N PHE A 328 -9.29 18.29 -46.42
CA PHE A 328 -10.46 17.62 -45.81
C PHE A 328 -10.46 17.76 -44.29
N SER A 329 -11.65 17.95 -43.71
CA SER A 329 -11.92 17.91 -42.25
C SER A 329 -11.90 16.46 -41.78
N PRO A 330 -11.19 16.12 -40.69
CA PRO A 330 -11.20 14.74 -40.18
C PRO A 330 -12.56 14.27 -39.65
N TYR A 331 -13.46 15.21 -39.28
CA TYR A 331 -14.82 14.90 -38.76
C TYR A 331 -15.73 16.15 -38.86
N ASP A 332 -17.04 15.92 -38.81
CA ASP A 332 -18.09 16.97 -38.76
C ASP A 332 -18.03 17.66 -37.39
N ARG A 333 -17.56 18.91 -37.35
CA ARG A 333 -17.29 19.68 -36.11
C ARG A 333 -18.61 20.05 -35.41
N GLN A 334 -19.68 20.33 -36.17
CA GLN A 334 -21.02 20.67 -35.61
C GLN A 334 -21.55 19.51 -34.75
N GLN A 335 -21.40 18.27 -35.23
CA GLN A 335 -21.96 17.07 -34.57
C GLN A 335 -21.03 16.61 -33.45
N PHE A 336 -19.71 16.59 -33.68
CA PHE A 336 -18.72 15.87 -32.84
C PHE A 336 -17.68 16.80 -32.21
N GLY A 337 -17.70 18.09 -32.52
CA GLY A 337 -16.70 19.07 -32.05
C GLY A 337 -16.76 19.29 -30.54
N GLN A 338 -17.97 19.28 -29.98
CA GLN A 338 -18.24 19.60 -28.56
C GLN A 338 -19.29 18.62 -28.03
N VAL A 339 -18.94 17.85 -26.99
CA VAL A 339 -19.87 16.99 -26.21
C VAL A 339 -19.69 17.29 -24.72
N PHE A 340 -20.65 16.90 -23.89
CA PHE A 340 -20.76 17.31 -22.48
C PHE A 340 -21.04 16.10 -21.59
N ARG A 341 -20.46 16.10 -20.38
CA ARG A 341 -20.84 15.23 -19.24
C ARG A 341 -21.25 16.12 -18.07
N GLY A 342 -22.23 15.69 -17.28
CA GLY A 342 -22.90 16.53 -16.26
C GLY A 342 -24.07 17.29 -16.88
N PRO A 343 -24.63 18.33 -16.20
CA PRO A 343 -24.05 18.85 -14.96
C PRO A 343 -24.05 17.91 -13.75
N TYR A 344 -23.16 18.22 -12.80
CA TYR A 344 -23.00 17.55 -11.48
C TYR A 344 -23.31 18.56 -10.37
N SER A 345 -24.12 18.15 -9.39
CA SER A 345 -24.44 18.92 -8.16
C SER A 345 -25.01 17.98 -7.10
N GLN A 346 -25.01 18.39 -5.83
CA GLN A 346 -25.58 17.62 -4.69
C GLN A 346 -27.07 17.38 -4.97
N ASP A 347 -27.79 18.41 -5.45
CA ASP A 347 -29.23 18.34 -5.80
C ASP A 347 -29.45 17.29 -6.89
N LEU A 348 -28.61 17.29 -7.93
CA LEU A 348 -28.79 16.44 -9.14
C LEU A 348 -28.60 14.95 -8.81
N SER A 349 -27.90 14.61 -7.72
CA SER A 349 -27.60 13.22 -7.30
C SER A 349 -28.76 12.61 -6.51
N HIS A 350 -29.64 13.44 -5.92
CA HIS A 350 -30.74 12.98 -5.02
C HIS A 350 -31.88 12.40 -5.87
N GLY A 351 -32.39 11.23 -5.48
CA GLY A 351 -33.31 10.40 -6.29
C GLY A 351 -34.77 10.70 -6.03
N LEU A 352 -35.17 10.93 -4.78
CA LEU A 352 -36.59 11.10 -4.37
C LEU A 352 -36.73 12.31 -3.45
N TRP A 353 -37.41 13.36 -3.91
CA TRP A 353 -37.64 14.65 -3.18
C TRP A 353 -39.04 14.67 -2.59
N THR A 354 -39.17 15.09 -1.32
CA THR A 354 -40.45 15.19 -0.57
C THR A 354 -40.78 16.66 -0.25
N ALA A 355 -40.04 17.62 -0.82
CA ALA A 355 -40.26 19.07 -0.66
C ALA A 355 -39.62 19.82 -1.83
N PHE A 356 -40.00 21.09 -2.03
CA PHE A 356 -39.50 21.97 -3.12
C PHE A 356 -38.29 22.78 -2.63
N LYS A 357 -37.19 22.68 -3.38
CA LYS A 357 -35.92 23.42 -3.18
C LYS A 357 -35.68 24.29 -4.41
N ASN A 358 -34.95 25.40 -4.27
CA ASN A 358 -34.36 26.13 -5.42
C ASN A 358 -33.24 25.26 -5.98
N PHE A 359 -33.61 24.31 -6.84
CA PHE A 359 -32.74 23.19 -7.33
C PHE A 359 -31.57 23.77 -8.13
N ARG A 360 -30.35 23.34 -7.79
CA ARG A 360 -29.10 23.70 -8.50
C ARG A 360 -28.81 22.61 -9.53
N SER A 361 -29.46 22.71 -10.69
CA SER A 361 -29.64 21.61 -11.68
C SER A 361 -29.01 21.96 -13.04
N ARG A 362 -28.40 23.14 -13.19
CA ARG A 362 -27.63 23.50 -14.40
C ARG A 362 -26.68 24.67 -14.11
N THR A 363 -25.62 24.75 -14.92
CA THR A 363 -24.56 25.80 -14.87
C THR A 363 -25.18 27.12 -15.36
N THR A 364 -24.61 28.26 -14.95
CA THR A 364 -25.08 29.63 -15.29
C THR A 364 -23.99 30.42 -16.03
N ARG A 365 -22.78 29.86 -16.15
CA ARG A 365 -21.61 30.53 -16.76
C ARG A 365 -20.68 29.49 -17.38
N SER A 366 -20.37 29.66 -18.67
CA SER A 366 -19.47 28.77 -19.46
C SER A 366 -18.12 29.47 -19.66
N ASP A 367 -17.03 28.71 -19.55
CA ASP A 367 -15.64 29.18 -19.83
C ASP A 367 -15.52 29.42 -21.34
N GLN A 368 -14.41 30.05 -21.78
CA GLN A 368 -14.05 30.20 -23.22
C GLN A 368 -13.99 28.81 -23.85
N THR A 369 -14.22 28.73 -25.17
CA THR A 369 -14.24 27.47 -25.96
C THR A 369 -13.28 27.56 -27.16
N LEU A 370 -12.79 28.75 -27.51
CA LEU A 370 -11.98 29.00 -28.74
C LEU A 370 -10.72 28.14 -28.70
N ARG A 371 -9.94 28.22 -27.61
CA ARG A 371 -8.82 27.28 -27.30
C ARG A 371 -9.43 25.97 -26.79
N ASP A 372 -8.92 24.82 -27.23
CA ASP A 372 -9.49 23.48 -26.91
C ASP A 372 -8.39 22.53 -26.40
N ARG A 373 -7.26 23.06 -25.95
CA ARG A 373 -6.18 22.29 -25.29
C ARG A 373 -5.86 22.93 -23.93
N ILE A 374 -5.86 22.13 -22.86
CA ILE A 374 -5.59 22.57 -21.46
C ILE A 374 -4.13 22.29 -21.15
N LEU A 375 -3.39 23.30 -20.67
CA LEU A 375 -1.96 23.19 -20.27
C LEU A 375 -1.85 23.04 -18.76
N GLU A 376 -2.72 23.73 -18.00
CA GLU A 376 -2.71 23.72 -16.51
C GLU A 376 -4.16 23.78 -16.00
N VAL A 377 -4.39 23.21 -14.81
CA VAL A 377 -5.61 23.41 -13.98
C VAL A 377 -5.16 23.99 -12.64
N ILE A 378 -5.69 25.16 -12.25
CA ILE A 378 -5.44 25.80 -10.93
C ILE A 378 -6.65 25.51 -10.04
N ILE A 379 -6.40 24.86 -8.89
CA ILE A 379 -7.42 24.53 -7.87
C ILE A 379 -7.02 25.22 -6.56
N ARG A 380 -7.83 26.18 -6.10
CA ARG A 380 -7.75 26.75 -4.74
C ARG A 380 -8.74 25.99 -3.84
N ALA A 381 -8.27 25.44 -2.73
CA ALA A 381 -9.08 24.61 -1.80
C ALA A 381 -8.63 24.86 -0.34
N GLY A 382 -9.59 24.82 0.58
CA GLY A 382 -9.38 24.74 2.03
C GLY A 382 -10.16 23.59 2.62
N HIS A 383 -11.27 23.88 3.30
CA HIS A 383 -12.27 22.88 3.78
C HIS A 383 -13.09 22.41 2.59
N HIS A 384 -13.45 23.34 1.69
CA HIS A 384 -14.12 23.06 0.38
CA HIS A 384 -14.11 23.02 0.39
C HIS A 384 -13.26 23.61 -0.75
N VAL A 385 -13.70 23.45 -2.00
CA VAL A 385 -13.01 24.01 -3.20
C VAL A 385 -13.40 25.50 -3.29
N ASP A 386 -12.39 26.38 -3.24
CA ASP A 386 -12.57 27.86 -3.24
C ASP A 386 -12.67 28.34 -4.68
N ALA A 387 -11.81 27.86 -5.58
CA ALA A 387 -11.74 28.31 -6.99
C ALA A 387 -11.15 27.22 -7.91
N ILE A 388 -11.63 27.20 -9.14
CA ILE A 388 -11.10 26.37 -10.27
C ILE A 388 -10.84 27.31 -11.45
N GLN A 389 -9.67 27.18 -12.07
CA GLN A 389 -9.32 27.87 -13.34
C GLN A 389 -8.59 26.88 -14.26
N PHE A 390 -9.10 26.71 -15.48
CA PHE A 390 -8.41 26.02 -16.60
C PHE A 390 -7.52 27.05 -17.30
N VAL A 391 -6.27 26.67 -17.59
CA VAL A 391 -5.31 27.48 -18.40
C VAL A 391 -5.09 26.76 -19.72
N TYR A 392 -5.56 27.36 -20.83
CA TYR A 392 -5.59 26.77 -22.19
C TYR A 392 -4.34 27.16 -22.98
N ASP A 393 -4.18 26.54 -24.16
CA ASP A 393 -3.15 26.81 -25.19
CA ASP A 393 -3.06 26.84 -25.09
C ASP A 393 -3.25 28.27 -25.64
N HIS A 394 -2.30 28.71 -26.48
CA HIS A 394 -2.27 30.04 -27.13
C HIS A 394 -1.68 29.89 -28.54
N SER A 395 -2.14 30.71 -29.49
CA SER A 395 -1.59 30.81 -30.87
C SER A 395 -0.06 30.78 -30.80
N ASN A 396 0.50 31.61 -29.92
CA ASN A 396 1.94 31.60 -29.53
C ASN A 396 2.16 30.45 -28.54
N PRO A 397 2.98 29.43 -28.89
CA PRO A 397 3.16 28.27 -28.02
C PRO A 397 3.98 28.55 -26.75
N ASN A 398 4.57 29.74 -26.65
CA ASN A 398 5.33 30.21 -25.45
C ASN A 398 4.35 30.74 -24.39
N LEU A 399 3.19 31.26 -24.82
CA LEU A 399 2.19 31.93 -23.95
C LEU A 399 1.06 30.95 -23.59
N THR A 400 0.14 31.38 -22.73
CA THR A 400 -1.06 30.63 -22.29
C THR A 400 -2.29 31.52 -22.43
N THR A 401 -3.49 30.93 -22.34
CA THR A 401 -4.80 31.63 -22.29
C THR A 401 -5.50 31.25 -20.99
N PRO A 402 -5.24 31.98 -19.88
CA PRO A 402 -5.97 31.75 -18.63
C PRO A 402 -7.49 31.86 -18.85
N GLY A 403 -8.23 30.84 -18.41
CA GLY A 403 -9.71 30.81 -18.48
C GLY A 403 -10.33 31.66 -17.39
N THR A 404 -11.67 31.74 -17.38
CA THR A 404 -12.48 32.40 -16.33
C THR A 404 -12.19 31.71 -14.99
N VAL A 405 -11.93 32.50 -13.94
CA VAL A 405 -11.76 32.00 -12.54
C VAL A 405 -13.15 31.81 -11.94
N ALA A 406 -13.55 30.55 -11.72
CA ALA A 406 -14.78 30.16 -11.00
C ALA A 406 -14.50 30.23 -9.49
N GLY A 407 -15.35 30.95 -8.74
CA GLY A 407 -15.39 30.93 -7.27
C GLY A 407 -14.58 32.05 -6.62
N ASN A 408 -14.00 31.77 -5.46
CA ASN A 408 -13.26 32.72 -4.58
C ASN A 408 -11.77 32.68 -4.95
N ALA A 409 -11.30 33.63 -5.75
CA ALA A 409 -9.95 33.69 -6.34
C ALA A 409 -8.87 33.88 -5.26
N ALA A 410 -9.25 34.39 -4.08
CA ALA A 410 -8.33 34.74 -2.97
C ALA A 410 -8.24 33.61 -1.95
N GLY A 411 -9.28 32.77 -1.85
CA GLY A 411 -9.47 31.81 -0.73
C GLY A 411 -8.65 30.55 -0.89
N GLY A 412 -8.35 29.89 0.23
CA GLY A 412 -7.76 28.53 0.29
C GLY A 412 -6.31 28.51 -0.15
N THR A 413 -5.75 27.30 -0.29
CA THR A 413 -4.35 27.03 -0.74
C THR A 413 -4.37 26.83 -2.25
N ARG A 414 -3.47 27.52 -2.97
CA ARG A 414 -3.36 27.48 -4.46
C ARG A 414 -2.63 26.21 -4.87
N HIS A 415 -3.25 25.40 -5.73
CA HIS A 415 -2.65 24.19 -6.34
C HIS A 415 -2.63 24.37 -7.87
N GLN A 416 -1.44 24.59 -8.43
CA GLN A 416 -1.20 24.65 -9.89
C GLN A 416 -0.83 23.24 -10.36
N VAL A 417 -1.67 22.62 -11.19
CA VAL A 417 -1.42 21.28 -11.78
C VAL A 417 -1.09 21.45 -13.26
N ASP A 418 0.16 21.15 -13.63
CA ASP A 418 0.64 21.16 -15.04
C ASP A 418 0.16 19.86 -15.70
N VAL A 419 -0.70 19.98 -16.72
CA VAL A 419 -1.28 18.82 -17.46
C VAL A 419 -0.69 18.78 -18.87
N ARG A 420 0.38 19.54 -19.12
CA ARG A 420 1.33 19.31 -20.24
C ARG A 420 1.96 17.92 -20.02
N ASP A 421 1.80 17.00 -20.97
CA ASP A 421 2.44 15.66 -20.99
C ASP A 421 1.58 14.61 -20.25
N ARG A 422 0.56 15.03 -19.49
CA ARG A 422 -0.39 14.10 -18.79
C ARG A 422 -1.81 14.61 -18.95
N PRO A 423 -2.51 14.23 -20.05
CA PRO A 423 -3.93 14.59 -20.24
C PRO A 423 -4.82 14.07 -19.09
N ILE A 424 -5.93 14.77 -18.83
CA ILE A 424 -6.93 14.42 -17.78
C ILE A 424 -7.85 13.33 -18.34
N GLN A 425 -7.91 12.16 -17.69
CA GLN A 425 -8.80 11.04 -18.06
C GLN A 425 -10.11 11.15 -17.27
N GLU A 426 -10.04 11.45 -15.97
CA GLU A 426 -11.22 11.56 -15.07
C GLU A 426 -11.04 12.68 -14.04
N LEU A 427 -12.14 13.37 -13.71
CA LEU A 427 -12.25 14.30 -12.56
C LEU A 427 -13.17 13.68 -11.51
N ARG A 428 -12.77 13.68 -10.23
CA ARG A 428 -13.61 13.23 -9.09
C ARG A 428 -14.03 14.46 -8.28
N MET A 429 -15.34 14.58 -8.03
CA MET A 429 -15.96 15.70 -7.27
C MET A 429 -16.63 15.14 -6.02
N GLU A 430 -16.34 15.72 -4.85
CA GLU A 430 -17.10 15.47 -3.59
C GLU A 430 -17.96 16.71 -3.34
N PHE A 431 -19.25 16.51 -3.08
CA PHE A 431 -20.22 17.58 -2.71
C PHE A 431 -20.58 17.41 -1.23
N SER A 432 -20.51 18.50 -0.47
CA SER A 432 -20.93 18.59 0.95
CA SER A 432 -20.94 18.58 0.94
C SER A 432 -21.51 19.98 1.23
N GLN A 433 -22.56 20.04 2.04
CA GLN A 433 -23.24 21.30 2.46
C GLN A 433 -23.69 22.07 1.20
N ASP A 434 -24.04 21.33 0.13
CA ASP A 434 -24.73 21.83 -1.09
C ASP A 434 -23.72 22.51 -2.04
N VAL A 435 -22.43 22.32 -1.82
CA VAL A 435 -21.34 22.92 -2.66
C VAL A 435 -20.26 21.87 -2.92
N LEU A 436 -19.34 22.16 -3.85
CA LEU A 436 -18.18 21.29 -4.20
C LEU A 436 -17.16 21.32 -3.05
N ALA A 437 -16.91 20.17 -2.44
CA ALA A 437 -16.07 20.01 -1.23
C ALA A 437 -14.62 19.70 -1.63
N SER A 438 -14.41 18.98 -2.74
CA SER A 438 -13.04 18.60 -3.20
C SER A 438 -13.05 18.26 -4.69
N LEU A 439 -11.87 18.37 -5.31
CA LEU A 439 -11.60 17.96 -6.71
C LEU A 439 -10.32 17.13 -6.73
N GLN A 440 -10.27 16.10 -7.58
CA GLN A 440 -9.08 15.21 -7.79
C GLN A 440 -8.99 14.90 -9.28
N LEU A 441 -7.77 14.91 -9.84
CA LEU A 441 -7.50 14.64 -11.28
C LEU A 441 -6.91 13.24 -11.42
N HIS A 442 -7.44 12.45 -12.35
CA HIS A 442 -6.92 11.12 -12.76
C HIS A 442 -6.37 11.23 -14.19
N PHE A 443 -5.09 10.91 -14.37
CA PHE A 443 -4.35 11.15 -15.64
C PHE A 443 -4.45 9.92 -16.55
N GLU A 444 -4.19 10.14 -17.84
CA GLU A 444 -4.24 9.12 -18.94
C GLU A 444 -3.44 7.87 -18.55
N ASP A 445 -2.25 8.06 -17.95
CA ASP A 445 -1.28 6.97 -17.66
C ASP A 445 -1.67 6.24 -16.37
N GLY A 446 -2.67 6.75 -15.62
CA GLY A 446 -3.24 6.09 -14.43
C GLY A 446 -2.79 6.75 -13.13
N THR A 447 -1.78 7.60 -13.17
CA THR A 447 -1.33 8.45 -12.03
C THR A 447 -2.44 9.48 -11.74
N SER A 448 -2.40 10.11 -10.57
CA SER A 448 -3.41 11.10 -10.12
C SER A 448 -2.76 12.20 -9.29
N THR A 449 -3.49 13.30 -9.08
CA THR A 449 -3.18 14.31 -8.04
C THR A 449 -3.72 13.81 -6.69
N ARG A 450 -3.22 14.40 -5.61
CA ARG A 450 -3.91 14.51 -4.30
C ARG A 450 -5.38 14.88 -4.53
N LYS A 451 -6.24 14.57 -3.56
CA LYS A 451 -7.58 15.19 -3.44
C LYS A 451 -7.39 16.60 -2.84
N PHE A 452 -7.87 17.64 -3.53
CA PHE A 452 -7.75 19.05 -3.11
C PHE A 452 -9.07 19.49 -2.47
N GLY A 453 -9.04 19.70 -1.14
CA GLY A 453 -10.22 20.07 -0.32
C GLY A 453 -10.78 18.86 0.41
N ASN A 454 -11.57 19.09 1.45
CA ASN A 454 -12.25 18.04 2.27
C ASN A 454 -11.22 16.98 2.71
N GLU A 455 -10.05 17.41 3.17
CA GLU A 455 -8.91 16.52 3.56
C GLU A 455 -9.35 15.58 4.69
N LEU A 456 -10.20 16.04 5.61
CA LEU A 456 -10.53 15.34 6.88
C LEU A 456 -12.04 15.06 6.98
N GLY A 457 -12.86 15.57 6.06
CA GLY A 457 -14.33 15.57 6.19
C GLY A 457 -14.99 14.36 5.55
N TRP A 458 -16.31 14.24 5.74
CA TRP A 458 -17.17 13.19 5.15
C TRP A 458 -17.89 13.77 3.93
N ALA A 459 -17.74 13.12 2.76
CA ALA A 459 -18.39 13.52 1.50
C ALA A 459 -19.86 13.04 1.51
N THR A 460 -20.80 13.96 1.31
CA THR A 460 -22.25 13.63 1.16
C THR A 460 -22.44 12.87 -0.15
N ARG A 461 -21.92 13.43 -1.25
CA ARG A 461 -21.96 12.83 -2.62
C ARG A 461 -20.56 12.79 -3.20
N ILE A 462 -20.23 11.70 -3.91
CA ILE A 462 -18.97 11.52 -4.69
C ILE A 462 -19.36 11.18 -6.13
N LEU A 463 -18.90 11.99 -7.09
CA LEU A 463 -19.19 11.83 -8.55
C LEU A 463 -17.88 11.83 -9.32
N THR A 464 -17.77 10.95 -10.33
CA THR A 464 -16.62 10.85 -11.24
C THR A 464 -17.08 11.27 -12.65
N CYS A 465 -16.42 12.27 -13.23
CA CYS A 465 -16.59 12.69 -14.65
C CYS A 465 -15.47 12.07 -15.48
N THR A 466 -15.81 11.06 -16.28
CA THR A 466 -14.85 10.30 -17.13
C THR A 466 -14.95 10.83 -18.56
N ALA A 467 -13.84 11.30 -19.13
CA ALA A 467 -13.73 11.75 -20.54
C ALA A 467 -14.33 10.68 -21.44
N PRO A 468 -15.21 11.05 -22.40
CA PRO A 468 -15.64 10.10 -23.43
C PRO A 468 -14.39 9.58 -24.12
N TYR A 469 -14.26 8.25 -24.25
CA TYR A 469 -13.07 7.59 -24.82
C TYR A 469 -12.93 8.02 -26.28
N GLY A 470 -11.78 8.61 -26.63
CA GLY A 470 -11.52 9.25 -27.94
C GLY A 470 -11.65 10.76 -27.87
N TYR A 471 -12.07 11.31 -26.73
CA TYR A 471 -12.22 12.77 -26.48
C TYR A 471 -11.28 13.19 -25.35
N ARG A 472 -10.84 14.46 -25.37
CA ARG A 472 -10.10 15.12 -24.26
C ARG A 472 -10.96 16.26 -23.70
N PHE A 473 -10.75 16.59 -22.43
CA PHE A 473 -11.31 17.80 -21.75
C PHE A 473 -10.90 19.04 -22.55
N SER A 474 -11.87 19.86 -22.96
CA SER A 474 -11.68 21.02 -23.89
C SER A 474 -12.18 22.33 -23.26
N SER A 475 -13.14 22.27 -22.34
CA SER A 475 -13.73 23.46 -21.65
C SER A 475 -14.60 22.99 -20.48
N TRP A 476 -15.26 23.93 -19.79
CA TRP A 476 -16.22 23.64 -18.70
C TRP A 476 -17.17 24.82 -18.48
N ALA A 477 -18.25 24.57 -17.76
CA ALA A 477 -19.23 25.57 -17.28
C ALA A 477 -19.52 25.29 -15.81
N PHE A 478 -20.03 26.28 -15.07
CA PHE A 478 -20.21 26.20 -13.60
C PHE A 478 -21.35 27.11 -13.15
N ARG A 479 -21.84 26.86 -11.93
CA ARG A 479 -22.73 27.76 -11.16
C ARG A 479 -22.05 28.06 -9.83
N GLU A 480 -22.07 29.32 -9.41
CA GLU A 480 -21.53 29.77 -8.10
C GLU A 480 -22.70 30.01 -7.13
N ASP A 481 -22.48 29.69 -5.86
CA ASP A 481 -23.40 30.00 -4.73
C ASP A 481 -22.57 30.32 -3.51
N PRO A 482 -23.11 31.08 -2.53
CA PRO A 482 -22.43 31.30 -1.25
C PRO A 482 -22.37 29.97 -0.47
N GLY A 483 -21.17 29.56 -0.06
CA GLY A 483 -20.94 28.34 0.74
C GLY A 483 -21.20 28.61 2.23
N PRO A 484 -20.92 27.63 3.11
CA PRO A 484 -21.16 27.80 4.54
C PRO A 484 -20.18 28.75 5.24
N TYR A 485 -19.04 29.06 4.60
CA TYR A 485 -17.96 29.92 5.16
C TYR A 485 -18.11 31.37 4.65
N ARG A 486 -19.29 31.72 4.13
CA ARG A 486 -19.67 33.11 3.73
C ARG A 486 -18.77 33.61 2.60
N THR A 487 -18.25 32.68 1.79
CA THR A 487 -17.43 32.97 0.58
C THR A 487 -18.12 32.34 -0.63
N THR A 488 -17.73 32.74 -1.84
CA THR A 488 -18.24 32.18 -3.12
C THR A 488 -17.75 30.73 -3.24
N ALA A 489 -18.67 29.80 -3.48
CA ALA A 489 -18.42 28.35 -3.66
C ALA A 489 -18.91 27.93 -5.05
N ILE A 490 -18.49 26.76 -5.52
CA ILE A 490 -18.91 26.14 -6.80
C ILE A 490 -19.92 25.03 -6.47
N SER A 491 -21.17 25.18 -6.94
CA SER A 491 -22.32 24.29 -6.60
C SER A 491 -22.66 23.34 -7.76
N VAL A 492 -22.45 23.77 -9.00
CA VAL A 492 -22.76 22.96 -10.22
C VAL A 492 -21.55 23.02 -11.17
N LEU A 493 -21.18 21.86 -11.72
CA LEU A 493 -20.08 21.70 -12.72
C LEU A 493 -20.62 20.91 -13.92
N ARG A 494 -20.29 21.37 -15.12
CA ARG A 494 -20.49 20.63 -16.40
C ARG A 494 -19.20 20.73 -17.21
N PHE A 495 -18.72 19.61 -17.76
CA PHE A 495 -17.44 19.52 -18.51
C PHE A 495 -17.72 19.29 -19.98
N GLN A 496 -16.98 20.02 -20.83
CA GLN A 496 -17.07 19.98 -22.31
C GLN A 496 -15.83 19.26 -22.86
N PHE A 497 -16.00 18.51 -23.95
CA PHE A 497 -14.94 17.65 -24.54
C PHE A 497 -14.89 17.85 -26.06
N THR A 498 -13.69 17.68 -26.63
CA THR A 498 -13.43 17.70 -28.10
C THR A 498 -12.63 16.46 -28.47
N PRO A 499 -12.79 15.91 -29.69
CA PRO A 499 -12.05 14.73 -30.12
C PRO A 499 -10.52 14.88 -30.01
N GLU A 500 -9.86 13.85 -29.48
CA GLU A 500 -8.39 13.72 -29.42
C GLU A 500 -7.96 12.86 -30.62
N LEU A 501 -7.41 13.50 -31.67
CA LEU A 501 -7.07 12.84 -32.96
C LEU A 501 -5.71 12.15 -32.86
N ASP A 502 -4.94 12.39 -31.80
CA ASP A 502 -3.60 11.79 -31.58
C ASP A 502 -3.61 10.98 -30.27
N MET A 503 -4.74 10.34 -29.95
CA MET A 503 -4.88 9.49 -28.74
C MET A 503 -4.02 8.24 -28.93
N PRO A 504 -3.11 7.92 -27.98
CA PRO A 504 -2.32 6.70 -28.06
C PRO A 504 -3.20 5.49 -27.67
N LEU A 505 -2.87 4.31 -28.18
CA LEU A 505 -3.57 3.04 -27.86
C LEU A 505 -2.82 2.33 -26.74
N PRO A 506 -3.49 1.41 -25.99
CA PRO A 506 -2.79 0.55 -25.05
C PRO A 506 -1.74 -0.33 -25.75
N ALA A 507 -0.70 -0.73 -25.02
CA ALA A 507 0.43 -1.57 -25.50
C ALA A 507 -0.12 -2.73 -26.34
N SER A 508 -1.13 -3.45 -25.82
CA SER A 508 -1.79 -4.63 -26.44
C SER A 508 -2.07 -4.38 -27.92
N TYR A 509 -2.64 -3.21 -28.25
CA TYR A 509 -3.08 -2.82 -29.62
C TYR A 509 -1.96 -2.03 -30.31
N GLU B 26 -40.61 30.25 -5.31
CA GLU B 26 -40.95 30.27 -3.86
C GLU B 26 -40.44 28.97 -3.22
N GLU B 27 -39.25 29.02 -2.61
CA GLU B 27 -38.57 27.86 -1.97
C GLU B 27 -39.26 27.51 -0.65
N ASP B 28 -39.28 26.23 -0.29
CA ASP B 28 -39.71 25.73 1.05
C ASP B 28 -38.76 26.32 2.09
N PRO B 29 -39.27 27.04 3.12
CA PRO B 29 -38.41 27.71 4.10
C PRO B 29 -37.37 26.83 4.81
N ILE B 30 -37.61 25.51 4.90
CA ILE B 30 -36.70 24.54 5.60
C ILE B 30 -35.31 24.60 4.96
N PHE B 31 -35.22 24.65 3.63
CA PHE B 31 -33.94 24.64 2.86
C PHE B 31 -33.15 25.91 3.18
N THR B 32 -33.86 27.04 3.27
CA THR B 32 -33.31 28.37 3.65
C THR B 32 -32.71 28.28 5.06
N GLN B 33 -33.47 27.76 6.03
CA GLN B 33 -33.06 27.62 7.46
C GLN B 33 -31.84 26.70 7.56
N LEU B 34 -31.80 25.61 6.78
CA LEU B 34 -30.70 24.61 6.80
C LEU B 34 -29.41 25.24 6.26
N ALA B 35 -29.51 26.05 5.20
CA ALA B 35 -28.38 26.78 4.59
C ALA B 35 -27.79 27.76 5.61
N GLN B 36 -28.65 28.47 6.34
CA GLN B 36 -28.26 29.46 7.38
C GLN B 36 -27.69 28.73 8.61
N LYS B 37 -28.28 27.59 8.99
CA LYS B 37 -27.85 26.78 10.16
C LYS B 37 -26.42 26.26 9.94
N MET B 38 -26.09 25.84 8.71
CA MET B 38 -24.74 25.32 8.35
C MET B 38 -23.73 26.48 8.37
N ALA B 39 -24.18 27.69 8.02
CA ALA B 39 -23.38 28.94 8.10
C ALA B 39 -23.12 29.30 9.57
N ALA B 40 -24.16 29.21 10.41
CA ALA B 40 -24.10 29.49 11.86
C ALA B 40 -23.14 28.50 12.54
N ALA B 41 -23.24 27.21 12.20
CA ALA B 41 -22.38 26.12 12.70
C ALA B 41 -20.92 26.39 12.34
N ALA B 42 -20.65 26.74 11.08
CA ALA B 42 -19.32 27.10 10.55
C ALA B 42 -18.82 28.38 11.24
N PRO B 48 -17.60 20.47 10.47
CA PRO B 48 -19.04 20.73 10.48
C PRO B 48 -19.87 19.65 9.75
N VAL B 49 -21.13 19.46 10.17
CA VAL B 49 -22.06 18.41 9.66
C VAL B 49 -22.91 18.99 8.52
N ASP B 50 -23.14 18.21 7.46
CA ASP B 50 -24.06 18.56 6.35
C ASP B 50 -25.50 18.42 6.85
N LEU B 51 -26.03 19.47 7.48
CA LEU B 51 -27.37 19.51 8.11
C LEU B 51 -28.45 19.35 7.03
N LEU B 52 -28.19 19.86 5.82
CA LEU B 52 -29.10 19.74 4.65
C LEU B 52 -29.28 18.24 4.32
N ALA B 53 -28.18 17.52 4.11
CA ALA B 53 -28.16 16.07 3.82
C ALA B 53 -28.83 15.31 4.98
N GLN B 54 -28.47 15.68 6.21
CA GLN B 54 -29.01 15.09 7.47
C GLN B 54 -30.54 15.13 7.43
N TYR B 55 -31.12 16.31 7.18
CA TYR B 55 -32.59 16.55 7.16
C TYR B 55 -33.26 15.66 6.10
N MET B 56 -32.69 15.60 4.89
CA MET B 56 -33.25 14.87 3.73
C MET B 56 -33.21 13.36 3.99
N GLN B 57 -32.19 12.87 4.71
CA GLN B 57 -32.05 11.45 5.12
C GLN B 57 -33.10 11.10 6.18
N VAL B 58 -33.43 12.05 7.06
CA VAL B 58 -34.55 11.91 8.05
C VAL B 58 -35.87 11.79 7.28
N GLU B 59 -36.09 12.64 6.27
CA GLU B 59 -37.32 12.67 5.44
C GLU B 59 -37.47 11.35 4.67
N ALA B 60 -36.37 10.77 4.20
CA ALA B 60 -36.34 9.47 3.48
C ALA B 60 -36.98 8.38 4.35
N HIS B 61 -36.88 8.51 5.67
CA HIS B 61 -37.45 7.56 6.67
C HIS B 61 -38.60 8.23 7.44
N ASP B 62 -39.39 9.07 6.77
CA ASP B 62 -40.49 9.85 7.39
C ASP B 62 -41.44 8.88 8.12
N TRP B 63 -42.04 7.94 7.38
CA TRP B 63 -43.00 6.92 7.89
C TRP B 63 -42.42 6.19 9.11
N HIS B 64 -41.19 5.69 8.98
CA HIS B 64 -40.46 4.94 10.04
C HIS B 64 -40.44 5.79 11.33
N ASN B 65 -40.02 7.06 11.21
CA ASN B 65 -39.89 8.02 12.34
C ASN B 65 -41.27 8.30 12.96
N ARG B 66 -42.34 8.37 12.16
CA ARG B 66 -43.73 8.61 12.62
C ARG B 66 -44.18 7.44 13.51
N VAL B 67 -43.96 6.20 13.07
CA VAL B 67 -44.38 4.97 13.80
C VAL B 67 -43.64 4.92 15.13
N ARG B 68 -42.30 5.08 15.11
CA ARG B 68 -41.46 5.13 16.33
C ARG B 68 -41.92 6.27 17.23
N GLY B 69 -42.09 7.47 16.66
CA GLY B 69 -42.56 8.67 17.36
C GLY B 69 -43.85 8.41 18.12
N ALA B 70 -44.81 7.73 17.47
CA ALA B 70 -46.15 7.40 18.02
C ALA B 70 -46.02 6.45 19.21
N ILE B 71 -45.18 5.41 19.08
CA ILE B 71 -44.92 4.39 20.13
C ILE B 71 -44.25 5.06 21.35
N LEU B 72 -43.19 5.83 21.11
CA LEU B 72 -42.44 6.57 22.16
C LEU B 72 -43.39 7.52 22.90
N GLY B 73 -44.31 8.16 22.18
CA GLY B 73 -45.35 9.04 22.75
C GLY B 73 -46.21 8.32 23.78
N LEU B 74 -46.54 7.05 23.53
CA LEU B 74 -47.43 6.25 24.42
C LEU B 74 -46.75 5.99 25.77
N ILE B 75 -45.41 5.95 25.79
CA ILE B 75 -44.59 5.56 26.98
C ILE B 75 -44.24 6.81 27.80
N SER B 76 -43.94 7.94 27.13
CA SER B 76 -43.36 9.16 27.74
C SER B 76 -44.45 10.17 28.16
N ALA B 77 -45.56 10.23 27.40
CA ALA B 77 -46.60 11.28 27.50
C ALA B 77 -47.15 11.41 28.93
N VAL B 78 -47.69 12.59 29.24
CA VAL B 78 -48.34 12.94 30.55
C VAL B 78 -49.43 11.92 30.85
N PRO B 79 -49.56 11.46 32.12
CA PRO B 79 -50.70 10.64 32.54
C PRO B 79 -52.05 11.38 32.39
N LYS B 80 -52.54 11.49 31.15
CA LYS B 80 -53.82 12.15 30.79
C LYS B 80 -54.44 11.36 29.62
N VAL B 81 -55.68 10.88 29.78
CA VAL B 81 -56.40 10.04 28.78
C VAL B 81 -56.43 10.79 27.44
N GLY B 82 -55.95 10.14 26.38
CA GLY B 82 -56.03 10.64 24.99
C GLY B 82 -54.83 11.49 24.58
N ALA B 83 -54.03 11.97 25.54
CA ALA B 83 -52.88 12.88 25.31
C ALA B 83 -51.92 12.28 24.28
N ALA B 84 -51.42 11.05 24.53
CA ALA B 84 -50.48 10.31 23.67
C ALA B 84 -51.15 9.97 22.33
N ILE B 85 -52.42 9.58 22.36
CA ILE B 85 -53.23 9.24 21.15
C ILE B 85 -53.34 10.48 20.26
N SER B 86 -53.55 11.65 20.85
CA SER B 86 -53.62 12.95 20.13
C SER B 86 -52.30 13.22 19.41
N ARG B 87 -51.17 12.88 20.04
CA ARG B 87 -49.81 13.02 19.46
C ARG B 87 -49.65 12.04 18.30
N LEU B 88 -50.09 10.80 18.47
CA LEU B 88 -50.08 9.74 17.41
C LEU B 88 -50.83 10.27 16.18
N ILE B 89 -52.03 10.83 16.38
CA ILE B 89 -52.90 11.36 15.29
C ILE B 89 -52.15 12.49 14.56
N GLY B 90 -51.53 13.39 15.32
CA GLY B 90 -50.71 14.50 14.79
C GLY B 90 -49.59 14.00 13.88
N LEU B 91 -48.91 12.93 14.28
CA LEU B 91 -47.80 12.31 13.49
C LEU B 91 -48.38 11.63 12.24
N PHE B 92 -49.42 10.81 12.41
CA PHE B 92 -49.98 9.91 11.35
C PHE B 92 -50.84 10.71 10.36
N TRP B 93 -51.56 11.73 10.83
CA TRP B 93 -52.49 12.56 10.00
C TRP B 93 -52.26 14.05 10.26
N PRO B 94 -51.06 14.58 9.94
CA PRO B 94 -50.78 16.00 10.09
C PRO B 94 -51.51 16.86 9.05
N ALA B 95 -51.60 18.17 9.29
CA ALA B 95 -52.35 19.15 8.47
C ALA B 95 -51.53 19.56 7.23
N ASN B 96 -50.20 19.66 7.38
CA ASN B 96 -49.29 20.29 6.39
C ASN B 96 -48.39 19.25 5.72
N LYS B 97 -48.50 17.97 6.08
CA LYS B 97 -47.65 16.89 5.53
C LYS B 97 -48.52 15.75 4.99
N VAL B 98 -47.90 14.87 4.20
CA VAL B 98 -48.48 13.60 3.67
C VAL B 98 -48.96 12.77 4.88
N ASP B 99 -49.96 11.90 4.68
CA ASP B 99 -50.49 11.02 5.76
C ASP B 99 -49.58 9.79 5.87
N ILE B 100 -49.83 8.93 6.87
CA ILE B 100 -48.96 7.78 7.24
C ILE B 100 -48.86 6.81 6.05
N TRP B 101 -49.96 6.65 5.31
CA TRP B 101 -50.10 5.63 4.23
C TRP B 101 -49.26 6.02 3.01
N GLU B 102 -49.25 7.31 2.64
CA GLU B 102 -48.47 7.81 1.47
C GLU B 102 -47.02 8.07 1.89
N ALA B 103 -46.77 8.47 3.13
CA ALA B 103 -45.42 8.60 3.72
C ALA B 103 -44.72 7.24 3.64
N LEU B 104 -45.49 6.18 3.87
CA LEU B 104 -45.10 4.75 3.73
C LEU B 104 -44.58 4.48 2.31
N ARG B 105 -45.25 5.02 1.28
CA ARG B 105 -44.93 4.82 -0.16
C ARG B 105 -43.53 5.36 -0.47
N ALA B 106 -43.06 6.37 0.29
CA ALA B 106 -41.81 7.12 0.02
C ALA B 106 -40.65 6.60 0.88
N GLU B 107 -40.84 5.50 1.61
CA GLU B 107 -39.78 4.87 2.46
CA GLU B 107 -39.76 4.90 2.45
C GLU B 107 -38.60 4.49 1.54
N GLU B 108 -37.39 4.94 1.89
CA GLU B 108 -36.12 4.79 1.13
C GLU B 108 -36.01 3.38 0.53
N TYR B 109 -36.27 2.34 1.34
CA TYR B 109 -35.93 0.92 1.03
C TYR B 109 -37.04 0.23 0.23
N ILE B 110 -38.22 0.84 0.08
CA ILE B 110 -39.47 0.16 -0.40
C ILE B 110 -39.23 -0.52 -1.76
N ARG B 111 -38.48 0.12 -2.66
CA ARG B 111 -38.28 -0.32 -4.07
C ARG B 111 -37.47 -1.62 -4.13
N ASN B 112 -36.69 -1.92 -3.08
CA ASN B 112 -35.76 -3.08 -3.05
C ASN B 112 -36.41 -4.30 -2.38
N ILE B 113 -37.58 -4.15 -1.74
CA ILE B 113 -38.13 -5.21 -0.83
C ILE B 113 -39.53 -5.66 -1.27
N VAL B 114 -40.41 -4.76 -1.71
CA VAL B 114 -41.82 -5.11 -2.08
C VAL B 114 -42.20 -4.46 -3.41
N GLN B 115 -43.20 -5.03 -4.08
CA GLN B 115 -43.76 -4.54 -5.37
C GLN B 115 -44.87 -3.53 -5.07
N GLN B 116 -44.62 -2.24 -5.34
CA GLN B 116 -45.54 -1.11 -5.07
C GLN B 116 -46.94 -1.44 -5.59
N GLU B 117 -47.02 -1.95 -6.83
CA GLU B 117 -48.28 -2.10 -7.61
C GLU B 117 -49.22 -3.10 -6.92
N LEU B 118 -48.65 -4.12 -6.25
CA LEU B 118 -49.43 -5.21 -5.59
C LEU B 118 -50.11 -4.67 -4.32
N PHE B 119 -49.39 -3.97 -3.45
CA PHE B 119 -49.96 -3.42 -2.20
C PHE B 119 -50.83 -2.19 -2.53
N GLU B 120 -50.59 -1.55 -3.68
CA GLU B 120 -51.50 -0.50 -4.23
C GLU B 120 -52.89 -1.11 -4.46
N PHE B 121 -52.94 -2.28 -5.10
CA PHE B 121 -54.20 -3.01 -5.43
C PHE B 121 -54.92 -3.42 -4.14
N GLU B 122 -54.20 -4.07 -3.23
CA GLU B 122 -54.72 -4.55 -1.92
C GLU B 122 -55.33 -3.37 -1.15
N MET B 123 -54.67 -2.20 -1.19
CA MET B 123 -55.05 -0.98 -0.44
C MET B 123 -56.33 -0.36 -1.03
N ARG B 124 -56.61 -0.58 -2.32
CA ARG B 124 -57.87 -0.15 -2.97
C ARG B 124 -59.05 -0.97 -2.41
N LEU B 125 -58.80 -2.24 -2.07
CA LEU B 125 -59.81 -3.17 -1.48
C LEU B 125 -60.01 -2.86 0.02
N LEU B 126 -59.01 -2.28 0.69
CA LEU B 126 -59.02 -2.03 2.16
C LEU B 126 -59.37 -0.57 2.46
N GLU B 127 -59.57 0.26 1.43
CA GLU B 127 -59.76 1.73 1.53
C GLU B 127 -60.88 2.04 2.54
N ASN B 128 -62.07 1.46 2.34
CA ASN B 128 -63.29 1.75 3.13
C ASN B 128 -63.11 1.27 4.59
N ASP B 129 -62.42 0.15 4.79
CA ASP B 129 -62.10 -0.41 6.13
C ASP B 129 -61.09 0.52 6.83
N ILE B 130 -60.15 1.10 6.09
CA ILE B 130 -59.12 2.02 6.63
C ILE B 130 -59.79 3.36 7.01
N GLN B 131 -60.68 3.87 6.16
CA GLN B 131 -61.43 5.13 6.42
C GLN B 131 -62.30 4.95 7.67
N ALA B 132 -62.96 3.79 7.80
CA ALA B 132 -63.83 3.43 8.95
C ALA B 132 -62.99 3.50 10.25
N LEU B 133 -61.81 2.86 10.26
CA LEU B 133 -60.90 2.84 11.44
C LEU B 133 -60.48 4.29 11.77
N GLU B 134 -60.07 5.06 10.76
CA GLU B 134 -59.66 6.48 10.88
C GLU B 134 -60.80 7.30 11.50
N THR B 135 -62.04 7.04 11.08
CA THR B 135 -63.26 7.74 11.59
C THR B 135 -63.38 7.46 13.10
N THR B 136 -63.20 6.21 13.52
CA THR B 136 -63.30 5.75 14.94
C THR B 136 -62.19 6.40 15.75
N VAL B 137 -60.96 6.41 15.23
CA VAL B 137 -59.77 7.07 15.86
C VAL B 137 -60.11 8.53 16.15
N GLY B 138 -60.69 9.23 15.16
CA GLY B 138 -61.10 10.64 15.27
C GLY B 138 -62.17 10.83 16.33
N ARG B 139 -63.17 9.94 16.36
CA ARG B 139 -64.32 10.02 17.29
C ARG B 139 -63.83 9.79 18.73
N TYR B 140 -62.90 8.85 18.94
CA TYR B 140 -62.25 8.63 20.27
C TYR B 140 -61.58 9.93 20.74
N ASP B 141 -60.83 10.57 19.84
CA ASP B 141 -60.03 11.80 20.11
C ASP B 141 -60.96 12.93 20.56
N THR B 142 -62.12 13.11 19.90
CA THR B 142 -63.06 14.24 20.12
C THR B 142 -64.15 13.86 21.12
N ALA B 143 -64.25 12.58 21.50
CA ALA B 143 -65.26 12.07 22.45
C ALA B 143 -65.04 12.67 23.84
N ALA B 144 -66.12 12.89 24.59
CA ALA B 144 -66.09 13.14 26.04
C ALA B 144 -65.68 11.84 26.74
N LEU B 145 -65.14 11.94 27.96
CA LEU B 145 -64.58 10.79 28.71
C LEU B 145 -65.63 9.68 28.86
N THR B 146 -66.91 10.04 28.95
CA THR B 146 -68.05 9.10 29.16
C THR B 146 -68.35 8.28 27.88
N GLU B 147 -67.84 8.68 26.72
CA GLU B 147 -68.08 7.98 25.42
C GLU B 147 -66.78 7.40 24.84
N LYS B 148 -65.62 7.75 25.39
CA LYS B 148 -64.28 7.33 24.86
C LYS B 148 -64.16 5.80 24.90
N GLY B 149 -64.58 5.17 26.00
CA GLY B 149 -64.49 3.72 26.22
C GLY B 149 -65.13 2.91 25.09
N ASN B 150 -66.27 3.38 24.58
CA ASN B 150 -67.06 2.72 23.51
C ASN B 150 -66.26 2.74 22.20
N PHE B 151 -65.76 3.91 21.80
CA PHE B 151 -65.02 4.13 20.53
C PHE B 151 -63.71 3.33 20.55
N LEU B 152 -63.05 3.25 21.70
CA LEU B 152 -61.77 2.51 21.87
C LEU B 152 -62.00 1.02 21.62
N SER B 153 -63.11 0.47 22.11
CA SER B 153 -63.55 -0.94 21.89
C SER B 153 -63.73 -1.21 20.40
N ILE B 154 -64.38 -0.29 19.67
CA ILE B 154 -64.65 -0.38 18.21
C ILE B 154 -63.31 -0.30 17.46
N TRP B 155 -62.48 0.68 17.81
CA TRP B 155 -61.09 0.88 17.33
C TRP B 155 -60.33 -0.45 17.40
N ILE B 156 -60.32 -1.08 18.58
CA ILE B 156 -59.61 -2.37 18.86
C ILE B 156 -60.07 -3.43 17.85
N SER B 157 -61.39 -3.61 17.72
CA SER B 157 -62.04 -4.63 16.86
C SER B 157 -61.68 -4.37 15.38
N GLN B 158 -61.89 -3.13 14.90
CA GLN B 158 -61.63 -2.72 13.50
C GLN B 158 -60.16 -2.97 13.14
N ALA B 159 -59.24 -2.48 13.98
CA ALA B 159 -57.78 -2.64 13.81
C ALA B 159 -57.43 -4.13 13.75
N ASP B 160 -58.03 -4.95 14.62
CA ASP B 160 -57.85 -6.43 14.65
C ASP B 160 -58.27 -7.03 13.31
N ALA B 161 -59.49 -6.72 12.85
CA ALA B 161 -60.08 -7.25 11.59
C ALA B 161 -59.24 -6.82 10.39
N LEU B 162 -58.86 -5.54 10.32
CA LEU B 162 -58.07 -4.96 9.20
C LEU B 162 -56.74 -5.70 9.06
N TYR B 163 -56.06 -6.00 10.17
CA TYR B 163 -54.76 -6.72 10.16
C TYR B 163 -54.96 -8.15 9.65
N ILE B 164 -56.00 -8.84 10.13
CA ILE B 164 -56.34 -10.23 9.71
C ILE B 164 -56.52 -10.25 8.19
N ARG B 165 -57.24 -9.26 7.63
CA ARG B 165 -57.46 -9.10 6.17
C ARG B 165 -56.11 -9.02 5.44
N MET B 166 -55.22 -8.13 5.87
CA MET B 166 -53.87 -7.93 5.27
C MET B 166 -53.09 -9.24 5.33
N ARG B 167 -53.15 -9.93 6.48
CA ARG B 167 -52.38 -11.18 6.77
C ARG B 167 -52.90 -12.32 5.91
N ASN B 168 -54.20 -12.33 5.58
CA ASN B 168 -54.88 -13.41 4.81
C ASN B 168 -54.78 -13.13 3.31
N SER B 169 -54.50 -11.89 2.92
CA SER B 169 -54.34 -11.45 1.51
C SER B 169 -53.35 -12.37 0.78
N THR B 170 -53.55 -12.55 -0.53
CA THR B 170 -52.63 -13.28 -1.45
C THR B 170 -51.26 -12.57 -1.44
N ASN B 171 -51.28 -11.24 -1.43
CA ASN B 171 -50.07 -10.37 -1.46
C ASN B 171 -49.78 -9.81 -0.06
N ASN B 172 -49.84 -10.66 0.96
CA ASN B 172 -49.62 -10.28 2.39
C ASN B 172 -48.17 -9.82 2.59
N ILE B 173 -47.20 -10.46 1.92
CA ILE B 173 -45.74 -10.17 2.08
C ILE B 173 -45.43 -8.75 1.59
N HIS B 174 -46.24 -8.20 0.69
CA HIS B 174 -46.06 -6.85 0.08
C HIS B 174 -46.70 -5.78 0.98
N LEU B 175 -47.51 -6.19 1.96
CA LEU B 175 -48.24 -5.29 2.89
C LEU B 175 -47.51 -5.23 4.25
N LEU B 176 -46.33 -5.83 4.37
CA LEU B 176 -45.62 -6.00 5.68
C LEU B 176 -45.46 -4.64 6.40
N LEU B 177 -45.19 -3.55 5.67
CA LEU B 177 -45.06 -2.20 6.27
C LEU B 177 -46.45 -1.67 6.67
N HIS B 178 -47.49 -2.03 5.93
CA HIS B 178 -48.90 -1.70 6.25
C HIS B 178 -49.32 -2.45 7.52
N MET B 179 -48.77 -3.65 7.74
CA MET B 179 -48.99 -4.48 8.95
C MET B 179 -48.31 -3.83 10.16
N VAL B 180 -47.10 -3.26 9.98
CA VAL B 180 -46.40 -2.47 11.03
C VAL B 180 -47.34 -1.33 11.48
N THR B 181 -47.96 -0.64 10.52
CA THR B 181 -48.82 0.55 10.76
C THR B 181 -50.06 0.14 11.56
N VAL B 182 -50.77 -0.91 11.12
CA VAL B 182 -52.07 -1.35 11.70
C VAL B 182 -51.84 -1.97 13.09
N SER B 183 -50.80 -2.79 13.25
CA SER B 183 -50.41 -3.40 14.55
C SER B 183 -50.10 -2.30 15.57
N THR B 184 -49.44 -1.23 15.13
CA THR B 184 -49.10 -0.03 15.95
C THR B 184 -50.39 0.61 16.45
N LEU B 185 -51.37 0.81 15.56
CA LEU B 185 -52.69 1.39 15.89
C LEU B 185 -53.44 0.47 16.85
N HIS B 186 -53.37 -0.85 16.64
CA HIS B 186 -54.03 -1.88 17.48
C HIS B 186 -53.49 -1.81 18.91
N LEU B 187 -52.16 -1.94 19.07
CA LEU B 187 -51.49 -2.00 20.40
C LEU B 187 -51.59 -0.65 21.11
N ALA B 188 -51.62 0.45 20.36
CA ALA B 188 -51.84 1.82 20.88
C ALA B 188 -53.16 1.87 21.66
N ALA B 189 -54.23 1.32 21.08
CA ALA B 189 -55.59 1.26 21.67
C ALA B 189 -55.59 0.32 22.88
N LEU B 190 -54.94 -0.85 22.76
CA LEU B 190 -54.85 -1.85 23.86
C LEU B 190 -54.07 -1.26 25.03
N HIS B 191 -53.00 -0.51 24.74
CA HIS B 191 -52.17 0.21 25.76
C HIS B 191 -53.03 1.30 26.42
N GLU B 192 -53.74 2.09 25.61
CA GLU B 192 -54.64 3.19 26.07
C GLU B 192 -55.67 2.61 27.04
N ARG B 193 -56.25 1.45 26.70
CA ARG B 193 -57.35 0.79 27.47
C ARG B 193 -56.81 0.32 28.82
N LEU B 194 -55.60 -0.27 28.86
CA LEU B 194 -54.95 -0.73 30.11
C LEU B 194 -54.57 0.47 30.96
N THR B 195 -53.83 1.42 30.38
CA THR B 195 -53.27 2.63 31.05
C THR B 195 -54.39 3.41 31.72
N PHE B 196 -55.52 3.64 31.03
CA PHE B 196 -56.61 4.55 31.46
C PHE B 196 -57.94 3.79 31.62
N GLY B 197 -57.86 2.48 31.84
CA GLY B 197 -59.03 1.57 31.91
C GLY B 197 -60.02 1.96 32.99
N GLU B 198 -59.54 2.33 34.17
CA GLU B 198 -60.41 2.69 35.33
C GLU B 198 -61.07 4.04 35.06
N GLU B 199 -60.38 4.97 34.38
CA GLU B 199 -60.94 6.28 33.97
C GLU B 199 -62.02 6.09 32.90
N LEU B 200 -61.80 5.13 31.98
CA LEU B 200 -62.68 4.90 30.80
C LEU B 200 -63.92 4.09 31.18
N TYR B 201 -63.78 3.08 32.05
CA TYR B 201 -64.82 2.05 32.34
C TYR B 201 -65.27 2.11 33.80
N GLY B 202 -64.41 2.53 34.74
CA GLY B 202 -64.74 2.64 36.18
C GLY B 202 -64.39 1.38 36.95
N THR B 203 -64.58 0.21 36.33
CA THR B 203 -64.28 -1.12 36.92
C THR B 203 -62.76 -1.24 37.14
N ASN B 204 -62.33 -2.30 37.83
CA ASN B 204 -60.90 -2.71 37.93
C ASN B 204 -60.76 -4.06 37.22
N ASN B 205 -60.61 -4.02 35.89
CA ASN B 205 -60.49 -5.20 34.99
C ASN B 205 -59.07 -5.23 34.43
N SER B 206 -58.10 -4.74 35.20
CA SER B 206 -56.69 -4.51 34.77
C SER B 206 -56.00 -5.84 34.43
N THR B 207 -56.39 -6.94 35.09
CA THR B 207 -55.92 -8.32 34.78
C THR B 207 -56.31 -8.64 33.33
N ASN B 208 -57.57 -8.39 32.97
CA ASN B 208 -58.12 -8.63 31.60
C ASN B 208 -57.43 -7.70 30.60
N TRP B 209 -57.36 -6.39 30.91
CA TRP B 209 -56.75 -5.35 30.04
C TRP B 209 -55.27 -5.69 29.78
N THR B 210 -54.57 -6.17 30.81
CA THR B 210 -53.15 -6.62 30.72
C THR B 210 -53.06 -7.84 29.80
N ARG B 211 -53.87 -8.87 30.07
CA ARG B 211 -53.89 -10.15 29.29
C ARG B 211 -54.16 -9.84 27.81
N ASP B 212 -55.09 -8.92 27.52
CA ASP B 212 -55.49 -8.53 26.15
C ASP B 212 -54.29 -7.89 25.42
N LEU B 213 -53.58 -6.98 26.09
CA LEU B 213 -52.37 -6.31 25.52
C LEU B 213 -51.29 -7.38 25.26
N VAL B 214 -50.92 -8.14 26.29
CA VAL B 214 -49.88 -9.22 26.25
C VAL B 214 -50.17 -10.17 25.07
N ASP B 215 -51.42 -10.67 24.99
CA ASP B 215 -51.82 -11.69 23.99
C ASP B 215 -51.59 -11.15 22.58
N LYS B 216 -52.04 -9.92 22.29
CA LYS B 216 -51.92 -9.29 20.94
C LYS B 216 -50.46 -8.89 20.68
N PHE B 217 -49.72 -8.49 21.72
CA PHE B 217 -48.26 -8.26 21.64
C PHE B 217 -47.58 -9.55 21.16
N GLU B 218 -47.92 -10.68 21.80
CA GLU B 218 -47.35 -12.03 21.50
C GLU B 218 -47.68 -12.43 20.06
N THR B 219 -48.95 -12.33 19.66
CA THR B 219 -49.44 -12.76 18.32
C THR B 219 -48.64 -12.04 17.23
N TYR B 220 -48.41 -10.73 17.39
CA TYR B 220 -47.71 -9.88 16.40
C TYR B 220 -46.21 -10.19 16.40
N THR B 221 -45.55 -10.08 17.55
CA THR B 221 -44.05 -10.09 17.66
C THR B 221 -43.50 -11.51 17.64
N SER B 222 -44.28 -12.54 18.01
CA SER B 222 -43.81 -13.95 18.11
C SER B 222 -44.42 -14.84 17.03
N ASP B 223 -45.45 -14.39 16.32
CA ASP B 223 -46.20 -15.21 15.32
C ASP B 223 -46.32 -14.47 13.98
N LEU B 224 -47.22 -13.50 13.88
CA LEU B 224 -47.71 -12.95 12.57
C LEU B 224 -46.60 -12.20 11.83
N ILE B 225 -45.84 -11.33 12.51
CA ILE B 225 -44.74 -10.54 11.86
C ILE B 225 -43.62 -11.48 11.43
N PRO B 226 -43.06 -12.32 12.33
CA PRO B 226 -42.01 -13.27 11.93
C PRO B 226 -42.40 -14.24 10.80
N ASN B 227 -43.62 -14.81 10.86
CA ASN B 227 -44.09 -15.86 9.92
C ASN B 227 -44.30 -15.25 8.53
N VAL B 228 -44.90 -14.06 8.45
CA VAL B 228 -45.12 -13.32 7.17
C VAL B 228 -43.77 -12.87 6.62
N PHE B 229 -42.83 -12.49 7.49
CA PHE B 229 -41.44 -12.10 7.12
C PHE B 229 -40.72 -13.32 6.53
N LYS B 230 -40.92 -14.50 7.12
CA LYS B 230 -40.33 -15.79 6.63
C LYS B 230 -40.85 -16.07 5.21
N ARG B 231 -42.16 -15.94 4.98
CA ARG B 231 -42.79 -16.14 3.66
C ARG B 231 -42.19 -15.14 2.66
N TRP B 232 -42.09 -13.87 3.06
CA TRP B 232 -41.45 -12.79 2.26
C TRP B 232 -40.00 -13.18 1.93
N LYS B 233 -39.26 -13.71 2.91
CA LYS B 233 -37.82 -14.05 2.81
C LYS B 233 -37.61 -15.22 1.82
N GLU B 234 -38.59 -16.13 1.73
CA GLU B 234 -38.57 -17.27 0.78
C GLU B 234 -38.82 -16.76 -0.65
N TRP B 235 -39.65 -15.71 -0.78
CA TRP B 235 -40.08 -15.14 -2.08
C TRP B 235 -38.96 -14.29 -2.70
N ARG B 236 -38.32 -13.42 -1.91
CA ARG B 236 -37.42 -12.34 -2.42
C ARG B 236 -36.32 -12.92 -3.31
N PRO B 237 -35.61 -14.01 -2.91
CA PRO B 237 -34.55 -14.58 -3.74
C PRO B 237 -35.03 -15.14 -5.09
N THR B 238 -36.30 -15.56 -5.19
CA THR B 238 -36.88 -16.16 -6.43
C THR B 238 -36.90 -15.14 -7.56
N GLN B 239 -36.88 -13.83 -7.23
CA GLN B 239 -36.91 -12.71 -8.21
C GLN B 239 -35.51 -12.41 -8.74
N ILE B 240 -34.47 -13.08 -8.22
CA ILE B 240 -33.07 -13.00 -8.72
C ILE B 240 -32.78 -14.26 -9.53
N GLU B 241 -32.68 -14.14 -10.86
CA GLU B 241 -32.49 -15.29 -11.79
C GLU B 241 -31.03 -15.33 -12.24
N ILE B 242 -30.40 -16.51 -12.08
CA ILE B 242 -29.04 -16.83 -12.59
C ILE B 242 -29.21 -17.61 -13.90
N SER B 243 -28.66 -17.10 -15.00
CA SER B 243 -28.60 -17.74 -16.33
C SER B 243 -27.14 -18.07 -16.66
N ALA B 244 -26.89 -19.29 -17.15
CA ALA B 244 -25.56 -19.75 -17.61
C ALA B 244 -25.72 -20.54 -18.90
N TRP B 245 -24.94 -20.19 -19.94
CA TRP B 245 -24.99 -20.86 -21.26
C TRP B 245 -23.63 -20.75 -21.97
N VAL B 246 -23.50 -21.45 -23.10
CA VAL B 246 -22.25 -21.53 -23.92
C VAL B 246 -22.63 -21.40 -25.39
N ARG B 247 -21.72 -20.84 -26.20
CA ARG B 247 -21.72 -21.00 -27.68
C ARG B 247 -20.43 -21.73 -28.07
N ARG B 248 -20.58 -22.95 -28.61
CA ARG B 248 -19.44 -23.77 -29.11
C ARG B 248 -18.71 -22.99 -30.21
N GLY B 249 -17.38 -23.06 -30.22
CA GLY B 249 -16.52 -22.47 -31.27
C GLY B 249 -16.84 -23.06 -32.64
N SER B 250 -16.56 -22.31 -33.70
CA SER B 250 -16.85 -22.69 -35.11
C SER B 250 -15.70 -22.28 -36.03
N CYS B 251 -15.11 -23.24 -36.74
CA CYS B 251 -14.11 -23.02 -37.82
C CYS B 251 -14.84 -22.95 -39.17
N GLY B 252 -14.76 -21.80 -39.84
CA GLY B 252 -15.36 -21.55 -41.16
C GLY B 252 -14.39 -20.86 -42.09
N ASN B 253 -14.91 -19.99 -42.97
CA ASN B 253 -14.10 -19.17 -43.91
C ASN B 253 -13.64 -17.91 -43.17
N LEU B 254 -12.35 -17.87 -42.79
CA LEU B 254 -11.59 -16.68 -42.31
C LEU B 254 -10.83 -17.01 -41.02
N THR B 255 -11.49 -17.62 -40.03
CA THR B 255 -10.90 -17.91 -38.69
C THR B 255 -11.55 -19.13 -38.03
N CYS B 256 -10.94 -19.58 -36.93
CA CYS B 256 -11.51 -20.55 -35.95
C CYS B 256 -11.96 -19.77 -34.70
N ARG B 257 -13.26 -19.50 -34.58
CA ARG B 257 -13.87 -18.76 -33.44
C ARG B 257 -13.85 -19.67 -32.21
N PRO B 258 -13.45 -19.15 -31.03
CA PRO B 258 -13.35 -19.96 -29.82
C PRO B 258 -14.71 -20.22 -29.15
N ASP B 259 -14.78 -21.22 -28.28
CA ASP B 259 -15.88 -21.40 -27.30
C ASP B 259 -16.01 -20.12 -26.46
N VAL B 260 -17.23 -19.76 -26.09
CA VAL B 260 -17.50 -18.64 -25.12
C VAL B 260 -18.55 -19.14 -24.12
N SER B 261 -18.18 -19.15 -22.83
CA SER B 261 -19.07 -19.46 -21.68
C SER B 261 -19.62 -18.14 -21.10
N TYR B 262 -20.93 -18.06 -20.86
CA TYR B 262 -21.65 -16.86 -20.37
C TYR B 262 -22.43 -17.20 -19.10
N ALA B 263 -22.66 -16.18 -18.26
CA ALA B 263 -23.57 -16.22 -17.11
C ALA B 263 -24.02 -14.79 -16.76
N THR B 264 -25.25 -14.65 -16.27
CA THR B 264 -25.83 -13.37 -15.80
C THR B 264 -26.59 -13.61 -14.50
N VAL B 265 -26.52 -12.65 -13.57
CA VAL B 265 -27.36 -12.61 -12.34
C VAL B 265 -28.13 -11.29 -12.36
N GLU B 266 -29.45 -11.39 -12.45
CA GLU B 266 -30.37 -10.22 -12.57
C GLU B 266 -31.40 -10.27 -11.44
N ASP B 267 -31.50 -9.18 -10.67
CA ASP B 267 -32.56 -8.96 -9.66
C ASP B 267 -33.71 -8.22 -10.35
N LYS B 268 -34.88 -8.86 -10.47
CA LYS B 268 -36.07 -8.31 -11.17
C LYS B 268 -36.66 -7.14 -10.37
N ILE B 269 -36.44 -7.12 -9.05
CA ILE B 269 -36.93 -6.05 -8.13
C ILE B 269 -36.06 -4.80 -8.32
N SER B 270 -34.82 -4.84 -7.86
CA SER B 270 -33.87 -3.70 -7.84
C SER B 270 -33.44 -3.34 -9.28
N GLY B 271 -33.41 -4.32 -10.18
CA GLY B 271 -33.01 -4.14 -11.59
C GLY B 271 -31.50 -4.30 -11.78
N ALA B 272 -30.75 -4.59 -10.71
CA ALA B 272 -29.28 -4.78 -10.74
C ALA B 272 -28.93 -5.97 -11.65
N LEU B 273 -27.95 -5.79 -12.53
CA LEU B 273 -27.52 -6.79 -13.54
C LEU B 273 -25.99 -6.93 -13.48
N PHE B 274 -25.50 -8.17 -13.34
CA PHE B 274 -24.05 -8.51 -13.41
C PHE B 274 -23.86 -9.62 -14.46
N SER B 275 -22.98 -9.35 -15.43
CA SER B 275 -22.73 -10.21 -16.62
C SER B 275 -21.29 -10.71 -16.60
N PHE B 276 -21.10 -11.98 -16.94
CA PHE B 276 -19.78 -12.66 -17.03
C PHE B 276 -19.68 -13.36 -18.38
N GLN B 277 -18.47 -13.42 -18.95
CA GLN B 277 -18.14 -14.26 -20.13
C GLN B 277 -16.65 -14.56 -20.13
N ALA B 278 -16.27 -15.72 -20.66
CA ALA B 278 -14.86 -16.17 -20.79
C ALA B 278 -14.71 -16.98 -22.08
N THR B 279 -13.71 -16.65 -22.90
CA THR B 279 -13.40 -17.33 -24.18
C THR B 279 -12.47 -18.52 -23.90
N ASN B 280 -12.38 -19.45 -24.86
CA ASN B 280 -11.54 -20.68 -24.80
C ASN B 280 -11.97 -21.53 -23.60
N ARG B 281 -13.24 -21.45 -23.22
CA ARG B 281 -13.86 -22.26 -22.13
C ARG B 281 -15.27 -22.66 -22.56
N ASN B 282 -15.66 -23.90 -22.27
CA ASN B 282 -17.00 -24.47 -22.55
C ASN B 282 -17.54 -25.05 -21.24
N SER B 283 -18.21 -24.22 -20.44
CA SER B 283 -18.70 -24.56 -19.09
C SER B 283 -19.93 -23.72 -18.75
N THR B 284 -20.98 -24.37 -18.24
CA THR B 284 -22.23 -23.72 -17.76
C THR B 284 -22.18 -23.59 -16.23
N THR B 285 -21.10 -24.06 -15.60
CA THR B 285 -20.91 -24.08 -14.12
C THR B 285 -19.82 -23.09 -13.67
N LEU B 286 -19.02 -22.57 -14.61
CA LEU B 286 -17.80 -21.75 -14.33
C LEU B 286 -18.15 -20.53 -13.47
N PHE B 287 -19.30 -19.89 -13.72
CA PHE B 287 -19.71 -18.57 -13.17
C PHE B 287 -20.83 -18.71 -12.14
N LEU B 288 -21.20 -19.93 -11.74
CA LEU B 288 -22.35 -20.17 -10.82
C LEU B 288 -21.99 -19.65 -9.42
N GLU B 289 -20.78 -19.95 -8.94
CA GLU B 289 -20.28 -19.60 -7.58
C GLU B 289 -20.35 -18.07 -7.39
N VAL B 290 -19.80 -17.30 -8.32
CA VAL B 290 -19.73 -15.81 -8.27
C VAL B 290 -21.14 -15.23 -8.43
N CYS B 291 -21.98 -15.85 -9.28
CA CYS B 291 -23.40 -15.44 -9.50
C CYS B 291 -24.21 -15.68 -8.24
N GLU B 292 -23.99 -16.82 -7.56
CA GLU B 292 -24.69 -17.19 -6.30
C GLU B 292 -24.25 -16.23 -5.19
N ASP B 293 -22.98 -15.85 -5.17
CA ASP B 293 -22.41 -14.87 -4.22
C ASP B 293 -23.10 -13.51 -4.39
N HIS B 294 -23.26 -13.06 -5.64
CA HIS B 294 -24.00 -11.81 -5.99
C HIS B 294 -25.44 -11.90 -5.50
N LYS B 295 -26.08 -13.06 -5.68
CA LYS B 295 -27.49 -13.30 -5.26
C LYS B 295 -27.58 -13.20 -3.74
N THR B 296 -26.70 -13.90 -3.01
CA THR B 296 -26.56 -13.82 -1.54
C THR B 296 -26.44 -12.36 -1.10
N ARG B 297 -25.55 -11.61 -1.75
CA ARG B 297 -25.27 -10.17 -1.47
C ARG B 297 -26.57 -9.36 -1.65
N MET B 298 -27.27 -9.54 -2.77
CA MET B 298 -28.53 -8.83 -3.10
C MET B 298 -29.60 -9.18 -2.06
N VAL B 299 -29.65 -10.45 -1.65
CA VAL B 299 -30.63 -10.98 -0.65
C VAL B 299 -30.28 -10.39 0.73
N ASN B 300 -28.99 -10.37 1.10
CA ASN B 300 -28.48 -9.69 2.32
C ASN B 300 -29.04 -8.26 2.38
N GLU B 301 -28.83 -7.48 1.31
CA GLU B 301 -29.27 -6.06 1.21
C GLU B 301 -30.79 -5.98 1.37
N ALA B 302 -31.54 -6.87 0.71
CA ALA B 302 -33.02 -6.94 0.73
C ALA B 302 -33.52 -7.25 2.15
N ILE B 303 -32.94 -8.27 2.80
CA ILE B 303 -33.34 -8.73 4.16
C ILE B 303 -33.09 -7.60 5.19
N ALA B 304 -31.93 -6.95 5.10
CA ALA B 304 -31.53 -5.82 5.98
C ALA B 304 -32.55 -4.68 5.84
N ASP B 305 -32.92 -4.35 4.59
CA ASP B 305 -33.92 -3.28 4.28
C ASP B 305 -35.26 -3.60 4.94
N MET B 306 -35.76 -4.81 4.75
CA MET B 306 -37.08 -5.26 5.28
C MET B 306 -37.03 -5.27 6.82
N ALA B 307 -36.00 -5.91 7.39
CA ALA B 307 -35.74 -5.95 8.85
C ALA B 307 -35.85 -4.54 9.43
N SER B 308 -35.20 -3.56 8.78
CA SER B 308 -35.23 -2.11 9.16
C SER B 308 -36.68 -1.63 9.23
N CYS B 309 -37.46 -1.89 8.16
CA CYS B 309 -38.87 -1.44 8.02
C CYS B 309 -39.76 -2.08 9.09
N LEU B 310 -39.41 -3.29 9.57
CA LEU B 310 -40.18 -4.03 10.61
C LEU B 310 -39.72 -3.62 12.01
N SER B 311 -38.55 -2.98 12.14
CA SER B 311 -37.87 -2.69 13.43
C SER B 311 -38.73 -1.84 14.37
N PRO B 312 -39.60 -0.93 13.89
CA PRO B 312 -40.52 -0.21 14.78
C PRO B 312 -41.37 -1.12 15.69
N THR B 313 -41.67 -2.35 15.24
CA THR B 313 -42.48 -3.35 15.99
C THR B 313 -41.67 -3.90 17.17
N PHE B 314 -40.35 -3.70 17.19
CA PHE B 314 -39.45 -4.16 18.27
C PHE B 314 -39.61 -3.29 19.52
N ALA B 315 -40.28 -2.12 19.37
CA ALA B 315 -40.56 -1.15 20.45
C ALA B 315 -41.93 -1.42 21.09
N PHE B 316 -42.72 -2.34 20.53
CA PHE B 316 -44.03 -2.78 21.10
C PHE B 316 -43.81 -3.28 22.53
N HIS B 317 -42.68 -3.97 22.75
CA HIS B 317 -42.23 -4.50 24.07
C HIS B 317 -42.32 -3.43 25.16
N LYS B 318 -42.01 -2.17 24.81
CA LYS B 318 -41.94 -1.03 25.78
C LYS B 318 -43.34 -0.58 26.19
N LEU B 319 -44.40 -1.06 25.53
CA LEU B 319 -45.82 -0.78 25.89
C LEU B 319 -46.25 -1.71 27.04
N LEU B 320 -45.56 -2.84 27.23
CA LEU B 320 -45.87 -3.80 28.32
C LEU B 320 -45.49 -3.18 29.66
N PRO B 321 -46.33 -3.33 30.71
CA PRO B 321 -45.98 -2.90 32.05
C PRO B 321 -44.57 -3.35 32.46
N ASP B 322 -43.82 -2.46 33.10
CA ASP B 322 -42.38 -2.64 33.45
C ASP B 322 -42.18 -3.97 34.19
N ASP B 323 -43.12 -4.33 35.06
CA ASP B 323 -43.01 -5.49 35.99
C ASP B 323 -43.10 -6.83 35.24
N ILE B 324 -43.52 -6.85 33.97
CA ILE B 324 -43.64 -8.09 33.16
C ILE B 324 -42.79 -8.01 31.88
N GLN B 325 -42.05 -6.92 31.66
CA GLN B 325 -41.22 -6.73 30.43
C GLN B 325 -40.14 -7.83 30.34
N THR B 326 -39.62 -8.30 31.47
CA THR B 326 -38.53 -9.32 31.54
C THR B 326 -39.07 -10.71 31.17
N GLN B 327 -40.39 -10.87 31.04
CA GLN B 327 -41.06 -12.16 30.74
C GLN B 327 -41.20 -12.36 29.22
N PHE B 328 -40.85 -11.36 28.41
CA PHE B 328 -41.07 -11.37 26.93
C PHE B 328 -39.83 -10.89 26.18
N SER B 329 -39.55 -11.50 25.03
CA SER B 329 -38.55 -11.06 24.04
C SER B 329 -39.10 -9.86 23.27
N PRO B 330 -38.30 -8.79 23.05
CA PRO B 330 -38.76 -7.65 22.26
C PRO B 330 -38.97 -7.96 20.76
N TYR B 331 -38.25 -8.96 20.23
CA TYR B 331 -38.36 -9.39 18.81
C TYR B 331 -37.89 -10.85 18.67
N ASP B 332 -38.26 -11.48 17.56
CA ASP B 332 -37.82 -12.85 17.16
C ASP B 332 -36.34 -12.77 16.76
N ARG B 333 -35.43 -13.33 17.58
CA ARG B 333 -33.96 -13.21 17.38
C ARG B 333 -33.53 -13.99 16.14
N GLN B 334 -34.15 -15.14 15.83
CA GLN B 334 -33.79 -15.97 14.65
C GLN B 334 -33.96 -15.12 13.38
N GLN B 335 -35.08 -14.39 13.27
CA GLN B 335 -35.44 -13.61 12.07
C GLN B 335 -34.68 -12.28 12.04
N PHE B 336 -34.64 -11.57 13.17
CA PHE B 336 -34.27 -10.12 13.23
C PHE B 336 -32.97 -9.88 14.02
N GLY B 337 -32.48 -10.88 14.75
CA GLY B 337 -31.28 -10.74 15.61
C GLY B 337 -30.05 -10.35 14.83
N GLN B 338 -29.91 -10.87 13.60
CA GLN B 338 -28.71 -10.70 12.74
C GLN B 338 -29.18 -10.42 11.30
N VAL B 339 -28.77 -9.28 10.75
CA VAL B 339 -28.94 -8.92 9.31
C VAL B 339 -27.58 -8.42 8.81
N PHE B 340 -27.40 -8.39 7.49
CA PHE B 340 -26.09 -8.18 6.82
C PHE B 340 -26.23 -7.17 5.68
N ARG B 341 -25.20 -6.34 5.49
CA ARG B 341 -24.96 -5.53 4.27
C ARG B 341 -23.58 -5.91 3.72
N GLY B 342 -23.42 -5.84 2.39
CA GLY B 342 -22.29 -6.42 1.67
C GLY B 342 -22.51 -7.90 1.39
N PRO B 343 -21.47 -8.69 1.03
CA PRO B 343 -20.09 -8.25 1.13
C PRO B 343 -19.70 -7.17 0.10
N TYR B 344 -18.55 -6.53 0.32
CA TYR B 344 -17.96 -5.46 -0.52
C TYR B 344 -16.56 -5.87 -0.96
N SER B 345 -16.22 -5.66 -2.24
CA SER B 345 -14.89 -5.88 -2.83
C SER B 345 -14.80 -5.16 -4.18
N GLN B 346 -13.57 -4.93 -4.67
CA GLN B 346 -13.31 -4.38 -6.02
C GLN B 346 -14.01 -5.25 -7.07
N ASP B 347 -13.89 -6.57 -6.95
CA ASP B 347 -14.50 -7.56 -7.89
C ASP B 347 -16.02 -7.47 -7.86
N LEU B 348 -16.63 -7.31 -6.68
CA LEU B 348 -18.12 -7.33 -6.51
C LEU B 348 -18.75 -6.06 -7.11
N SER B 349 -17.97 -5.02 -7.38
CA SER B 349 -18.45 -3.71 -7.90
C SER B 349 -18.50 -3.71 -9.44
N HIS B 350 -17.73 -4.58 -10.11
CA HIS B 350 -17.60 -4.60 -11.59
C HIS B 350 -18.86 -5.18 -12.22
N GLY B 351 -19.36 -4.53 -13.28
CA GLY B 351 -20.68 -4.80 -13.90
C GLY B 351 -20.62 -5.85 -14.99
N LEU B 352 -19.60 -5.82 -15.86
CA LEU B 352 -19.52 -6.69 -17.06
C LEU B 352 -18.09 -7.21 -17.22
N TRP B 353 -17.89 -8.52 -16.99
CA TRP B 353 -16.60 -9.23 -17.09
C TRP B 353 -16.45 -9.86 -18.48
N THR B 354 -15.28 -9.74 -19.10
CA THR B 354 -14.91 -10.37 -20.40
C THR B 354 -13.85 -11.46 -20.19
N ALA B 355 -13.38 -11.66 -18.95
CA ALA B 355 -12.34 -12.65 -18.59
C ALA B 355 -12.70 -13.32 -17.26
N PHE B 356 -12.19 -14.53 -17.02
CA PHE B 356 -12.43 -15.30 -15.78
C PHE B 356 -11.33 -15.00 -14.75
N LYS B 357 -11.73 -14.46 -13.60
CA LYS B 357 -10.87 -14.16 -12.43
C LYS B 357 -11.28 -15.08 -11.29
N ASN B 358 -10.34 -15.38 -10.37
CA ASN B 358 -10.65 -15.99 -9.05
C ASN B 358 -11.36 -14.91 -8.21
N PHE B 359 -12.66 -14.73 -8.45
CA PHE B 359 -13.48 -13.62 -7.92
C PHE B 359 -13.46 -13.64 -6.39
N ARG B 360 -13.18 -12.48 -5.79
CA ARG B 360 -13.25 -12.24 -4.32
C ARG B 360 -14.66 -11.75 -4.00
N SER B 361 -15.62 -12.68 -3.91
CA SER B 361 -17.07 -12.43 -3.98
C SER B 361 -17.78 -12.75 -2.65
N ARG B 362 -17.05 -13.26 -1.64
CA ARG B 362 -17.63 -13.50 -0.29
C ARG B 362 -16.53 -13.53 0.78
N THR B 363 -16.94 -13.33 2.03
CA THR B 363 -16.08 -13.39 3.24
C THR B 363 -15.79 -14.86 3.56
N THR B 364 -14.62 -15.14 4.12
CA THR B 364 -14.13 -16.51 4.44
C THR B 364 -13.82 -16.62 5.94
N ARG B 365 -14.04 -15.54 6.71
CA ARG B 365 -13.73 -15.46 8.15
C ARG B 365 -14.72 -14.51 8.83
N SER B 366 -15.35 -14.97 9.91
CA SER B 366 -16.35 -14.20 10.71
C SER B 366 -15.77 -13.88 12.09
N ASP B 367 -16.07 -12.69 12.60
CA ASP B 367 -15.71 -12.23 13.97
C ASP B 367 -16.66 -12.90 14.96
N GLN B 368 -16.36 -12.82 16.26
CA GLN B 368 -17.29 -13.22 17.35
C GLN B 368 -18.61 -12.47 17.17
N THR B 369 -19.73 -13.06 17.63
CA THR B 369 -21.09 -12.46 17.59
C THR B 369 -21.72 -12.41 18.99
N LEU B 370 -21.11 -13.05 20.00
CA LEU B 370 -21.69 -13.21 21.36
C LEU B 370 -21.97 -11.83 21.97
N ARG B 371 -20.95 -10.96 21.99
CA ARG B 371 -21.08 -9.51 22.32
C ARG B 371 -21.59 -8.79 21.07
N ASP B 372 -22.58 -7.89 21.23
CA ASP B 372 -23.27 -7.20 20.10
C ASP B 372 -23.20 -5.67 20.29
N ARG B 373 -22.24 -5.19 21.09
CA ARG B 373 -21.97 -3.75 21.30
C ARG B 373 -20.48 -3.47 21.05
N ILE B 374 -20.18 -2.56 20.14
CA ILE B 374 -18.79 -2.12 19.77
C ILE B 374 -18.43 -0.90 20.61
N LEU B 375 -17.32 -0.95 21.34
CA LEU B 375 -16.80 0.16 22.19
C LEU B 375 -15.75 0.95 21.41
N GLU B 376 -14.90 0.26 20.65
CA GLU B 376 -13.79 0.86 19.85
C GLU B 376 -13.66 0.14 18.51
N VAL B 377 -13.08 0.82 17.53
CA VAL B 377 -12.59 0.26 16.24
C VAL B 377 -11.11 0.62 16.11
N ILE B 378 -10.25 -0.40 15.99
CA ILE B 378 -8.79 -0.23 15.79
C ILE B 378 -8.50 -0.42 14.29
N ILE B 379 -7.91 0.59 13.66
CA ILE B 379 -7.54 0.59 12.21
C ILE B 379 -6.04 0.90 12.12
N ARG B 380 -5.25 -0.08 11.68
CA ARG B 380 -3.84 0.12 11.23
C ARG B 380 -3.89 0.46 9.73
N ALA B 381 -3.16 1.50 9.31
CA ALA B 381 -3.19 2.03 7.93
C ALA B 381 -1.83 2.64 7.56
N GLY B 382 -1.39 2.38 6.33
CA GLY B 382 -0.33 3.12 5.63
C GLY B 382 -0.87 3.67 4.32
N HIS B 383 -0.37 3.19 3.18
CA HIS B 383 -0.91 3.47 1.83
C HIS B 383 -2.29 2.82 1.70
N HIS B 384 -2.42 1.58 2.20
CA HIS B 384 -3.70 0.82 2.29
C HIS B 384 -4.07 0.62 3.76
N VAL B 385 -5.20 -0.06 4.02
CA VAL B 385 -5.61 -0.54 5.38
C VAL B 385 -4.79 -1.79 5.70
N ASP B 386 -4.05 -1.76 6.81
CA ASP B 386 -3.16 -2.86 7.26
C ASP B 386 -3.96 -3.85 8.12
N ALA B 387 -4.77 -3.34 9.06
CA ALA B 387 -5.53 -4.17 10.02
C ALA B 387 -6.83 -3.47 10.43
N ILE B 388 -7.87 -4.27 10.70
CA ILE B 388 -9.14 -3.81 11.35
C ILE B 388 -9.43 -4.78 12.51
N GLN B 389 -9.73 -4.22 13.68
CA GLN B 389 -10.22 -4.98 14.86
C GLN B 389 -11.37 -4.20 15.48
N PHE B 390 -12.55 -4.83 15.56
CA PHE B 390 -13.68 -4.39 16.41
C PHE B 390 -13.36 -4.77 17.85
N VAL B 391 -13.55 -3.85 18.79
CA VAL B 391 -13.43 -4.09 20.26
C VAL B 391 -14.81 -3.94 20.88
N TYR B 392 -15.36 -5.04 21.41
CA TYR B 392 -16.74 -5.14 21.93
C TYR B 392 -16.74 -4.94 23.45
N ASP B 393 -17.94 -4.88 24.03
CA ASP B 393 -18.15 -4.74 25.49
C ASP B 393 -17.88 -6.10 26.16
N HIS B 394 -18.07 -6.17 27.47
CA HIS B 394 -17.80 -7.36 28.33
C HIS B 394 -18.85 -7.39 29.43
N SER B 395 -19.19 -8.58 29.94
CA SER B 395 -20.08 -8.78 31.12
C SER B 395 -19.66 -7.79 32.22
N ASN B 396 -18.36 -7.72 32.49
CA ASN B 396 -17.71 -6.68 33.34
C ASN B 396 -17.59 -5.39 32.53
N PRO B 397 -18.34 -4.33 32.88
CA PRO B 397 -18.36 -3.10 32.06
C PRO B 397 -17.02 -2.34 32.10
N ASN B 398 -16.14 -2.68 33.04
CA ASN B 398 -14.77 -2.11 33.17
C ASN B 398 -13.85 -2.72 32.10
N LEU B 399 -14.15 -3.93 31.62
CA LEU B 399 -13.32 -4.68 30.66
C LEU B 399 -13.87 -4.52 29.23
N THR B 400 -13.17 -5.09 28.25
CA THR B 400 -13.52 -5.13 26.81
C THR B 400 -13.30 -6.55 26.28
N THR B 401 -13.91 -6.87 25.14
CA THR B 401 -13.74 -8.16 24.40
C THR B 401 -13.09 -7.85 23.05
N PRO B 402 -11.75 -7.98 22.94
CA PRO B 402 -11.06 -7.78 21.66
C PRO B 402 -11.58 -8.74 20.58
N GLY B 403 -11.95 -8.20 19.41
CA GLY B 403 -12.39 -8.99 18.25
C GLY B 403 -11.23 -9.67 17.56
N THR B 404 -11.51 -10.46 16.52
CA THR B 404 -10.49 -11.06 15.63
C THR B 404 -9.76 -9.93 14.91
N VAL B 405 -8.43 -9.98 14.87
CA VAL B 405 -7.57 -9.03 14.10
C VAL B 405 -7.55 -9.50 12.64
N ALA B 406 -8.20 -8.71 11.75
CA ALA B 406 -8.11 -8.87 10.28
C ALA B 406 -6.88 -8.11 9.78
N GLY B 407 -6.04 -8.78 8.98
CA GLY B 407 -4.93 -8.15 8.25
C GLY B 407 -3.59 -8.28 8.97
N ASN B 408 -2.75 -7.25 8.84
CA ASN B 408 -1.33 -7.22 9.31
C ASN B 408 -1.25 -6.36 10.57
N ALA B 409 -1.05 -7.00 11.73
CA ALA B 409 -1.10 -6.39 13.08
C ALA B 409 0.10 -5.47 13.34
N ALA B 410 1.18 -5.61 12.57
CA ALA B 410 2.46 -4.87 12.74
C ALA B 410 2.56 -3.67 11.78
N GLY B 411 1.82 -3.71 10.66
CA GLY B 411 1.98 -2.75 9.54
C GLY B 411 1.26 -1.43 9.80
N GLY B 412 1.79 -0.34 9.23
CA GLY B 412 1.16 0.99 9.23
C GLY B 412 1.12 1.65 10.61
N THR B 413 0.26 2.65 10.77
CA THR B 413 0.04 3.41 12.04
C THR B 413 -1.28 2.95 12.66
N ARG B 414 -1.29 2.74 13.99
CA ARG B 414 -2.46 2.24 14.76
C ARG B 414 -3.34 3.44 15.16
N HIS B 415 -4.61 3.41 14.74
CA HIS B 415 -5.66 4.41 15.10
C HIS B 415 -6.72 3.72 15.96
N GLN B 416 -6.87 4.16 17.21
CA GLN B 416 -7.92 3.67 18.15
C GLN B 416 -9.07 4.68 18.14
N VAL B 417 -10.19 4.35 17.50
CA VAL B 417 -11.42 5.20 17.45
C VAL B 417 -12.37 4.72 18.55
N ASP B 418 -12.48 5.49 19.63
CA ASP B 418 -13.46 5.27 20.73
C ASP B 418 -14.85 5.62 20.21
N VAL B 419 -15.76 4.63 20.16
CA VAL B 419 -17.15 4.79 19.63
C VAL B 419 -18.15 4.59 20.76
N ARG B 420 -17.69 4.64 22.02
CA ARG B 420 -18.56 4.83 23.21
C ARG B 420 -19.20 6.22 23.08
N ASP B 421 -20.53 6.28 23.05
CA ASP B 421 -21.34 7.54 23.05
C ASP B 421 -21.39 8.15 21.65
N ARG B 422 -20.77 7.53 20.63
CA ARG B 422 -20.98 7.88 19.20
C ARG B 422 -21.08 6.60 18.37
N PRO B 423 -22.30 6.00 18.29
CA PRO B 423 -22.56 4.87 17.40
C PRO B 423 -22.17 5.14 15.94
N ILE B 424 -21.71 4.10 15.24
CA ILE B 424 -21.37 4.12 13.79
C ILE B 424 -22.68 4.10 12.99
N GLN B 425 -22.90 5.08 12.11
CA GLN B 425 -24.08 5.15 11.21
C GLN B 425 -23.69 4.61 9.83
N GLU B 426 -22.50 4.94 9.33
CA GLU B 426 -21.98 4.51 8.01
C GLU B 426 -20.49 4.21 8.06
N LEU B 427 -20.04 3.24 7.25
CA LEU B 427 -18.61 2.96 6.93
C LEU B 427 -18.37 3.19 5.44
N ARG B 428 -17.37 3.99 5.09
CA ARG B 428 -16.94 4.21 3.69
C ARG B 428 -15.64 3.45 3.44
N MET B 429 -15.64 2.58 2.43
CA MET B 429 -14.49 1.75 2.00
C MET B 429 -14.05 2.21 0.60
N GLU B 430 -12.75 2.45 0.43
CA GLU B 430 -12.12 2.62 -0.90
C GLU B 430 -11.33 1.35 -1.22
N PHE B 431 -11.47 0.84 -2.44
CA PHE B 431 -10.69 -0.31 -2.96
C PHE B 431 -9.73 0.21 -4.04
N SER B 432 -8.48 -0.24 -3.97
CA SER B 432 -7.42 -0.03 -5.00
C SER B 432 -6.51 -1.25 -5.04
N GLN B 433 -6.10 -1.67 -6.24
CA GLN B 433 -5.16 -2.79 -6.48
C GLN B 433 -5.75 -4.09 -5.88
N ASP B 434 -7.09 -4.20 -5.90
CA ASP B 434 -7.86 -5.42 -5.53
C ASP B 434 -7.92 -5.61 -4.00
N VAL B 435 -7.59 -4.59 -3.22
CA VAL B 435 -7.63 -4.65 -1.72
C VAL B 435 -8.27 -3.37 -1.18
N LEU B 436 -8.61 -3.37 0.11
CA LEU B 436 -9.16 -2.20 0.84
C LEU B 436 -8.04 -1.16 1.03
N ALA B 437 -8.22 0.03 0.45
CA ALA B 437 -7.23 1.13 0.43
C ALA B 437 -7.42 2.03 1.65
N SER B 438 -8.66 2.29 2.05
CA SER B 438 -9.00 3.18 3.18
C SER B 438 -10.33 2.79 3.84
N LEU B 439 -10.52 3.24 5.07
CA LEU B 439 -11.79 3.14 5.84
C LEU B 439 -12.04 4.49 6.52
N GLN B 440 -13.31 4.92 6.57
CA GLN B 440 -13.76 6.16 7.26
C GLN B 440 -15.10 5.89 7.95
N LEU B 441 -15.24 6.32 9.20
CA LEU B 441 -16.46 6.10 10.02
C LEU B 441 -17.32 7.37 10.02
N HIS B 442 -18.62 7.23 9.78
CA HIS B 442 -19.63 8.31 9.88
C HIS B 442 -20.56 8.00 11.06
N PHE B 443 -20.62 8.90 12.05
CA PHE B 443 -21.29 8.67 13.36
C PHE B 443 -22.75 9.14 13.28
N GLU B 444 -23.55 8.72 14.27
CA GLU B 444 -25.01 8.95 14.38
C GLU B 444 -25.32 10.46 14.32
N ASP B 445 -24.51 11.30 14.97
CA ASP B 445 -24.74 12.77 15.07
C ASP B 445 -24.29 13.48 13.78
N GLY B 446 -23.65 12.76 12.85
CA GLY B 446 -23.26 13.29 11.52
C GLY B 446 -21.79 13.67 11.45
N THR B 447 -21.09 13.71 12.58
CA THR B 447 -19.61 13.90 12.64
C THR B 447 -18.96 12.65 12.06
N SER B 448 -17.67 12.71 11.73
CA SER B 448 -16.91 11.60 11.11
C SER B 448 -15.46 11.58 11.62
N THR B 449 -14.77 10.48 11.38
CA THR B 449 -13.30 10.35 11.55
C THR B 449 -12.61 10.85 10.28
N ARG B 450 -11.29 11.04 10.37
CA ARG B 450 -10.35 11.08 9.21
C ARG B 450 -10.60 9.83 8.34
N LYS B 451 -10.30 9.92 7.05
CA LYS B 451 -10.12 8.74 6.16
C LYS B 451 -8.76 8.11 6.49
N PHE B 452 -8.75 6.84 6.90
CA PHE B 452 -7.53 6.08 7.31
C PHE B 452 -7.05 5.24 6.12
N GLY B 453 -5.89 5.61 5.54
CA GLY B 453 -5.28 4.97 4.36
C GLY B 453 -5.59 5.72 3.08
N ASN B 454 -4.80 5.50 2.03
CA ASN B 454 -4.98 6.09 0.68
C ASN B 454 -5.05 7.62 0.79
N GLU B 455 -4.11 8.22 1.52
CA GLU B 455 -4.06 9.69 1.77
C GLU B 455 -3.97 10.44 0.43
N LEU B 456 -3.08 10.00 -0.45
CA LEU B 456 -2.64 10.75 -1.67
C LEU B 456 -3.20 10.11 -2.94
N GLY B 457 -3.59 8.83 -2.88
CA GLY B 457 -3.86 7.99 -4.06
C GLY B 457 -5.27 8.13 -4.60
N TRP B 458 -5.53 7.49 -5.73
CA TRP B 458 -6.85 7.46 -6.44
C TRP B 458 -7.58 6.17 -6.06
N ALA B 459 -8.84 6.28 -5.61
CA ALA B 459 -9.71 5.13 -5.28
C ALA B 459 -10.32 4.59 -6.58
N THR B 460 -10.11 3.30 -6.87
CA THR B 460 -10.74 2.57 -8.01
C THR B 460 -12.25 2.45 -7.75
N ARG B 461 -12.62 2.07 -6.54
CA ARG B 461 -14.04 1.92 -6.09
C ARG B 461 -14.21 2.56 -4.72
N ILE B 462 -15.36 3.22 -4.53
CA ILE B 462 -15.81 3.82 -3.24
C ILE B 462 -17.18 3.24 -2.91
N LEU B 463 -17.30 2.55 -1.78
CA LEU B 463 -18.55 1.90 -1.31
C LEU B 463 -18.90 2.40 0.09
N THR B 464 -20.18 2.66 0.33
CA THR B 464 -20.71 3.13 1.63
C THR B 464 -21.65 2.06 2.18
N CYS B 465 -21.31 1.51 3.35
CA CYS B 465 -22.14 0.58 4.14
C CYS B 465 -22.93 1.42 5.16
N THR B 466 -24.24 1.56 4.95
CA THR B 466 -25.16 2.35 5.82
C THR B 466 -25.94 1.39 6.72
N ALA B 467 -25.84 1.58 8.03
CA ALA B 467 -26.61 0.82 9.05
C ALA B 467 -28.07 0.78 8.62
N PRO B 468 -28.73 -0.40 8.60
CA PRO B 468 -30.18 -0.45 8.43
C PRO B 468 -30.81 0.40 9.54
N TYR B 469 -31.71 1.33 9.18
CA TYR B 469 -32.33 2.28 10.14
C TYR B 469 -33.08 1.46 11.20
N GLY B 470 -32.74 1.68 12.47
CA GLY B 470 -33.27 0.91 13.62
C GLY B 470 -32.33 -0.21 14.05
N TYR B 471 -31.20 -0.36 13.35
CA TYR B 471 -30.16 -1.39 13.64
C TYR B 471 -28.82 -0.71 13.93
N ARG B 472 -27.95 -1.37 14.68
CA ARG B 472 -26.55 -0.94 14.96
C ARG B 472 -25.58 -2.00 14.44
N PHE B 473 -24.36 -1.61 14.09
CA PHE B 473 -23.23 -2.53 13.77
C PHE B 473 -23.03 -3.45 14.98
N SER B 474 -23.06 -4.76 14.78
CA SER B 474 -23.01 -5.80 15.85
C SER B 474 -21.79 -6.71 15.70
N SER B 475 -21.27 -6.86 14.48
CA SER B 475 -20.12 -7.74 14.14
C SER B 475 -19.69 -7.45 12.70
N TRP B 476 -18.76 -8.25 12.16
CA TRP B 476 -18.36 -8.18 10.72
C TRP B 476 -17.64 -9.47 10.32
N ALA B 477 -17.47 -9.65 9.00
CA ALA B 477 -16.74 -10.77 8.38
C ALA B 477 -15.84 -10.19 7.28
N PHE B 478 -14.82 -10.94 6.87
CA PHE B 478 -13.79 -10.45 5.90
C PHE B 478 -13.12 -11.63 5.19
N ARG B 479 -12.40 -11.29 4.11
CA ARG B 479 -11.42 -12.17 3.44
C ARG B 479 -10.07 -11.44 3.43
N GLU B 480 -9.00 -12.17 3.72
CA GLU B 480 -7.59 -11.68 3.64
C GLU B 480 -6.96 -12.20 2.34
N ASP B 481 -6.10 -11.38 1.72
CA ASP B 481 -5.26 -11.76 0.55
C ASP B 481 -3.92 -11.06 0.67
N PRO B 482 -2.83 -11.65 0.13
CA PRO B 482 -1.58 -10.91 -0.07
C PRO B 482 -1.83 -9.65 -0.90
N GLY B 483 -1.47 -8.48 -0.35
CA GLY B 483 -1.59 -7.18 -1.03
C GLY B 483 -0.33 -6.86 -1.84
N PRO B 484 -0.30 -5.71 -2.54
CA PRO B 484 0.85 -5.35 -3.38
C PRO B 484 2.15 -5.06 -2.60
N TYR B 485 2.06 -4.88 -1.28
CA TYR B 485 3.23 -4.67 -0.38
C TYR B 485 3.68 -6.01 0.23
N ARG B 486 3.13 -7.12 -0.29
CA ARG B 486 3.49 -8.52 0.08
C ARG B 486 3.21 -8.76 1.57
N THR B 487 2.20 -8.09 2.11
CA THR B 487 1.69 -8.25 3.49
C THR B 487 0.20 -8.60 3.41
N THR B 488 -0.38 -9.07 4.51
CA THR B 488 -1.82 -9.46 4.60
C THR B 488 -2.68 -8.20 4.46
N ALA B 489 -3.55 -8.18 3.44
CA ALA B 489 -4.52 -7.10 3.17
C ALA B 489 -5.95 -7.64 3.32
N ILE B 490 -6.92 -6.73 3.42
CA ILE B 490 -8.38 -7.05 3.51
C ILE B 490 -9.00 -6.77 2.13
N SER B 491 -9.53 -7.81 1.47
CA SER B 491 -10.01 -7.78 0.07
C SER B 491 -11.54 -7.80 0.01
N VAL B 492 -12.19 -8.41 1.00
CA VAL B 492 -13.68 -8.54 1.09
C VAL B 492 -14.11 -8.18 2.52
N LEU B 493 -15.20 -7.43 2.65
CA LEU B 493 -15.80 -7.04 3.95
C LEU B 493 -17.31 -7.23 3.87
N ARG B 494 -17.90 -7.77 4.95
CA ARG B 494 -19.36 -7.86 5.15
C ARG B 494 -19.64 -7.42 6.60
N PHE B 495 -20.70 -6.64 6.80
CA PHE B 495 -21.05 -6.08 8.13
C PHE B 495 -22.37 -6.69 8.59
N GLN B 496 -22.40 -7.03 9.87
CA GLN B 496 -23.55 -7.67 10.58
C GLN B 496 -24.14 -6.63 11.53
N PHE B 497 -25.46 -6.66 11.71
CA PHE B 497 -26.23 -5.68 12.50
C PHE B 497 -27.19 -6.42 13.43
N THR B 498 -27.52 -5.79 14.56
CA THR B 498 -28.54 -6.25 15.53
C THR B 498 -29.45 -5.06 15.84
N PRO B 499 -30.75 -5.29 16.17
CA PRO B 499 -31.67 -4.18 16.46
C PRO B 499 -31.18 -3.26 17.59
N GLU B 500 -31.27 -1.95 17.38
CA GLU B 500 -31.00 -0.90 18.40
C GLU B 500 -32.33 -0.51 19.06
N LEU B 501 -32.58 -1.02 20.27
CA LEU B 501 -33.88 -0.87 20.98
C LEU B 501 -33.95 0.51 21.68
N ASP B 502 -32.83 1.24 21.76
CA ASP B 502 -32.76 2.59 22.37
C ASP B 502 -32.22 3.59 21.34
N MET B 503 -32.75 3.56 20.13
CA MET B 503 -32.37 4.51 19.05
C MET B 503 -33.06 5.84 19.30
N PRO B 504 -32.30 6.97 19.36
CA PRO B 504 -32.91 8.29 19.50
C PRO B 504 -33.56 8.71 18.17
N LEU B 505 -34.71 9.40 18.25
CA LEU B 505 -35.42 9.95 17.07
C LEU B 505 -34.94 11.37 16.81
N PRO B 506 -35.13 11.90 15.57
CA PRO B 506 -34.88 13.32 15.30
C PRO B 506 -35.80 14.21 16.16
N ALA B 507 -35.34 15.43 16.45
CA ALA B 507 -36.00 16.42 17.36
C ALA B 507 -37.49 16.55 17.01
N SER B 508 -37.82 16.77 15.74
CA SER B 508 -39.19 17.05 15.23
C SER B 508 -40.14 15.89 15.55
N TYR B 509 -39.61 14.67 15.72
CA TYR B 509 -40.37 13.46 16.15
C TYR B 509 -40.23 13.27 17.66
N GLU C 26 28.54 -60.19 17.76
CA GLU C 26 29.39 -59.00 17.49
C GLU C 26 28.51 -57.78 17.18
N GLU C 27 27.58 -57.93 16.24
CA GLU C 27 26.70 -56.83 15.73
C GLU C 27 25.80 -56.31 16.85
N ASP C 28 25.65 -54.98 16.96
CA ASP C 28 24.65 -54.32 17.84
C ASP C 28 23.28 -54.91 17.49
N PRO C 29 22.54 -55.46 18.48
CA PRO C 29 21.25 -56.11 18.20
C PRO C 29 20.28 -55.28 17.34
N ILE C 30 20.29 -53.95 17.48
CA ILE C 30 19.34 -53.02 16.79
C ILE C 30 19.39 -53.26 15.28
N PHE C 31 20.59 -53.46 14.70
CA PHE C 31 20.80 -53.64 13.24
C PHE C 31 20.14 -54.95 12.78
N THR C 32 20.27 -56.02 13.57
CA THR C 32 19.65 -57.34 13.32
C THR C 32 18.12 -57.21 13.35
N GLN C 33 17.59 -56.49 14.34
CA GLN C 33 16.12 -56.27 14.56
C GLN C 33 15.55 -55.49 13.37
N LEU C 34 16.23 -54.42 12.94
CA LEU C 34 15.78 -53.54 11.82
C LEU C 34 15.75 -54.34 10.51
N ALA C 35 16.71 -55.24 10.30
CA ALA C 35 16.78 -56.15 9.13
C ALA C 35 15.56 -57.09 9.16
N GLN C 36 15.28 -57.70 10.31
CA GLN C 36 14.12 -58.60 10.53
C GLN C 36 12.80 -57.83 10.34
N LYS C 37 12.76 -56.58 10.81
CA LYS C 37 11.54 -55.71 10.77
C LYS C 37 11.20 -55.35 9.32
N MET C 38 12.21 -55.00 8.51
CA MET C 38 12.03 -54.62 7.08
C MET C 38 11.57 -55.86 6.29
N ALA C 39 12.09 -57.04 6.64
CA ALA C 39 11.74 -58.36 6.05
C ALA C 39 10.29 -58.72 6.39
N ALA C 40 9.87 -58.50 7.64
CA ALA C 40 8.51 -58.77 8.15
C ALA C 40 7.49 -57.93 7.38
N ALA C 41 7.75 -56.63 7.23
CA ALA C 41 6.86 -55.63 6.58
C ALA C 41 6.79 -55.87 5.07
N ALA C 42 7.86 -56.39 4.46
CA ALA C 42 8.03 -56.57 3.00
C ALA C 42 7.05 -57.63 2.46
N GLU C 43 6.51 -58.49 3.33
CA GLU C 43 5.57 -59.58 2.96
C GLU C 43 4.20 -59.00 2.57
N LYS C 44 3.83 -57.85 3.14
CA LYS C 44 2.45 -57.31 3.14
C LYS C 44 2.48 -55.79 2.89
N GLU C 45 3.37 -55.33 2.01
CA GLU C 45 3.53 -53.89 1.65
C GLU C 45 4.25 -53.79 0.29
N GLU C 46 3.81 -52.85 -0.55
CA GLU C 46 4.31 -52.67 -1.95
C GLU C 46 5.54 -51.75 -1.94
N VAL C 47 5.51 -50.68 -1.15
CA VAL C 47 6.61 -49.67 -1.02
C VAL C 47 7.10 -49.68 0.43
N PRO C 48 8.04 -50.57 0.81
CA PRO C 48 8.49 -50.68 2.19
C PRO C 48 9.50 -49.59 2.58
N VAL C 49 9.37 -49.07 3.81
CA VAL C 49 10.23 -47.98 4.38
C VAL C 49 11.58 -48.58 4.78
N ASP C 50 12.67 -47.86 4.46
CA ASP C 50 14.05 -48.20 4.91
C ASP C 50 14.16 -47.86 6.41
N LEU C 51 13.78 -48.81 7.26
CA LEU C 51 13.74 -48.64 8.74
C LEU C 51 15.17 -48.43 9.27
N LEU C 52 16.15 -49.10 8.66
CA LEU C 52 17.60 -49.00 9.01
C LEU C 52 18.05 -47.54 8.88
N ALA C 53 17.76 -46.90 7.74
CA ALA C 53 18.10 -45.49 7.44
C ALA C 53 17.34 -44.56 8.41
N GLN C 54 16.07 -44.87 8.68
CA GLN C 54 15.18 -44.06 9.57
C GLN C 54 15.77 -44.01 10.98
N TYR C 55 16.30 -45.13 11.49
CA TYR C 55 16.94 -45.27 12.81
C TYR C 55 18.22 -44.43 12.86
N MET C 56 19.07 -44.57 11.84
CA MET C 56 20.40 -43.90 11.75
C MET C 56 20.20 -42.38 11.61
N GLN C 57 19.07 -41.94 11.03
CA GLN C 57 18.70 -40.51 10.87
C GLN C 57 18.17 -39.96 12.20
N VAL C 58 17.45 -40.79 12.98
CA VAL C 58 17.03 -40.45 14.38
C VAL C 58 18.29 -40.25 15.24
N GLU C 59 19.26 -41.17 15.14
CA GLU C 59 20.53 -41.15 15.92
C GLU C 59 21.37 -39.92 15.56
N ALA C 60 21.31 -39.47 14.30
CA ALA C 60 22.03 -38.27 13.80
C ALA C 60 21.63 -37.04 14.63
N HIS C 61 20.39 -37.01 15.15
CA HIS C 61 19.84 -35.92 15.98
C HIS C 61 19.57 -36.42 17.41
N ASP C 62 20.45 -37.28 17.92
CA ASP C 62 20.31 -37.97 19.24
C ASP C 62 20.12 -36.91 20.34
N TRP C 63 21.06 -35.97 20.47
CA TRP C 63 21.06 -34.87 21.48
C TRP C 63 19.74 -34.10 21.41
N HIS C 64 19.31 -33.72 20.20
CA HIS C 64 18.06 -32.96 19.94
C HIS C 64 16.86 -33.74 20.50
N ASN C 65 16.78 -35.04 20.19
CA ASN C 65 15.69 -35.95 20.61
C ASN C 65 15.70 -36.11 22.14
N ARG C 66 16.89 -36.18 22.77
CA ARG C 66 17.06 -36.31 24.24
C ARG C 66 16.50 -35.07 24.94
N VAL C 67 16.82 -33.87 24.43
CA VAL C 67 16.40 -32.57 25.02
C VAL C 67 14.88 -32.44 24.89
N ARG C 68 14.33 -32.66 23.69
CA ARG C 68 12.86 -32.62 23.43
C ARG C 68 12.16 -33.67 24.31
N GLY C 69 12.71 -34.89 24.36
CA GLY C 69 12.22 -36.01 25.19
C GLY C 69 12.10 -35.63 26.65
N ALA C 70 13.15 -35.03 27.22
CA ALA C 70 13.25 -34.58 28.64
C ALA C 70 12.15 -33.56 28.93
N ILE C 71 11.97 -32.57 28.05
CA ILE C 71 10.97 -31.47 28.19
C ILE C 71 9.55 -32.07 28.17
N LEU C 72 9.25 -32.92 27.19
CA LEU C 72 7.93 -33.60 27.06
C LEU C 72 7.69 -34.51 28.27
N GLY C 73 8.76 -35.08 28.84
CA GLY C 73 8.71 -35.92 30.05
C GLY C 73 8.16 -35.19 31.26
N LEU C 74 8.39 -33.88 31.36
CA LEU C 74 7.95 -33.02 32.49
C LEU C 74 6.44 -32.79 32.46
N ILE C 75 5.82 -32.90 31.27
CA ILE C 75 4.37 -32.59 31.05
C ILE C 75 3.56 -33.89 31.12
N SER C 76 3.98 -34.92 30.39
CA SER C 76 3.26 -36.20 30.18
C SER C 76 3.21 -37.00 31.49
N ALA C 77 4.34 -37.09 32.21
CA ALA C 77 4.49 -37.85 33.47
C ALA C 77 3.40 -37.43 34.47
N VAL C 78 2.64 -38.40 34.98
CA VAL C 78 1.60 -38.19 36.04
C VAL C 78 2.31 -37.75 37.31
N PRO C 79 1.87 -36.64 37.97
CA PRO C 79 2.54 -36.11 39.14
C PRO C 79 3.00 -37.17 40.16
N LYS C 80 4.30 -37.51 40.11
CA LYS C 80 5.04 -38.28 41.14
C LYS C 80 6.44 -37.66 41.27
N VAL C 81 6.83 -37.29 42.50
CA VAL C 81 8.07 -36.51 42.79
C VAL C 81 9.28 -37.26 42.20
N GLY C 82 10.02 -36.60 41.30
CA GLY C 82 11.32 -37.06 40.77
C GLY C 82 11.17 -38.00 39.57
N ALA C 83 9.94 -38.32 39.17
CA ALA C 83 9.64 -39.27 38.08
C ALA C 83 10.11 -38.70 36.74
N ALA C 84 9.66 -37.49 36.40
CA ALA C 84 10.02 -36.77 35.16
C ALA C 84 11.52 -36.48 35.15
N ILE C 85 12.11 -36.19 36.31
CA ILE C 85 13.57 -35.92 36.48
C ILE C 85 14.36 -37.22 36.29
N SER C 86 13.83 -38.35 36.77
CA SER C 86 14.41 -39.70 36.57
C SER C 86 14.52 -40.00 35.08
N ARG C 87 13.46 -39.72 34.31
CA ARG C 87 13.41 -39.90 32.83
C ARG C 87 14.47 -39.01 32.16
N LEU C 88 14.51 -37.73 32.54
CA LEU C 88 15.49 -36.73 32.02
C LEU C 88 16.91 -37.29 32.17
N ILE C 89 17.25 -37.74 33.38
CA ILE C 89 18.57 -38.34 33.72
C ILE C 89 18.79 -39.59 32.85
N GLY C 90 17.73 -40.38 32.63
CA GLY C 90 17.76 -41.57 31.77
C GLY C 90 18.16 -41.22 30.34
N LEU C 91 17.67 -40.10 29.82
CA LEU C 91 17.93 -39.62 28.43
C LEU C 91 19.32 -38.96 28.36
N PHE C 92 19.70 -38.18 29.37
CA PHE C 92 20.90 -37.31 29.37
C PHE C 92 22.14 -38.14 29.76
N TRP C 93 22.02 -39.05 30.73
CA TRP C 93 23.14 -39.86 31.27
C TRP C 93 22.76 -41.34 31.31
N PRO C 94 22.50 -41.97 30.15
CA PRO C 94 22.17 -43.40 30.09
C PRO C 94 23.42 -44.27 30.31
N ALA C 95 23.22 -45.51 30.77
CA ALA C 95 24.29 -46.49 31.07
C ALA C 95 24.77 -47.17 29.77
N ASN C 96 23.93 -47.19 28.73
CA ASN C 96 24.17 -47.97 27.48
C ASN C 96 24.38 -47.04 26.27
N LYS C 97 24.46 -45.72 26.49
CA LYS C 97 24.70 -44.73 25.42
C LYS C 97 25.63 -43.62 25.92
N VAL C 98 26.10 -42.78 24.99
CA VAL C 98 26.96 -41.59 25.22
C VAL C 98 26.18 -40.57 26.07
N ASP C 99 26.88 -39.69 26.81
CA ASP C 99 26.27 -38.66 27.69
C ASP C 99 25.80 -37.48 26.84
N ILE C 100 24.97 -36.61 27.41
CA ILE C 100 24.27 -35.49 26.71
C ILE C 100 25.29 -34.60 25.99
N TRP C 101 26.44 -34.34 26.61
CA TRP C 101 27.49 -33.39 26.12
C TRP C 101 28.19 -33.95 24.88
N GLU C 102 28.53 -35.24 24.87
CA GLU C 102 29.22 -35.88 23.73
C GLU C 102 28.21 -36.16 22.61
N ALA C 103 26.97 -36.54 22.98
CA ALA C 103 25.82 -36.66 22.04
C ALA C 103 25.65 -35.31 21.33
N LEU C 104 25.73 -34.22 22.09
CA LEU C 104 25.72 -32.81 21.59
C LEU C 104 26.80 -32.65 20.49
N ARG C 105 28.03 -33.11 20.74
CA ARG C 105 29.19 -32.96 19.82
C ARG C 105 28.97 -33.76 18.52
N ALA C 106 28.08 -34.76 18.53
CA ALA C 106 27.81 -35.67 17.39
C ALA C 106 26.65 -35.14 16.51
N GLU C 107 25.98 -34.05 16.91
CA GLU C 107 24.86 -33.43 16.14
CA GLU C 107 24.85 -33.46 16.13
C GLU C 107 25.35 -33.11 14.73
N GLU C 108 24.59 -33.53 13.71
CA GLU C 108 24.90 -33.41 12.26
C GLU C 108 25.36 -31.98 11.92
N TYR C 109 24.59 -30.97 12.33
CA TYR C 109 24.67 -29.57 11.83
C TYR C 109 25.87 -28.80 12.41
N ILE C 110 26.49 -29.30 13.49
CA ILE C 110 27.56 -28.58 14.26
C ILE C 110 28.58 -27.95 13.30
N ARG C 111 29.10 -28.73 12.36
CA ARG C 111 30.26 -28.35 11.51
C ARG C 111 29.89 -27.17 10.60
N ASN C 112 28.59 -26.89 10.41
CA ASN C 112 28.09 -25.81 9.53
C ASN C 112 27.77 -24.55 10.34
N ILE C 113 27.72 -24.62 11.68
CA ILE C 113 27.18 -23.51 12.53
C ILE C 113 28.25 -22.94 13.47
N VAL C 114 29.04 -23.75 14.16
CA VAL C 114 29.98 -23.27 15.21
C VAL C 114 31.38 -23.90 15.04
N GLN C 115 32.38 -23.25 15.61
CA GLN C 115 33.78 -23.75 15.70
C GLN C 115 33.87 -24.71 16.90
N GLN C 116 34.03 -26.01 16.62
CA GLN C 116 34.05 -27.09 17.64
C GLN C 116 35.17 -26.81 18.67
N GLU C 117 36.34 -26.40 18.19
CA GLU C 117 37.56 -26.23 19.05
C GLU C 117 37.27 -25.21 20.16
N LEU C 118 36.51 -24.15 19.86
CA LEU C 118 36.26 -23.03 20.80
C LEU C 118 35.35 -23.48 21.94
N PHE C 119 34.23 -24.16 21.67
CA PHE C 119 33.31 -24.66 22.72
C PHE C 119 33.96 -25.83 23.46
N GLU C 120 34.90 -26.55 22.84
CA GLU C 120 35.75 -27.56 23.53
C GLU C 120 36.58 -26.85 24.61
N PHE C 121 37.24 -25.74 24.26
CA PHE C 121 38.14 -24.98 25.16
C PHE C 121 37.31 -24.29 26.26
N GLU C 122 36.18 -23.69 25.90
CA GLU C 122 35.24 -23.06 26.88
C GLU C 122 34.75 -24.11 27.87
N MET C 123 34.48 -25.34 27.40
CA MET C 123 33.92 -26.44 28.23
C MET C 123 34.96 -26.96 29.23
N ARG C 124 36.25 -26.99 28.85
CA ARG C 124 37.38 -27.32 29.75
C ARG C 124 37.37 -26.36 30.95
N LEU C 125 37.12 -25.08 30.68
CA LEU C 125 37.06 -23.99 31.70
C LEU C 125 35.86 -24.20 32.63
N LEU C 126 34.76 -24.76 32.10
CA LEU C 126 33.47 -24.95 32.83
C LEU C 126 33.36 -26.37 33.40
N GLU C 127 34.37 -27.22 33.22
CA GLU C 127 34.29 -28.68 33.53
C GLU C 127 33.95 -28.89 35.01
N ASN C 128 34.58 -28.12 35.91
CA ASN C 128 34.38 -28.21 37.38
C ASN C 128 32.93 -27.85 37.72
N ASP C 129 32.44 -26.73 37.18
CA ASP C 129 31.05 -26.24 37.39
C ASP C 129 30.05 -27.26 36.85
N ILE C 130 30.34 -27.88 35.70
CA ILE C 130 29.45 -28.88 35.04
C ILE C 130 29.41 -30.16 35.91
N GLN C 131 30.57 -30.71 36.27
CA GLN C 131 30.69 -31.94 37.10
C GLN C 131 30.01 -31.70 38.45
N ALA C 132 30.10 -30.48 38.99
CA ALA C 132 29.41 -30.04 40.23
C ALA C 132 27.89 -30.13 40.05
N LEU C 133 27.36 -29.60 38.94
CA LEU C 133 25.91 -29.61 38.62
C LEU C 133 25.44 -31.05 38.42
N GLU C 134 26.21 -31.87 37.70
CA GLU C 134 25.91 -33.30 37.43
C GLU C 134 25.81 -34.08 38.75
N THR C 135 26.72 -33.81 39.69
CA THR C 135 26.75 -34.44 41.05
C THR C 135 25.44 -34.12 41.77
N THR C 136 25.02 -32.84 41.76
CA THR C 136 23.78 -32.33 42.41
C THR C 136 22.56 -33.00 41.79
N VAL C 137 22.45 -32.98 40.45
CA VAL C 137 21.34 -33.62 39.68
C VAL C 137 21.23 -35.07 40.13
N GLY C 138 22.36 -35.78 40.17
CA GLY C 138 22.46 -37.19 40.62
C GLY C 138 22.03 -37.35 42.07
N ARG C 139 22.50 -36.44 42.95
CA ARG C 139 22.20 -36.47 44.41
C ARG C 139 20.69 -36.31 44.63
N TYR C 140 20.04 -35.39 43.91
CA TYR C 140 18.58 -35.14 44.00
C TYR C 140 17.81 -36.42 43.67
N ASP C 141 18.18 -37.08 42.57
CA ASP C 141 17.48 -38.27 42.01
C ASP C 141 17.50 -39.42 43.02
N THR C 142 18.66 -39.65 43.66
CA THR C 142 18.93 -40.82 44.53
C THR C 142 18.71 -40.45 46.00
N ALA C 143 18.56 -39.17 46.33
CA ALA C 143 18.34 -38.67 47.71
C ALA C 143 16.95 -39.08 48.21
N ALA C 144 16.80 -39.23 49.53
CA ALA C 144 15.51 -39.41 50.23
C ALA C 144 14.72 -38.09 50.15
N LEU C 145 13.39 -38.17 50.20
CA LEU C 145 12.45 -37.03 50.00
C LEU C 145 12.89 -35.82 50.82
N THR C 146 13.34 -36.03 52.07
CA THR C 146 13.66 -34.97 53.05
C THR C 146 14.94 -34.21 52.64
N GLU C 147 15.78 -34.79 51.78
CA GLU C 147 17.06 -34.19 51.31
C GLU C 147 16.91 -33.59 49.90
N LYS C 148 15.85 -33.96 49.17
CA LYS C 148 15.62 -33.52 47.76
C LYS C 148 15.52 -31.99 47.68
N GLY C 149 14.78 -31.38 48.61
CA GLY C 149 14.54 -29.92 48.66
C GLY C 149 15.83 -29.13 48.58
N ASN C 150 16.83 -29.50 49.38
CA ASN C 150 18.17 -28.85 49.45
C ASN C 150 18.87 -28.99 48.09
N PHE C 151 18.91 -30.20 47.54
CA PHE C 151 19.62 -30.53 46.27
C PHE C 151 18.97 -29.80 45.09
N LEU C 152 17.64 -29.66 45.09
CA LEU C 152 16.90 -28.95 44.00
C LEU C 152 17.23 -27.46 44.03
N SER C 153 17.38 -26.88 45.23
CA SER C 153 17.76 -25.45 45.44
C SER C 153 19.18 -25.22 44.90
N ILE C 154 20.10 -26.14 45.19
CA ILE C 154 21.52 -26.11 44.71
C ILE C 154 21.52 -26.21 43.18
N TRP C 155 20.80 -27.20 42.63
CA TRP C 155 20.56 -27.40 41.18
C TRP C 155 20.25 -26.05 40.51
N ILE C 156 19.19 -25.38 40.97
CA ILE C 156 18.67 -24.10 40.42
C ILE C 156 19.79 -23.05 40.42
N SER C 157 20.51 -22.92 41.54
CA SER C 157 21.63 -21.96 41.73
C SER C 157 22.76 -22.26 40.74
N GLN C 158 23.26 -23.49 40.75
CA GLN C 158 24.39 -23.97 39.92
C GLN C 158 24.04 -23.82 38.44
N ALA C 159 22.82 -24.21 38.05
CA ALA C 159 22.28 -24.10 36.68
C ALA C 159 22.27 -22.63 36.23
N ASP C 160 21.75 -21.74 37.08
CA ASP C 160 21.66 -20.28 36.81
C ASP C 160 23.07 -19.72 36.57
N ALA C 161 24.00 -19.97 37.50
CA ALA C 161 25.39 -19.45 37.47
C ALA C 161 26.12 -19.98 36.23
N LEU C 162 25.94 -21.26 35.88
CA LEU C 162 26.64 -21.92 34.74
C LEU C 162 26.22 -21.27 33.43
N TYR C 163 24.91 -21.04 33.23
CA TYR C 163 24.36 -20.38 32.01
C TYR C 163 24.97 -18.98 31.87
N ILE C 164 25.05 -18.24 32.97
CA ILE C 164 25.58 -16.84 33.02
C ILE C 164 27.05 -16.86 32.54
N ARG C 165 27.83 -17.86 32.94
CA ARG C 165 29.24 -18.04 32.50
C ARG C 165 29.29 -18.23 30.98
N MET C 166 28.42 -19.09 30.44
CA MET C 166 28.30 -19.36 28.98
C MET C 166 27.81 -18.09 28.27
N ARG C 167 26.80 -17.43 28.83
CA ARG C 167 26.20 -16.16 28.32
C ARG C 167 27.27 -15.09 28.18
N ASN C 168 28.14 -14.95 29.19
CA ASN C 168 29.11 -13.82 29.33
C ASN C 168 30.37 -14.08 28.48
N SER C 169 30.62 -15.34 28.10
CA SER C 169 31.81 -15.76 27.31
C SER C 169 31.88 -15.00 25.98
N THR C 170 33.09 -14.59 25.58
CA THR C 170 33.37 -13.99 24.24
C THR C 170 33.05 -15.01 23.15
N ASN C 171 33.07 -16.32 23.48
CA ASN C 171 32.67 -17.44 22.59
C ASN C 171 31.26 -17.93 22.94
N ASN C 172 30.36 -17.03 23.36
CA ASN C 172 28.98 -17.38 23.78
C ASN C 172 28.22 -17.98 22.58
N ILE C 173 28.46 -17.46 21.37
CA ILE C 173 27.78 -17.89 20.11
C ILE C 173 28.08 -19.37 19.85
N HIS C 174 29.28 -19.84 20.24
CA HIS C 174 29.77 -21.23 20.00
C HIS C 174 29.19 -22.21 21.03
N LEU C 175 28.63 -21.69 22.13
CA LEU C 175 28.07 -22.49 23.26
C LEU C 175 26.52 -22.51 23.19
N LEU C 176 25.93 -22.10 22.06
CA LEU C 176 24.46 -21.92 21.95
C LEU C 176 23.72 -23.23 22.26
N LEU C 177 24.24 -24.37 21.80
CA LEU C 177 23.62 -25.70 22.05
C LEU C 177 23.84 -26.11 23.51
N HIS C 178 24.99 -25.76 24.10
CA HIS C 178 25.29 -26.01 25.54
C HIS C 178 24.31 -25.20 26.40
N MET C 179 23.94 -24.00 25.95
CA MET C 179 22.94 -23.12 26.61
C MET C 179 21.55 -23.78 26.54
N VAL C 180 21.20 -24.42 25.41
CA VAL C 180 19.93 -25.18 25.25
C VAL C 180 19.90 -26.28 26.33
N THR C 181 21.01 -26.97 26.54
CA THR C 181 21.15 -28.09 27.52
C THR C 181 21.00 -27.56 28.94
N VAL C 182 21.69 -26.47 29.28
CA VAL C 182 21.72 -25.91 30.67
C VAL C 182 20.36 -25.27 30.99
N SER C 183 19.79 -24.52 30.05
CA SER C 183 18.45 -23.87 30.19
C SER C 183 17.38 -24.95 30.41
N THR C 184 17.48 -26.07 29.70
CA THR C 184 16.58 -27.25 29.84
C THR C 184 16.65 -27.76 31.29
N LEU C 185 17.87 -27.97 31.81
CA LEU C 185 18.12 -28.46 33.19
C LEU C 185 17.60 -27.44 34.21
N HIS C 186 17.82 -26.14 33.95
CA HIS C 186 17.39 -25.01 34.82
C HIS C 186 15.86 -25.06 34.96
N LEU C 187 15.14 -24.99 33.83
CA LEU C 187 13.66 -24.90 33.79
C LEU C 187 13.02 -26.21 34.26
N ALA C 188 13.71 -27.33 34.12
CA ALA C 188 13.30 -28.66 34.64
C ALA C 188 13.24 -28.60 36.16
N ALA C 189 14.27 -28.06 36.80
CA ALA C 189 14.40 -27.92 38.27
C ALA C 189 13.33 -26.95 38.80
N LEU C 190 13.09 -25.85 38.10
CA LEU C 190 12.08 -24.82 38.47
C LEU C 190 10.67 -25.39 38.30
N HIS C 191 10.41 -26.12 37.21
CA HIS C 191 9.12 -26.81 36.97
C HIS C 191 8.87 -27.83 38.09
N GLU C 192 9.91 -28.58 38.48
CA GLU C 192 9.87 -29.58 39.58
C GLU C 192 9.48 -28.87 40.89
N ARG C 193 10.12 -27.72 41.18
CA ARG C 193 9.93 -26.97 42.45
C ARG C 193 8.49 -26.43 42.55
N LEU C 194 7.90 -25.99 41.43
CA LEU C 194 6.49 -25.52 41.38
C LEU C 194 5.55 -26.72 41.58
N THR C 195 5.79 -27.80 40.82
CA THR C 195 4.92 -29.01 40.73
C THR C 195 4.88 -29.75 42.08
N PHE C 196 6.04 -29.95 42.71
CA PHE C 196 6.20 -30.80 43.92
C PHE C 196 6.78 -30.01 45.09
N GLY C 197 6.63 -28.68 45.07
CA GLY C 197 7.20 -27.76 46.08
C GLY C 197 6.65 -28.02 47.48
N GLU C 198 5.34 -28.25 47.57
CA GLU C 198 4.59 -28.44 48.85
C GLU C 198 5.09 -29.70 49.56
N GLU C 199 5.56 -30.70 48.81
CA GLU C 199 5.99 -32.03 49.32
C GLU C 199 7.50 -32.03 49.62
N LEU C 200 8.27 -31.20 48.92
CA LEU C 200 9.75 -31.10 49.07
C LEU C 200 10.10 -30.20 50.27
N TYR C 201 9.39 -29.08 50.43
CA TYR C 201 9.71 -27.99 51.39
C TYR C 201 8.68 -27.94 52.53
N GLY C 202 7.38 -28.06 52.21
CA GLY C 202 6.29 -28.10 53.20
C GLY C 202 5.28 -26.98 52.99
N THR C 203 5.77 -25.74 52.87
CA THR C 203 4.95 -24.51 52.71
C THR C 203 4.29 -24.50 51.33
N ASN C 204 3.18 -23.77 51.19
CA ASN C 204 2.45 -23.57 49.91
C ASN C 204 2.83 -22.19 49.35
N ASN C 205 3.97 -22.12 48.66
CA ASN C 205 4.52 -20.87 48.04
C ASN C 205 4.45 -21.00 46.51
N SER C 206 3.31 -21.46 45.99
CA SER C 206 3.05 -21.68 44.54
C SER C 206 3.23 -20.37 43.75
N THR C 207 2.83 -19.24 44.36
CA THR C 207 2.82 -17.89 43.72
C THR C 207 4.25 -17.46 43.38
N ASN C 208 5.20 -17.65 44.30
CA ASN C 208 6.64 -17.33 44.10
C ASN C 208 7.26 -18.34 43.13
N TRP C 209 6.99 -19.64 43.31
CA TRP C 209 7.52 -20.74 42.48
C TRP C 209 7.07 -20.56 41.02
N THR C 210 5.84 -20.08 40.81
CA THR C 210 5.27 -19.74 39.47
C THR C 210 6.07 -18.57 38.88
N ARG C 211 6.20 -17.47 39.63
CA ARG C 211 6.94 -16.25 39.22
C ARG C 211 8.36 -16.62 38.79
N ASP C 212 9.04 -17.44 39.59
CA ASP C 212 10.45 -17.90 39.35
C ASP C 212 10.53 -18.62 38.01
N LEU C 213 9.60 -19.54 37.73
CA LEU C 213 9.52 -20.33 36.47
C LEU C 213 9.23 -19.38 35.31
N VAL C 214 8.24 -18.49 35.46
CA VAL C 214 7.80 -17.51 34.43
C VAL C 214 8.97 -16.57 34.09
N ASP C 215 9.63 -16.02 35.11
CA ASP C 215 10.74 -15.04 34.97
C ASP C 215 11.87 -15.66 34.14
N LYS C 216 12.30 -16.89 34.48
CA LYS C 216 13.45 -17.56 33.82
C LYS C 216 13.05 -18.00 32.41
N PHE C 217 11.82 -18.48 32.21
CA PHE C 217 11.24 -18.79 30.87
C PHE C 217 11.42 -17.57 29.95
N GLU C 218 10.98 -16.40 30.41
CA GLU C 218 11.01 -15.10 29.67
C GLU C 218 12.47 -14.75 29.32
N THR C 219 13.38 -14.79 30.31
CA THR C 219 14.81 -14.41 30.13
C THR C 219 15.41 -15.26 29.01
N TYR C 220 15.18 -16.57 29.03
CA TYR C 220 15.74 -17.53 28.05
C TYR C 220 15.10 -17.29 26.68
N THR C 221 13.77 -17.34 26.59
CA THR C 221 13.01 -17.39 25.30
C THR C 221 12.89 -16.00 24.66
N SER C 222 12.88 -14.92 25.45
CA SER C 222 12.61 -13.53 24.96
C SER C 222 13.89 -12.68 24.96
N ASP C 223 14.96 -13.13 25.61
CA ASP C 223 16.20 -12.32 25.80
C ASP C 223 17.44 -13.14 25.39
N LEU C 224 17.87 -14.08 26.24
CA LEU C 224 19.24 -14.68 26.18
C LEU C 224 19.41 -15.49 24.89
N ILE C 225 18.47 -16.39 24.58
CA ILE C 225 18.54 -17.27 23.38
C ILE C 225 18.43 -16.40 22.12
N PRO C 226 17.40 -15.55 21.96
CA PRO C 226 17.31 -14.64 20.82
C PRO C 226 18.57 -13.79 20.59
N ASN C 227 19.08 -13.14 21.64
CA ASN C 227 20.14 -12.10 21.53
C ASN C 227 21.48 -12.75 21.15
N VAL C 228 21.82 -13.90 21.76
CA VAL C 228 23.08 -14.64 21.47
C VAL C 228 23.00 -15.20 20.04
N PHE C 229 21.82 -15.65 19.61
CA PHE C 229 21.56 -16.13 18.23
C PHE C 229 21.79 -14.99 17.22
N LYS C 230 21.31 -13.78 17.55
CA LYS C 230 21.50 -12.55 16.71
C LYS C 230 23.01 -12.29 16.54
N ARG C 231 23.76 -12.29 17.65
CA ARG C 231 25.24 -12.13 17.66
C ARG C 231 25.86 -13.20 16.75
N TRP C 232 25.42 -14.45 16.91
CA TRP C 232 25.88 -15.61 16.09
C TRP C 232 25.56 -15.36 14.61
N LYS C 233 24.36 -14.86 14.31
CA LYS C 233 23.86 -14.64 12.93
C LYS C 233 24.65 -13.51 12.25
N GLU C 234 25.13 -12.52 13.01
CA GLU C 234 26.00 -11.43 12.52
C GLU C 234 27.39 -11.98 12.18
N TRP C 235 27.88 -12.95 12.97
CA TRP C 235 29.25 -13.52 12.86
C TRP C 235 29.35 -14.51 11.71
N ARG C 236 28.35 -15.39 11.53
CA ARG C 236 28.42 -16.57 10.63
C ARG C 236 28.80 -16.15 9.20
N PRO C 237 28.19 -15.09 8.62
CA PRO C 237 28.53 -14.66 7.26
C PRO C 237 29.99 -14.18 7.08
N THR C 238 30.62 -13.69 8.15
CA THR C 238 31.99 -13.09 8.10
C THR C 238 33.04 -14.19 7.88
N GLN C 239 32.66 -15.46 8.07
CA GLN C 239 33.56 -16.64 7.86
C GLN C 239 33.48 -17.13 6.41
N ILE C 240 32.56 -16.57 5.62
CA ILE C 240 32.43 -16.84 4.15
C ILE C 240 33.18 -15.72 3.41
N GLU C 241 34.32 -16.07 2.82
CA GLU C 241 35.29 -15.12 2.20
C GLU C 241 35.12 -15.15 0.68
N ILE C 242 34.81 -14.00 0.07
CA ILE C 242 34.79 -13.79 -1.40
C ILE C 242 36.07 -13.07 -1.80
N SER C 243 36.87 -13.69 -2.68
CA SER C 243 38.09 -13.11 -3.31
C SER C 243 37.88 -13.01 -4.81
N ALA C 244 38.28 -11.89 -5.41
CA ALA C 244 38.20 -11.63 -6.87
C ALA C 244 39.46 -10.87 -7.32
N TRP C 245 40.19 -11.43 -8.28
CA TRP C 245 41.47 -10.87 -8.81
C TRP C 245 41.59 -11.16 -10.30
N VAL C 246 42.50 -10.45 -10.98
CA VAL C 246 42.82 -10.61 -12.43
C VAL C 246 44.33 -10.80 -12.57
N ARG C 247 44.74 -11.89 -13.22
CA ARG C 247 46.14 -12.08 -13.71
C ARG C 247 46.18 -11.57 -15.16
N ARG C 248 46.96 -10.51 -15.41
CA ARG C 248 47.10 -9.90 -16.75
C ARG C 248 47.92 -10.85 -17.63
N GLY C 249 47.52 -10.98 -18.90
CA GLY C 249 48.19 -11.84 -19.89
C GLY C 249 49.58 -11.32 -20.23
N SER C 250 50.56 -12.23 -20.33
CA SER C 250 51.97 -11.93 -20.67
C SER C 250 52.22 -12.20 -22.17
N CYS C 251 52.80 -11.23 -22.88
CA CYS C 251 53.16 -11.31 -24.31
C CYS C 251 54.64 -11.66 -24.45
N CYS C 256 50.87 -14.48 -27.17
CA CYS C 256 50.28 -13.51 -26.21
C CYS C 256 49.13 -14.15 -25.44
N ARG C 257 49.33 -14.44 -24.16
CA ARG C 257 48.30 -15.04 -23.26
C ARG C 257 47.20 -14.01 -23.02
N PRO C 258 45.92 -14.43 -22.84
CA PRO C 258 44.84 -13.50 -22.56
C PRO C 258 44.77 -13.14 -21.06
N ASP C 259 44.06 -12.06 -20.73
CA ASP C 259 43.70 -11.68 -19.33
C ASP C 259 42.70 -12.70 -18.80
N VAL C 260 42.93 -13.21 -17.59
CA VAL C 260 42.02 -14.19 -16.90
C VAL C 260 41.50 -13.55 -15.61
N SER C 261 40.18 -13.36 -15.53
CA SER C 261 39.45 -12.84 -14.34
C SER C 261 39.02 -14.03 -13.46
N TYR C 262 39.48 -14.06 -12.21
CA TYR C 262 39.17 -15.12 -11.21
C TYR C 262 38.24 -14.58 -10.12
N ALA C 263 37.47 -15.48 -9.51
CA ALA C 263 36.69 -15.23 -8.28
C ALA C 263 36.48 -16.54 -7.52
N THR C 264 36.51 -16.50 -6.19
CA THR C 264 36.29 -17.66 -5.28
C THR C 264 35.38 -17.23 -4.13
N VAL C 265 34.48 -18.12 -3.72
CA VAL C 265 33.65 -17.98 -2.48
C VAL C 265 33.92 -19.24 -1.62
N GLU C 266 34.50 -19.04 -0.44
CA GLU C 266 34.95 -20.13 0.46
C GLU C 266 34.36 -19.90 1.86
N ASP C 267 33.66 -20.92 2.37
CA ASP C 267 33.15 -20.98 3.77
C ASP C 267 34.23 -21.62 4.64
N LYS C 268 34.80 -20.85 5.58
CA LYS C 268 35.88 -21.31 6.49
C LYS C 268 35.30 -22.30 7.52
N ILE C 269 33.98 -22.25 7.76
CA ILE C 269 33.28 -23.12 8.76
C ILE C 269 33.03 -24.50 8.13
N SER C 270 32.17 -24.58 7.10
CA SER C 270 31.78 -25.84 6.41
C SER C 270 32.94 -26.39 5.57
N GLY C 271 33.79 -25.50 5.04
CA GLY C 271 34.92 -25.85 4.16
C GLY C 271 34.54 -25.78 2.69
N ALA C 272 33.26 -25.52 2.38
CA ALA C 272 32.71 -25.45 1.01
C ALA C 272 33.44 -24.38 0.21
N LEU C 273 33.77 -24.67 -1.05
CA LEU C 273 34.57 -23.81 -1.95
C LEU C 273 33.98 -23.89 -3.37
N PHE C 274 33.69 -22.73 -3.96
CA PHE C 274 33.20 -22.57 -5.35
C PHE C 274 34.11 -21.58 -6.08
N SER C 275 34.71 -22.01 -7.19
CA SER C 275 35.70 -21.25 -7.98
C SER C 275 35.13 -20.87 -9.34
N PHE C 276 35.49 -19.69 -9.83
CA PHE C 276 35.06 -19.10 -11.13
C PHE C 276 36.28 -18.52 -11.84
N GLN C 277 36.27 -18.55 -13.18
CA GLN C 277 37.26 -17.86 -14.03
C GLN C 277 36.68 -17.66 -15.44
N ALA C 278 37.17 -16.65 -16.15
CA ALA C 278 36.81 -16.34 -17.55
C ALA C 278 37.98 -15.63 -18.23
N THR C 279 38.45 -16.16 -19.36
CA THR C 279 39.58 -15.61 -20.17
C THR C 279 39.03 -14.50 -21.08
N ASN C 280 39.92 -13.65 -21.60
CA ASN C 280 39.59 -12.54 -22.54
C ASN C 280 38.71 -11.53 -21.82
N ARG C 281 38.90 -11.39 -20.50
CA ARG C 281 38.11 -10.47 -19.62
C ARG C 281 39.03 -9.92 -18.53
N ASN C 282 38.93 -8.62 -18.26
CA ASN C 282 39.62 -7.92 -17.14
C ASN C 282 38.56 -7.28 -16.25
N SER C 283 38.10 -8.02 -15.24
CA SER C 283 37.00 -7.62 -14.32
C SER C 283 37.19 -8.32 -12.96
N THR C 284 37.15 -7.53 -11.88
CA THR C 284 37.11 -8.03 -10.47
C THR C 284 35.66 -8.06 -9.99
N THR C 285 34.71 -7.71 -10.86
CA THR C 285 33.27 -7.49 -10.52
C THR C 285 32.37 -8.55 -11.16
N LEU C 286 32.85 -9.24 -12.21
CA LEU C 286 32.04 -10.13 -13.09
C LEU C 286 31.35 -11.23 -12.28
N PHE C 287 32.02 -11.78 -11.27
CA PHE C 287 31.59 -13.00 -10.52
C PHE C 287 31.09 -12.66 -9.11
N LEU C 288 30.99 -11.37 -8.77
CA LEU C 288 30.59 -10.94 -7.40
C LEU C 288 29.14 -11.36 -7.13
N GLU C 289 28.24 -11.19 -8.11
CA GLU C 289 26.79 -11.49 -7.98
C GLU C 289 26.60 -12.98 -7.65
N VAL C 290 27.21 -13.87 -8.44
CA VAL C 290 27.09 -15.35 -8.25
C VAL C 290 27.75 -15.75 -6.92
N CYS C 291 28.87 -15.10 -6.57
CA CYS C 291 29.63 -15.35 -5.31
C CYS C 291 28.80 -14.90 -4.09
N GLU C 292 28.07 -13.78 -4.22
CA GLU C 292 27.20 -13.22 -3.15
C GLU C 292 25.95 -14.10 -2.99
N ASP C 293 25.40 -14.59 -4.10
CA ASP C 293 24.24 -15.51 -4.13
C ASP C 293 24.62 -16.84 -3.46
N HIS C 294 25.82 -17.35 -3.72
CA HIS C 294 26.40 -18.55 -3.05
C HIS C 294 26.50 -18.29 -1.54
N LYS C 295 27.08 -17.14 -1.15
CA LYS C 295 27.27 -16.72 0.26
C LYS C 295 25.91 -16.74 0.98
N THR C 296 24.90 -16.10 0.38
CA THR C 296 23.50 -16.03 0.89
C THR C 296 22.99 -17.47 1.12
N ARG C 297 23.24 -18.37 0.16
CA ARG C 297 22.82 -19.79 0.21
C ARG C 297 23.49 -20.48 1.41
N MET C 298 24.81 -20.31 1.55
CA MET C 298 25.61 -20.88 2.67
C MET C 298 25.05 -20.39 4.01
N VAL C 299 24.75 -19.09 4.11
CA VAL C 299 24.20 -18.45 5.34
C VAL C 299 22.81 -19.03 5.61
N ASN C 300 21.95 -19.13 4.59
CA ASN C 300 20.59 -19.74 4.71
C ASN C 300 20.70 -21.10 5.39
N GLU C 301 21.53 -22.00 4.85
CA GLU C 301 21.73 -23.38 5.36
C GLU C 301 22.18 -23.34 6.82
N ALA C 302 23.13 -22.46 7.15
CA ALA C 302 23.72 -22.31 8.50
C ALA C 302 22.66 -21.81 9.48
N ILE C 303 21.89 -20.78 9.11
CA ILE C 303 20.83 -20.18 9.99
C ILE C 303 19.76 -21.25 10.25
N ALA C 304 19.35 -21.99 9.23
CA ALA C 304 18.36 -23.10 9.33
C ALA C 304 18.90 -24.19 10.27
N ASP C 305 20.17 -24.56 10.10
CA ASP C 305 20.88 -25.55 10.95
C ASP C 305 20.83 -25.12 12.43
N MET C 306 21.24 -23.87 12.72
CA MET C 306 21.29 -23.32 14.10
C MET C 306 19.88 -23.26 14.68
N ALA C 307 18.93 -22.66 13.95
CA ALA C 307 17.51 -22.55 14.32
C ALA C 307 16.98 -23.91 14.79
N SER C 308 17.25 -24.97 14.02
CA SER C 308 16.89 -26.37 14.35
C SER C 308 17.44 -26.74 15.74
N CYS C 309 18.72 -26.48 15.99
CA CYS C 309 19.45 -26.85 17.24
C CYS C 309 18.87 -26.09 18.45
N LEU C 310 18.29 -24.90 18.23
CA LEU C 310 17.70 -24.07 19.31
C LEU C 310 16.21 -24.40 19.48
N SER C 311 15.61 -25.10 18.52
CA SER C 311 14.14 -25.33 18.42
C SER C 311 13.58 -26.05 19.64
N PRO C 312 14.33 -26.96 20.33
CA PRO C 312 13.81 -27.59 21.55
C PRO C 312 13.37 -26.59 22.63
N THR C 313 13.99 -25.41 22.68
CA THR C 313 13.68 -24.33 23.66
C THR C 313 12.30 -23.72 23.36
N PHE C 314 11.76 -23.95 22.16
CA PHE C 314 10.42 -23.46 21.75
C PHE C 314 9.33 -24.24 22.48
N ALA C 315 9.68 -25.36 23.13
CA ALA C 315 8.77 -26.25 23.89
C ALA C 315 8.81 -25.93 25.39
N PHE C 316 9.72 -25.06 25.84
CA PHE C 316 9.78 -24.54 27.24
C PHE C 316 8.42 -23.94 27.61
N HIS C 317 7.75 -23.29 26.65
CA HIS C 317 6.41 -22.67 26.77
C HIS C 317 5.41 -23.67 27.39
N LYS C 318 5.48 -24.94 27.02
CA LYS C 318 4.53 -26.00 27.44
C LYS C 318 4.74 -26.39 28.91
N LEU C 319 5.86 -25.98 29.53
CA LEU C 319 6.16 -26.22 30.97
C LEU C 319 5.33 -25.27 31.84
N LEU C 320 4.95 -24.10 31.31
CA LEU C 320 4.18 -23.06 32.05
C LEU C 320 2.79 -23.60 32.39
N PRO C 321 2.21 -23.21 33.55
CA PRO C 321 0.82 -23.55 33.86
C PRO C 321 -0.14 -23.26 32.70
N ASP C 322 -1.10 -24.16 32.48
CA ASP C 322 -2.00 -24.20 31.30
C ASP C 322 -2.76 -22.87 31.14
N ASP C 323 -3.16 -22.26 32.26
CA ASP C 323 -4.09 -21.09 32.29
C ASP C 323 -3.37 -19.80 31.86
N ILE C 324 -2.02 -19.75 31.93
CA ILE C 324 -1.23 -18.52 31.65
C ILE C 324 -0.39 -18.68 30.37
N GLN C 325 -0.52 -19.82 29.67
CA GLN C 325 0.25 -20.10 28.42
C GLN C 325 -0.15 -19.09 27.33
N THR C 326 -1.41 -18.65 27.31
CA THR C 326 -1.98 -17.72 26.28
C THR C 326 -1.38 -16.31 26.41
N GLN C 327 -0.71 -16.01 27.53
CA GLN C 327 -0.14 -14.67 27.83
C GLN C 327 1.31 -14.56 27.32
N PHE C 328 1.91 -15.67 26.84
CA PHE C 328 3.33 -15.73 26.42
C PHE C 328 3.45 -16.35 25.02
N SER C 329 4.38 -15.81 24.22
CA SER C 329 4.82 -16.39 22.92
C SER C 329 5.76 -17.57 23.20
N PRO C 330 5.68 -18.68 22.43
CA PRO C 330 6.55 -19.83 22.65
C PRO C 330 8.01 -19.55 22.24
N TYR C 331 8.21 -18.72 21.22
CA TYR C 331 9.56 -18.33 20.70
C TYR C 331 9.51 -16.92 20.11
N ASP C 332 10.67 -16.32 19.89
CA ASP C 332 10.85 -15.01 19.20
C ASP C 332 10.59 -15.20 17.70
N ARG C 333 9.45 -14.70 17.22
CA ARG C 333 8.99 -14.88 15.81
C ARG C 333 9.95 -14.19 14.84
N GLN C 334 10.55 -13.06 15.23
CA GLN C 334 11.45 -12.25 14.38
C GLN C 334 12.69 -13.08 14.01
N GLN C 335 13.21 -13.89 14.93
CA GLN C 335 14.49 -14.65 14.78
C GLN C 335 14.23 -16.04 14.21
N PHE C 336 13.16 -16.72 14.65
CA PHE C 336 12.96 -18.18 14.46
C PHE C 336 11.73 -18.49 13.61
N GLY C 337 10.90 -17.50 13.29
CA GLY C 337 9.65 -17.68 12.53
C GLY C 337 9.87 -18.16 11.10
N GLN C 338 10.95 -17.72 10.45
CA GLN C 338 11.27 -18.01 9.03
C GLN C 338 12.75 -18.35 8.90
N VAL C 339 13.05 -19.58 8.45
CA VAL C 339 14.41 -20.02 8.01
C VAL C 339 14.28 -20.62 6.61
N PHE C 340 15.41 -20.80 5.92
CA PHE C 340 15.45 -21.19 4.49
C PHE C 340 16.50 -22.28 4.26
N ARG C 341 16.23 -23.15 3.28
CA ARG C 341 17.20 -24.08 2.67
C ARG C 341 17.21 -23.83 1.16
N GLY C 342 18.36 -24.08 0.52
CA GLY C 342 18.65 -23.64 -0.85
C GLY C 342 19.08 -22.18 -0.86
N PRO C 343 19.01 -21.48 -2.03
CA PRO C 343 18.40 -22.02 -3.23
C PRO C 343 19.15 -23.19 -3.89
N TYR C 344 18.46 -23.90 -4.78
CA TYR C 344 18.94 -25.09 -5.53
C TYR C 344 18.76 -24.84 -7.04
N SER C 345 19.80 -25.16 -7.83
CA SER C 345 19.78 -25.09 -9.32
C SER C 345 20.96 -25.91 -9.87
N GLN C 346 20.91 -26.24 -11.16
CA GLN C 346 22.02 -26.92 -11.87
C GLN C 346 23.29 -26.07 -11.73
N ASP C 347 23.16 -24.76 -11.96
CA ASP C 347 24.28 -23.76 -11.87
C ASP C 347 24.90 -23.79 -10.46
N LEU C 348 24.07 -23.70 -9.42
CA LEU C 348 24.52 -23.60 -7.99
C LEU C 348 25.29 -24.86 -7.57
N SER C 349 25.01 -26.01 -8.20
CA SER C 349 25.65 -27.32 -7.86
C SER C 349 27.08 -27.40 -8.39
N HIS C 350 27.41 -26.63 -9.44
CA HIS C 350 28.71 -26.72 -10.16
C HIS C 350 29.82 -26.07 -9.33
N GLY C 351 30.96 -26.74 -9.19
CA GLY C 351 32.05 -26.40 -8.24
C GLY C 351 33.12 -25.52 -8.86
N LEU C 352 33.52 -25.79 -10.11
CA LEU C 352 34.64 -25.09 -10.81
C LEU C 352 34.20 -24.64 -12.20
N TRP C 353 33.96 -23.34 -12.37
CA TRP C 353 33.56 -22.69 -13.65
C TRP C 353 34.81 -22.19 -14.38
N THR C 354 34.92 -22.50 -15.68
CA THR C 354 36.03 -22.07 -16.58
C THR C 354 35.53 -21.03 -17.59
N ALA C 355 34.25 -20.64 -17.50
CA ALA C 355 33.59 -19.66 -18.39
C ALA C 355 32.48 -18.91 -17.63
N PHE C 356 32.07 -17.74 -18.15
CA PHE C 356 31.02 -16.88 -17.53
C PHE C 356 29.67 -17.17 -18.18
N LYS C 357 28.70 -17.57 -17.35
CA LYS C 357 27.28 -17.85 -17.71
C LYS C 357 26.40 -16.80 -17.02
N ASN C 358 25.21 -16.55 -17.55
CA ASN C 358 24.13 -15.79 -16.86
C ASN C 358 23.57 -16.70 -15.76
N PHE C 359 24.27 -16.76 -14.62
CA PHE C 359 24.07 -17.76 -13.54
C PHE C 359 22.66 -17.65 -12.95
N ARG C 360 21.99 -18.79 -12.81
CA ARG C 360 20.69 -18.93 -12.11
C ARG C 360 21.00 -19.32 -10.65
N SER C 361 21.25 -18.32 -9.81
CA SER C 361 21.91 -18.45 -8.48
C SER C 361 21.01 -17.97 -7.35
N ARG C 362 19.82 -17.41 -7.65
CA ARG C 362 18.82 -17.03 -6.63
C ARG C 362 17.41 -17.00 -7.25
N THR C 363 16.39 -17.05 -6.39
CA THR C 363 14.95 -16.99 -6.75
C THR C 363 14.57 -15.53 -7.02
N THR C 364 13.61 -15.31 -7.92
CA THR C 364 13.14 -13.97 -8.37
C THR C 364 11.72 -13.71 -7.86
N ARG C 365 10.99 -14.75 -7.46
CA ARG C 365 9.56 -14.66 -7.05
C ARG C 365 9.31 -15.58 -5.85
N SER C 366 8.60 -15.06 -4.83
CA SER C 366 8.27 -15.76 -3.57
C SER C 366 6.76 -16.03 -3.49
N ASP C 367 6.37 -17.13 -2.84
CA ASP C 367 4.96 -17.52 -2.60
C ASP C 367 4.41 -16.71 -1.42
N GLN C 368 3.10 -16.81 -1.15
CA GLN C 368 2.44 -16.21 0.03
C GLN C 368 3.05 -16.82 1.31
N THR C 369 3.08 -16.04 2.40
CA THR C 369 3.67 -16.44 3.71
C THR C 369 2.69 -16.20 4.86
N LEU C 370 1.46 -15.75 4.60
CA LEU C 370 0.42 -15.54 5.65
C LEU C 370 0.17 -16.88 6.34
N ARG C 371 -0.09 -17.93 5.56
CA ARG C 371 -0.26 -19.33 6.03
C ARG C 371 1.12 -19.99 6.02
N ASP C 372 1.43 -20.81 7.02
CA ASP C 372 2.75 -21.45 7.24
C ASP C 372 2.56 -22.96 7.47
N ARG C 373 1.49 -23.53 6.91
CA ARG C 373 1.16 -24.98 7.01
C ARG C 373 0.59 -25.45 5.67
N ILE C 374 1.22 -26.46 5.06
CA ILE C 374 0.88 -27.01 3.73
C ILE C 374 -0.09 -28.19 3.92
N LEU C 375 -1.22 -28.19 3.19
CA LEU C 375 -2.24 -29.28 3.21
C LEU C 375 -2.11 -30.14 1.95
N GLU C 376 -1.73 -29.53 0.81
CA GLU C 376 -1.57 -30.23 -0.49
C GLU C 376 -0.41 -29.62 -1.29
N VAL C 377 0.19 -30.42 -2.16
CA VAL C 377 1.22 -30.00 -3.17
C VAL C 377 0.75 -30.49 -4.54
N ILE C 378 0.53 -29.57 -5.49
CA ILE C 378 0.19 -29.88 -6.91
C ILE C 378 1.47 -29.81 -7.74
N ILE C 379 1.80 -30.91 -8.41
CA ILE C 379 2.97 -31.02 -9.35
C ILE C 379 2.43 -31.39 -10.72
N ARG C 380 2.53 -30.47 -11.70
CA ARG C 380 2.32 -30.75 -13.14
C ARG C 380 3.67 -31.18 -13.73
N ALA C 381 3.73 -32.39 -14.29
CA ALA C 381 5.00 -33.02 -14.76
C ALA C 381 4.77 -33.80 -16.05
N GLY C 382 5.75 -33.75 -16.95
CA GLY C 382 5.89 -34.63 -18.12
C GLY C 382 7.32 -35.13 -18.23
N HIS C 383 8.07 -34.64 -19.23
CA HIS C 383 9.52 -34.91 -19.40
C HIS C 383 10.29 -34.18 -18.31
N HIS C 384 9.89 -32.92 -18.03
CA HIS C 384 10.39 -32.08 -16.90
C HIS C 384 9.20 -31.66 -16.04
N VAL C 385 9.45 -31.00 -14.91
CA VAL C 385 8.40 -30.38 -14.04
C VAL C 385 7.84 -29.17 -14.77
N ASP C 386 6.51 -29.11 -14.95
CA ASP C 386 5.80 -28.05 -15.70
C ASP C 386 5.37 -26.94 -14.74
N ALA C 387 4.82 -27.31 -13.59
CA ALA C 387 4.31 -26.36 -12.56
C ALA C 387 4.38 -26.99 -11.16
N ILE C 388 4.44 -26.13 -10.14
CA ILE C 388 4.31 -26.49 -8.71
C ILE C 388 3.38 -25.45 -8.04
N GLN C 389 2.37 -25.92 -7.32
CA GLN C 389 1.53 -25.09 -6.42
C GLN C 389 1.47 -25.77 -5.06
N PHE C 390 1.94 -25.06 -4.01
CA PHE C 390 1.65 -25.37 -2.60
C PHE C 390 0.22 -24.87 -2.30
N VAL C 391 -0.58 -25.70 -1.62
CA VAL C 391 -1.92 -25.31 -1.10
C VAL C 391 -1.84 -25.36 0.43
N TYR C 392 -2.03 -24.21 1.07
CA TYR C 392 -1.84 -24.01 2.53
C TYR C 392 -3.18 -24.16 3.25
N ASP C 393 -3.12 -24.20 4.58
CA ASP C 393 -4.31 -24.22 5.47
C ASP C 393 -4.96 -22.83 5.44
N HIS C 394 -6.09 -22.68 6.15
CA HIS C 394 -6.85 -21.42 6.27
C HIS C 394 -7.21 -21.21 7.74
N SER C 395 -7.12 -19.97 8.24
CA SER C 395 -7.53 -19.59 9.62
C SER C 395 -8.93 -20.15 9.88
N ASN C 396 -9.77 -20.17 8.85
CA ASN C 396 -11.06 -20.92 8.77
C ASN C 396 -10.73 -22.40 8.54
N PRO C 397 -11.11 -23.32 9.45
CA PRO C 397 -10.66 -24.72 9.36
C PRO C 397 -11.26 -25.53 8.20
N ASN C 398 -12.31 -25.00 7.56
CA ASN C 398 -13.08 -25.69 6.49
C ASN C 398 -12.44 -25.43 5.11
N LEU C 399 -11.73 -24.32 4.95
CA LEU C 399 -11.20 -23.84 3.64
C LEU C 399 -9.71 -24.17 3.50
N THR C 400 -9.14 -23.85 2.33
CA THR C 400 -7.68 -23.91 2.03
C THR C 400 -7.24 -22.56 1.46
N THR C 401 -5.92 -22.33 1.40
CA THR C 401 -5.29 -21.13 0.77
C THR C 401 -4.35 -21.60 -0.33
N PRO C 402 -4.85 -21.73 -1.59
CA PRO C 402 -3.99 -22.08 -2.73
C PRO C 402 -2.89 -21.03 -2.93
N GLY C 403 -1.64 -21.48 -3.04
CA GLY C 403 -0.47 -20.60 -3.23
C GLY C 403 -0.31 -20.17 -4.67
N THR C 404 0.79 -19.50 -4.99
CA THR C 404 1.17 -19.05 -6.35
C THR C 404 1.50 -20.28 -7.20
N VAL C 405 1.09 -20.25 -8.48
CA VAL C 405 1.45 -21.29 -9.50
C VAL C 405 2.75 -20.85 -10.18
N ALA C 406 3.82 -21.63 -9.99
CA ALA C 406 5.14 -21.46 -10.65
C ALA C 406 5.15 -22.31 -11.93
N GLY C 407 5.71 -21.75 -13.02
CA GLY C 407 5.94 -22.47 -14.29
C GLY C 407 4.71 -22.47 -15.18
N ASN C 408 4.55 -23.54 -15.98
CA ASN C 408 3.50 -23.71 -17.02
C ASN C 408 2.25 -24.33 -16.38
N ALA C 409 1.22 -23.50 -16.14
CA ALA C 409 -0.05 -23.87 -15.46
C ALA C 409 -0.83 -24.91 -16.27
N ALA C 410 -0.64 -24.94 -17.61
CA ALA C 410 -1.40 -25.79 -18.55
C ALA C 410 -0.67 -27.11 -18.82
N GLY C 411 0.67 -27.11 -18.78
CA GLY C 411 1.52 -28.20 -19.29
C GLY C 411 1.52 -29.43 -18.39
N GLY C 412 1.90 -30.58 -18.95
CA GLY C 412 2.17 -31.84 -18.23
C GLY C 412 0.93 -32.48 -17.62
N THR C 413 1.12 -33.56 -16.85
CA THR C 413 0.07 -34.29 -16.10
C THR C 413 -0.01 -33.72 -14.68
N ARG C 414 -1.22 -33.45 -14.19
CA ARG C 414 -1.49 -32.79 -12.88
C ARG C 414 -1.61 -33.85 -11.77
N HIS C 415 -0.77 -33.75 -10.74
CA HIS C 415 -0.70 -34.69 -9.59
C HIS C 415 -1.01 -33.94 -8.28
N GLN C 416 -2.20 -34.19 -7.70
CA GLN C 416 -2.60 -33.70 -6.36
C GLN C 416 -2.04 -34.64 -5.30
N VAL C 417 -1.20 -34.13 -4.40
CA VAL C 417 -0.66 -34.88 -3.24
C VAL C 417 -1.22 -34.26 -1.96
N ASP C 418 -2.18 -34.94 -1.31
CA ASP C 418 -2.74 -34.56 0.01
C ASP C 418 -1.69 -34.89 1.07
N VAL C 419 -1.20 -33.87 1.79
CA VAL C 419 -0.13 -34.01 2.82
C VAL C 419 -0.71 -33.73 4.21
N ARG C 420 -2.04 -33.70 4.32
CA ARG C 420 -2.76 -33.77 5.63
C ARG C 420 -2.48 -35.14 6.25
N ASP C 421 -1.96 -35.17 7.48
CA ASP C 421 -1.67 -36.41 8.27
C ASP C 421 -0.31 -37.01 7.85
N ARG C 422 0.38 -36.41 6.87
CA ARG C 422 1.77 -36.81 6.49
C ARG C 422 2.58 -35.56 6.13
N PRO C 423 3.17 -34.89 7.15
CA PRO C 423 4.09 -33.78 6.91
C PRO C 423 5.27 -34.15 6.00
N ILE C 424 5.74 -33.18 5.22
CA ILE C 424 6.91 -33.32 4.29
C ILE C 424 8.18 -33.25 5.14
N GLN C 425 9.04 -34.28 5.05
CA GLN C 425 10.35 -34.33 5.75
C GLN C 425 11.44 -33.88 4.77
N GLU C 426 11.40 -34.36 3.52
CA GLU C 426 12.40 -34.05 2.46
C GLU C 426 11.71 -33.84 1.11
N LEU C 427 12.32 -33.00 0.26
CA LEU C 427 12.01 -32.85 -1.19
C LEU C 427 13.28 -33.18 -1.99
N ARG C 428 13.20 -34.15 -2.91
CA ARG C 428 14.30 -34.50 -3.84
C ARG C 428 14.02 -33.81 -5.20
N MET C 429 14.99 -33.02 -5.67
CA MET C 429 14.96 -32.31 -6.98
C MET C 429 16.00 -32.93 -7.90
N GLU C 430 15.63 -33.17 -9.16
CA GLU C 430 16.57 -33.52 -10.26
C GLU C 430 16.60 -32.35 -11.24
N PHE C 431 17.81 -31.96 -11.69
CA PHE C 431 18.02 -30.91 -12.70
C PHE C 431 18.62 -31.55 -13.96
N SER C 432 18.06 -31.21 -15.12
CA SER C 432 18.57 -31.55 -16.47
C SER C 432 18.25 -30.40 -17.43
N GLN C 433 19.20 -30.07 -18.31
CA GLN C 433 19.05 -29.02 -19.37
C GLN C 433 18.78 -27.66 -18.71
N ASP C 434 19.32 -27.46 -17.49
CA ASP C 434 19.36 -26.17 -16.76
C ASP C 434 18.03 -25.88 -16.07
N VAL C 435 17.11 -26.86 -16.01
CA VAL C 435 15.75 -26.69 -15.40
C VAL C 435 15.46 -27.87 -14.47
N LEU C 436 14.41 -27.73 -13.65
CA LEU C 436 13.91 -28.81 -12.75
C LEU C 436 13.27 -29.91 -13.60
N ALA C 437 13.85 -31.11 -13.55
CA ALA C 437 13.44 -32.28 -14.37
C ALA C 437 12.39 -33.10 -13.61
N SER C 438 12.52 -33.20 -12.27
CA SER C 438 11.61 -34.01 -11.42
C SER C 438 11.56 -33.49 -9.98
N LEU C 439 10.50 -33.85 -9.26
CA LEU C 439 10.28 -33.57 -7.81
C LEU C 439 9.66 -34.80 -7.15
N GLN C 440 10.12 -35.14 -5.94
CA GLN C 440 9.64 -36.29 -5.13
C GLN C 440 9.52 -35.85 -3.66
N LEU C 441 8.43 -36.23 -2.98
CA LEU C 441 8.22 -35.94 -1.54
C LEU C 441 8.60 -37.17 -0.71
N HIS C 442 9.25 -36.95 0.42
CA HIS C 442 9.57 -37.98 1.47
C HIS C 442 8.89 -37.55 2.77
N PHE C 443 7.99 -38.38 3.30
CA PHE C 443 7.08 -38.02 4.42
C PHE C 443 7.73 -38.36 5.77
N GLU C 444 7.14 -37.83 6.84
CA GLU C 444 7.59 -37.95 8.26
C GLU C 444 7.73 -39.42 8.66
N ASP C 445 6.79 -40.27 8.25
CA ASP C 445 6.73 -41.71 8.64
C ASP C 445 7.70 -42.54 7.79
N GLY C 446 8.39 -41.92 6.82
CA GLY C 446 9.41 -42.58 5.98
C GLY C 446 8.87 -43.04 4.64
N THR C 447 7.55 -42.94 4.42
CA THR C 447 6.90 -43.22 3.12
C THR C 447 7.22 -42.07 2.17
N SER C 448 6.94 -42.24 0.88
CA SER C 448 7.22 -41.24 -0.18
C SER C 448 6.14 -41.28 -1.26
N THR C 449 6.09 -40.25 -2.10
CA THR C 449 5.38 -40.27 -3.40
C THR C 449 6.30 -40.90 -4.45
N ARG C 450 5.75 -41.16 -5.63
CA ARG C 450 6.51 -41.43 -6.88
C ARG C 450 7.35 -40.19 -7.22
N LYS C 451 8.45 -40.38 -7.96
CA LYS C 451 9.18 -39.29 -8.64
C LYS C 451 8.31 -38.76 -9.79
N PHE C 452 7.92 -37.48 -9.73
CA PHE C 452 7.09 -36.80 -10.77
C PHE C 452 8.03 -36.08 -11.75
N GLY C 453 8.00 -36.49 -13.03
CA GLY C 453 8.86 -35.96 -14.10
C GLY C 453 10.13 -36.78 -14.28
N ASN C 454 10.74 -36.69 -15.47
CA ASN C 454 12.03 -37.36 -15.83
C ASN C 454 11.96 -38.86 -15.50
N GLU C 455 10.89 -39.53 -15.92
CA GLU C 455 10.61 -40.95 -15.57
C GLU C 455 11.66 -41.86 -16.21
N LEU C 456 12.14 -41.51 -17.41
CA LEU C 456 13.01 -42.38 -18.26
C LEU C 456 14.44 -41.85 -18.33
N GLY C 457 14.64 -40.54 -18.14
CA GLY C 457 15.89 -39.83 -18.47
C GLY C 457 16.94 -39.91 -17.37
N TRP C 458 18.13 -39.37 -17.67
CA TRP C 458 19.30 -39.28 -16.75
C TRP C 458 19.30 -37.90 -16.09
N ALA C 459 19.44 -37.86 -14.76
CA ALA C 459 19.53 -36.62 -13.96
C ALA C 459 20.97 -36.09 -14.00
N THR C 460 21.17 -34.86 -14.47
CA THR C 460 22.49 -34.15 -14.42
C THR C 460 22.87 -33.95 -12.96
N ARG C 461 21.94 -33.41 -12.16
CA ARG C 461 22.12 -33.14 -10.71
C ARG C 461 20.90 -33.64 -9.93
N ILE C 462 21.15 -34.25 -8.77
CA ILE C 462 20.12 -34.68 -7.79
C ILE C 462 20.42 -33.98 -6.46
N LEU C 463 19.49 -33.15 -5.98
CA LEU C 463 19.61 -32.40 -4.70
C LEU C 463 18.46 -32.79 -3.79
N THR C 464 18.74 -32.94 -2.49
CA THR C 464 17.75 -33.26 -1.43
C THR C 464 17.66 -32.07 -0.47
N CYS C 465 16.47 -31.47 -0.34
CA CYS C 465 16.14 -30.43 0.65
C CYS C 465 15.49 -31.10 1.87
N THR C 466 16.23 -31.17 2.99
CA THR C 466 15.79 -31.81 4.25
C THR C 466 15.35 -30.72 5.22
N ALA C 467 14.09 -30.77 5.67
CA ALA C 467 13.53 -29.87 6.70
C ALA C 467 14.52 -29.77 7.86
N PRO C 468 14.81 -28.55 8.37
CA PRO C 468 15.50 -28.42 9.65
C PRO C 468 14.70 -29.20 10.71
N TYR C 469 15.36 -30.06 11.48
CA TYR C 469 14.71 -30.88 12.53
C TYR C 469 14.09 -29.92 13.56
N GLY C 470 12.79 -30.10 13.87
CA GLY C 470 12.00 -29.18 14.71
C GLY C 470 11.22 -28.17 13.88
N TYR C 471 11.48 -28.11 12.56
CA TYR C 471 10.82 -27.17 11.62
C TYR C 471 10.00 -27.96 10.59
N ARG C 472 8.96 -27.33 10.06
CA ARG C 472 8.12 -27.84 8.95
C ARG C 472 8.26 -26.90 7.74
N PHE C 473 8.05 -27.40 6.52
CA PHE C 473 7.91 -26.58 5.29
C PHE C 473 6.74 -25.61 5.49
N SER C 474 6.95 -24.33 5.19
CA SER C 474 6.01 -23.21 5.48
C SER C 474 5.70 -22.40 4.22
N SER C 475 6.66 -22.30 3.29
CA SER C 475 6.52 -21.59 1.99
C SER C 475 7.69 -21.96 1.07
N TRP C 476 7.80 -21.31 -0.08
CA TRP C 476 8.90 -21.52 -1.06
C TRP C 476 8.97 -20.34 -2.04
N ALA C 477 10.14 -20.18 -2.67
CA ALA C 477 10.41 -19.18 -3.74
C ALA C 477 11.02 -19.92 -4.94
N PHE C 478 11.01 -19.30 -6.11
CA PHE C 478 11.44 -19.91 -7.39
C PHE C 478 11.91 -18.84 -8.37
N ARG C 479 12.66 -19.29 -9.39
CA ARG C 479 12.92 -18.52 -10.63
C ARG C 479 12.37 -19.33 -11.81
N GLU C 480 11.76 -18.65 -12.77
CA GLU C 480 11.25 -19.24 -14.03
C GLU C 480 12.20 -18.87 -15.17
N ASP C 481 12.41 -19.78 -16.13
CA ASP C 481 13.15 -19.54 -17.38
C ASP C 481 12.48 -20.33 -18.50
N PRO C 482 12.56 -19.88 -19.77
CA PRO C 482 12.17 -20.72 -20.90
C PRO C 482 12.95 -22.04 -20.89
N GLY C 483 12.26 -23.17 -20.80
CA GLY C 483 12.85 -24.52 -20.81
C GLY C 483 13.12 -24.99 -22.24
N PRO C 484 13.69 -26.21 -22.43
CA PRO C 484 14.02 -26.71 -23.77
C PRO C 484 12.81 -26.98 -24.67
N TYR C 485 11.61 -27.11 -24.09
CA TYR C 485 10.33 -27.37 -24.83
C TYR C 485 9.64 -26.04 -25.18
N ARG C 486 10.35 -24.91 -25.03
CA ARG C 486 9.89 -23.55 -25.41
C ARG C 486 8.67 -23.16 -24.56
N THR C 487 8.62 -23.64 -23.31
CA THR C 487 7.56 -23.37 -22.31
C THR C 487 8.22 -22.93 -21.00
N THR C 488 7.46 -22.24 -20.13
CA THR C 488 7.93 -21.72 -18.83
C THR C 488 8.29 -22.90 -17.91
N ALA C 489 9.57 -23.00 -17.54
CA ALA C 489 10.13 -24.05 -16.64
C ALA C 489 10.55 -23.42 -15.32
N ILE C 490 10.99 -24.24 -14.37
CA ILE C 490 11.52 -23.81 -13.04
C ILE C 490 13.02 -24.14 -13.00
N SER C 491 13.86 -23.13 -12.81
CA SER C 491 15.34 -23.23 -12.87
C SER C 491 15.96 -23.16 -11.47
N VAL C 492 15.34 -22.42 -10.53
CA VAL C 492 15.84 -22.23 -9.14
C VAL C 492 14.70 -22.47 -8.16
N LEU C 493 14.99 -23.15 -7.05
CA LEU C 493 14.03 -23.42 -5.94
C LEU C 493 14.69 -23.09 -4.60
N ARG C 494 13.98 -22.37 -3.74
CA ARG C 494 14.37 -22.11 -2.32
C ARG C 494 13.16 -22.44 -1.44
N PHE C 495 13.38 -23.17 -0.34
CA PHE C 495 12.30 -23.60 0.59
C PHE C 495 12.43 -22.84 1.90
N GLN C 496 11.28 -22.44 2.46
CA GLN C 496 11.14 -21.69 3.72
C GLN C 496 10.46 -22.59 4.75
N PHE C 497 10.84 -22.47 6.02
CA PHE C 497 10.36 -23.33 7.13
C PHE C 497 9.91 -22.45 8.31
N THR C 498 9.02 -23.02 9.15
CA THR C 498 8.55 -22.42 10.41
C THR C 498 8.62 -23.50 11.50
N PRO C 499 8.82 -23.14 12.79
CA PRO C 499 8.87 -24.13 13.86
C PRO C 499 7.60 -24.99 13.97
N GLU C 500 7.77 -26.30 14.13
CA GLU C 500 6.68 -27.29 14.36
C GLU C 500 6.61 -27.55 15.88
N LEU C 501 5.63 -26.94 16.55
CA LEU C 501 5.51 -26.94 18.04
C LEU C 501 4.82 -28.21 18.54
N ASP C 502 4.17 -28.98 17.65
CA ASP C 502 3.52 -30.27 17.98
C ASP C 502 4.21 -31.40 17.21
N MET C 503 5.54 -31.37 17.15
CA MET C 503 6.35 -32.39 16.43
C MET C 503 6.41 -33.66 17.28
N PRO C 504 6.06 -34.84 16.71
CA PRO C 504 6.16 -36.09 17.45
C PRO C 504 7.62 -36.52 17.60
N LEU C 505 7.94 -37.27 18.66
CA LEU C 505 9.28 -37.88 18.88
C LEU C 505 9.25 -39.31 18.36
N PRO C 506 10.43 -39.93 18.08
CA PRO C 506 10.50 -41.36 17.77
C PRO C 506 10.21 -42.25 19.00
N ALA C 507 10.05 -43.55 18.77
CA ALA C 507 9.84 -44.59 19.80
C ALA C 507 11.19 -45.06 20.35
N GLU D 26 18.59 51.09 0.43
CA GLU D 26 19.75 50.94 -0.51
C GLU D 26 20.47 49.61 -0.22
N GLU D 27 19.70 48.52 -0.09
CA GLU D 27 20.24 47.16 0.18
C GLU D 27 21.02 46.68 -1.06
N ASP D 28 21.99 45.79 -0.85
CA ASP D 28 22.77 45.12 -1.93
C ASP D 28 21.78 44.56 -2.95
N PRO D 29 21.91 44.89 -4.26
CA PRO D 29 20.99 44.41 -5.28
C PRO D 29 20.67 42.90 -5.21
N ILE D 30 21.65 42.10 -4.77
CA ILE D 30 21.55 40.62 -4.63
C ILE D 30 20.26 40.24 -3.91
N PHE D 31 19.90 40.96 -2.84
CA PHE D 31 18.75 40.67 -1.94
C PHE D 31 17.43 40.95 -2.68
N THR D 32 17.36 42.02 -3.47
CA THR D 32 16.17 42.39 -4.27
C THR D 32 15.99 41.37 -5.41
N GLN D 33 17.11 40.90 -5.97
CA GLN D 33 17.15 39.90 -7.08
C GLN D 33 16.64 38.55 -6.59
N LEU D 34 17.17 38.07 -5.45
CA LEU D 34 16.77 36.78 -4.82
C LEU D 34 15.28 36.80 -4.47
N ALA D 35 14.77 37.95 -4.01
CA ALA D 35 13.35 38.16 -3.62
C ALA D 35 12.45 37.90 -4.83
N GLN D 36 12.65 38.66 -5.92
CA GLN D 36 11.81 38.61 -7.14
C GLN D 36 12.04 37.29 -7.88
N LYS D 37 13.21 36.65 -7.71
CA LYS D 37 13.53 35.31 -8.27
C LYS D 37 12.60 34.26 -7.64
N MET D 38 12.46 34.27 -6.31
CA MET D 38 11.62 33.31 -5.54
C MET D 38 10.15 33.53 -5.87
N ALA D 39 9.73 34.78 -6.06
CA ALA D 39 8.33 35.19 -6.34
C ALA D 39 7.84 34.56 -7.65
N ALA D 40 8.72 34.49 -8.66
CA ALA D 40 8.45 33.90 -9.99
C ALA D 40 8.20 32.38 -9.86
N ALA D 41 9.08 31.69 -9.13
CA ALA D 41 9.10 30.22 -8.95
C ALA D 41 7.90 29.75 -8.12
N ALA D 42 7.34 30.63 -7.29
CA ALA D 42 6.27 30.33 -6.31
C ALA D 42 5.00 29.83 -7.03
N GLU D 43 4.64 30.45 -8.16
CA GLU D 43 3.37 30.18 -8.90
C GLU D 43 3.42 28.77 -9.52
N LYS D 44 4.59 28.34 -10.02
CA LYS D 44 4.76 27.07 -10.77
C LYS D 44 4.93 25.91 -9.77
N GLU D 45 5.97 25.98 -8.92
CA GLU D 45 6.42 24.88 -8.04
C GLU D 45 5.44 24.72 -6.85
N GLU D 46 5.19 23.46 -6.45
CA GLU D 46 4.39 23.09 -5.25
C GLU D 46 5.21 23.44 -4.00
N VAL D 47 6.45 22.94 -3.92
CA VAL D 47 7.41 23.18 -2.81
C VAL D 47 8.65 23.87 -3.37
N PRO D 48 8.68 25.23 -3.42
CA PRO D 48 9.82 25.96 -3.97
C PRO D 48 11.02 26.00 -3.01
N VAL D 49 12.17 26.50 -3.49
CA VAL D 49 13.48 26.54 -2.76
C VAL D 49 13.72 27.95 -2.23
N ASP D 50 14.25 28.06 -1.00
CA ASP D 50 14.65 29.33 -0.36
C ASP D 50 16.01 29.76 -0.94
N LEU D 51 15.99 30.55 -2.02
CA LEU D 51 17.20 30.98 -2.77
C LEU D 51 17.99 31.99 -1.92
N LEU D 52 17.28 32.85 -1.18
CA LEU D 52 17.88 33.79 -0.19
C LEU D 52 18.80 33.04 0.76
N ALA D 53 18.29 31.99 1.40
CA ALA D 53 19.01 31.13 2.36
C ALA D 53 20.16 30.39 1.65
N GLN D 54 19.90 29.91 0.43
CA GLN D 54 20.88 29.20 -0.42
C GLN D 54 22.11 30.10 -0.64
N TYR D 55 21.91 31.33 -1.11
CA TYR D 55 22.96 32.34 -1.38
C TYR D 55 23.79 32.59 -0.11
N MET D 56 23.12 32.84 1.02
CA MET D 56 23.76 33.22 2.30
C MET D 56 24.58 32.04 2.84
N GLN D 57 24.14 30.81 2.57
CA GLN D 57 24.86 29.56 2.97
C GLN D 57 26.09 29.36 2.07
N VAL D 58 26.03 29.81 0.82
CA VAL D 58 27.19 29.81 -0.12
C VAL D 58 28.22 30.83 0.37
N GLU D 59 27.76 32.02 0.77
CA GLU D 59 28.61 33.12 1.31
C GLU D 59 29.30 32.67 2.61
N ALA D 60 28.65 31.81 3.41
CA ALA D 60 29.19 31.25 4.66
C ALA D 60 30.45 30.44 4.38
N HIS D 61 30.59 29.90 3.15
CA HIS D 61 31.78 29.15 2.67
C HIS D 61 32.41 29.88 1.47
N ASP D 62 32.44 31.22 1.51
CA ASP D 62 32.96 32.07 0.40
C ASP D 62 34.41 31.69 0.10
N TRP D 63 35.27 31.70 1.12
CA TRP D 63 36.71 31.36 1.00
C TRP D 63 36.86 29.98 0.33
N HIS D 64 36.13 28.98 0.85
CA HIS D 64 36.15 27.56 0.39
C HIS D 64 35.85 27.51 -1.11
N ASN D 65 34.81 28.22 -1.55
CA ASN D 65 34.31 28.23 -2.96
C ASN D 65 35.35 28.91 -3.87
N ARG D 66 36.05 29.92 -3.35
CA ARG D 66 37.12 30.66 -4.09
C ARG D 66 38.30 29.73 -4.39
N VAL D 67 38.74 28.96 -3.40
CA VAL D 67 39.90 28.02 -3.53
C VAL D 67 39.54 26.94 -4.56
N ARG D 68 38.34 26.36 -4.46
CA ARG D 68 37.84 25.31 -5.39
C ARG D 68 37.65 25.91 -6.79
N GLY D 69 37.05 27.11 -6.88
CA GLY D 69 36.84 27.85 -8.14
C GLY D 69 38.15 28.14 -8.86
N ALA D 70 39.20 28.47 -8.11
CA ALA D 70 40.56 28.78 -8.62
C ALA D 70 41.19 27.51 -9.21
N ILE D 71 41.09 26.39 -8.49
CA ILE D 71 41.68 25.06 -8.90
C ILE D 71 40.96 24.58 -10.16
N LEU D 72 39.62 24.57 -10.15
CA LEU D 72 38.79 24.15 -11.32
C LEU D 72 39.09 25.05 -12.52
N GLY D 73 39.29 26.35 -12.29
CA GLY D 73 39.58 27.36 -13.35
C GLY D 73 40.84 27.02 -14.13
N LEU D 74 41.82 26.37 -13.49
CA LEU D 74 43.11 25.98 -14.11
C LEU D 74 42.90 24.87 -15.16
N ILE D 75 41.98 23.93 -14.89
CA ILE D 75 41.71 22.74 -15.75
C ILE D 75 40.48 23.02 -16.65
N SER D 76 39.53 23.82 -16.18
CA SER D 76 38.22 24.10 -16.84
C SER D 76 38.43 24.95 -18.10
N ALA D 77 39.41 25.85 -18.08
CA ALA D 77 39.66 26.86 -19.15
C ALA D 77 40.26 26.17 -20.39
N VAL D 78 39.84 26.61 -21.58
CA VAL D 78 40.49 26.27 -22.89
C VAL D 78 41.90 26.87 -22.83
N PRO D 79 42.97 26.04 -22.87
CA PRO D 79 44.32 26.51 -22.59
C PRO D 79 44.67 27.85 -23.28
N LYS D 80 44.89 28.90 -22.48
CA LYS D 80 45.35 30.23 -22.93
C LYS D 80 46.20 30.85 -21.81
N VAL D 81 47.46 31.20 -22.11
CA VAL D 81 48.45 31.73 -21.13
C VAL D 81 47.81 32.90 -20.37
N GLY D 82 47.79 32.81 -19.03
CA GLY D 82 47.36 33.90 -18.13
C GLY D 82 45.86 33.90 -17.83
N ALA D 83 45.04 33.24 -18.66
CA ALA D 83 43.56 33.29 -18.60
C ALA D 83 43.07 32.70 -17.27
N ALA D 84 43.57 31.52 -16.88
CA ALA D 84 43.17 30.80 -15.66
C ALA D 84 43.66 31.56 -14.42
N ILE D 85 44.88 32.11 -14.48
CA ILE D 85 45.51 32.90 -13.38
C ILE D 85 44.70 34.19 -13.17
N SER D 86 44.18 34.77 -14.25
CA SER D 86 43.31 35.98 -14.21
C SER D 86 41.99 35.65 -13.51
N ARG D 87 41.45 34.44 -13.74
CA ARG D 87 40.23 33.92 -13.06
C ARG D 87 40.54 33.71 -11.57
N LEU D 88 41.70 33.13 -11.25
CA LEU D 88 42.18 32.91 -9.85
C LEU D 88 42.24 34.26 -9.12
N ILE D 89 42.89 35.26 -9.73
CA ILE D 89 43.10 36.62 -9.14
C ILE D 89 41.73 37.30 -8.96
N GLY D 90 40.81 37.10 -9.91
CA GLY D 90 39.43 37.62 -9.87
C GLY D 90 38.63 37.06 -8.71
N LEU D 91 38.97 35.84 -8.26
CA LEU D 91 38.30 35.14 -7.12
C LEU D 91 38.97 35.54 -5.80
N PHE D 92 40.31 35.58 -5.76
CA PHE D 92 41.13 35.77 -4.53
C PHE D 92 41.19 37.25 -4.14
N TRP D 93 41.23 38.15 -5.12
CA TRP D 93 41.32 39.62 -4.91
C TRP D 93 40.27 40.34 -5.77
N PRO D 94 38.97 40.12 -5.49
CA PRO D 94 37.90 40.81 -6.22
C PRO D 94 37.83 42.29 -5.82
N ALA D 95 37.31 43.13 -6.73
CA ALA D 95 37.22 44.60 -6.59
C ALA D 95 35.98 44.98 -5.78
N ASN D 96 34.96 44.11 -5.76
CA ASN D 96 33.61 44.40 -5.21
C ASN D 96 33.32 43.49 -4.00
N LYS D 97 34.33 42.78 -3.48
CA LYS D 97 34.20 41.89 -2.31
C LYS D 97 35.50 41.87 -1.51
N VAL D 98 35.45 41.26 -0.33
CA VAL D 98 36.60 41.03 0.60
C VAL D 98 37.63 40.13 -0.11
N ASP D 99 38.90 40.20 0.29
CA ASP D 99 40.01 39.40 -0.32
C ASP D 99 40.01 38.00 0.30
N ILE D 100 40.83 37.10 -0.25
CA ILE D 100 40.89 35.65 0.12
C ILE D 100 41.17 35.51 1.62
N TRP D 101 42.06 36.37 2.16
CA TRP D 101 42.62 36.24 3.54
C TRP D 101 41.55 36.57 4.60
N GLU D 102 40.67 37.53 4.34
CA GLU D 102 39.61 37.95 5.28
C GLU D 102 38.36 37.09 5.08
N ALA D 103 38.07 36.67 3.84
CA ALA D 103 37.05 35.66 3.52
C ALA D 103 37.32 34.40 4.36
N LEU D 104 38.59 34.02 4.46
CA LEU D 104 39.10 32.88 5.27
C LEU D 104 38.64 33.03 6.73
N ARG D 105 38.83 34.22 7.32
CA ARG D 105 38.49 34.51 8.74
C ARG D 105 36.97 34.36 8.96
N ALA D 106 36.16 34.54 7.92
CA ALA D 106 34.68 34.50 7.98
C ALA D 106 34.14 33.08 7.73
N GLU D 107 35.01 32.09 7.48
CA GLU D 107 34.63 30.67 7.25
C GLU D 107 33.85 30.16 8.48
N GLU D 108 32.68 29.56 8.24
CA GLU D 108 31.70 29.14 9.28
C GLU D 108 32.39 28.32 10.37
N TYR D 109 33.21 27.34 9.98
CA TYR D 109 33.75 26.27 10.88
C TYR D 109 34.93 26.78 11.72
N ILE D 110 35.49 27.96 11.40
CA ILE D 110 36.80 28.45 11.93
C ILE D 110 36.79 28.43 13.47
N ARG D 111 35.68 28.86 14.08
CA ARG D 111 35.56 29.07 15.56
C ARG D 111 35.60 27.74 16.30
N ASN D 112 35.34 26.61 15.61
CA ASN D 112 35.28 25.25 16.21
C ASN D 112 36.63 24.53 16.02
N ILE D 113 37.57 25.08 15.24
CA ILE D 113 38.79 24.33 14.81
C ILE D 113 40.08 25.06 15.24
N VAL D 114 40.18 26.39 15.06
CA VAL D 114 41.46 27.13 15.28
C VAL D 114 41.21 28.35 16.19
N GLN D 115 42.19 28.65 17.05
CA GLN D 115 42.26 29.91 17.86
C GLN D 115 42.50 31.08 16.90
N GLN D 116 41.47 31.91 16.69
CA GLN D 116 41.44 32.96 15.63
C GLN D 116 42.70 33.82 15.69
N GLU D 117 42.98 34.44 16.84
CA GLU D 117 43.99 35.52 16.98
C GLU D 117 45.38 34.93 17.22
N LEU D 118 45.54 33.60 17.19
CA LEU D 118 46.86 32.92 17.19
C LEU D 118 47.42 32.89 15.76
N PHE D 119 46.56 32.78 14.74
CA PHE D 119 46.97 32.82 13.31
C PHE D 119 47.16 34.29 12.89
N GLU D 120 46.34 35.20 13.43
CA GLU D 120 46.47 36.66 13.20
C GLU D 120 47.80 37.15 13.78
N PHE D 121 48.30 36.48 14.82
CA PHE D 121 49.63 36.73 15.43
C PHE D 121 50.73 36.24 14.49
N GLU D 122 50.56 35.02 13.93
CA GLU D 122 51.52 34.44 12.95
C GLU D 122 51.43 35.18 11.62
N MET D 123 50.24 35.72 11.28
CA MET D 123 49.97 36.39 9.98
C MET D 123 50.64 37.77 9.95
N ARG D 124 50.62 38.52 11.05
CA ARG D 124 51.27 39.86 11.14
C ARG D 124 52.80 39.71 11.01
N LEU D 125 53.34 38.53 11.34
CA LEU D 125 54.78 38.19 11.15
C LEU D 125 55.06 37.85 9.67
N LEU D 126 54.04 37.39 8.93
CA LEU D 126 54.15 36.95 7.51
C LEU D 126 53.67 38.05 6.56
N GLU D 127 53.09 39.13 7.09
CA GLU D 127 52.39 40.19 6.32
C GLU D 127 53.23 40.67 5.14
N ASN D 128 54.52 40.96 5.37
CA ASN D 128 55.43 41.53 4.34
C ASN D 128 55.67 40.50 3.23
N ASP D 129 55.97 39.25 3.60
CA ASP D 129 56.16 38.12 2.67
C ASP D 129 54.89 37.92 1.82
N ILE D 130 53.71 38.13 2.41
CA ILE D 130 52.39 37.97 1.72
C ILE D 130 52.19 39.14 0.75
N GLN D 131 52.56 40.36 1.15
CA GLN D 131 52.49 41.58 0.31
C GLN D 131 53.43 41.41 -0.90
N ALA D 132 54.58 40.78 -0.70
CA ALA D 132 55.63 40.54 -1.71
C ALA D 132 55.11 39.54 -2.76
N LEU D 133 54.52 38.43 -2.31
CA LEU D 133 53.93 37.38 -3.20
C LEU D 133 52.77 37.98 -3.99
N GLU D 134 51.91 38.77 -3.34
CA GLU D 134 50.74 39.44 -3.96
C GLU D 134 51.22 40.40 -5.07
N THR D 135 52.28 41.17 -4.80
CA THR D 135 52.92 42.09 -5.78
C THR D 135 53.33 41.30 -7.02
N THR D 136 54.02 40.17 -6.81
CA THR D 136 54.54 39.26 -7.87
C THR D 136 53.38 38.74 -8.73
N VAL D 137 52.29 38.29 -8.09
CA VAL D 137 51.07 37.76 -8.76
C VAL D 137 50.47 38.84 -9.65
N GLY D 138 50.35 40.08 -9.13
CA GLY D 138 49.85 41.26 -9.86
C GLY D 138 50.73 41.60 -11.05
N ARG D 139 52.05 41.48 -10.90
CA ARG D 139 53.05 41.78 -11.95
C ARG D 139 52.93 40.76 -13.08
N TYR D 140 52.76 39.48 -12.76
CA TYR D 140 52.59 38.37 -13.74
C TYR D 140 51.34 38.61 -14.59
N ASP D 141 50.24 39.02 -13.94
CA ASP D 141 48.91 39.21 -14.59
C ASP D 141 48.97 40.34 -15.62
N THR D 142 49.71 41.42 -15.31
CA THR D 142 49.76 42.68 -16.08
C THR D 142 50.91 42.67 -17.11
N ALA D 143 51.88 41.76 -16.95
CA ALA D 143 53.09 41.68 -17.80
C ALA D 143 52.74 41.19 -19.20
N ALA D 144 53.50 41.62 -20.20
CA ALA D 144 53.53 41.05 -21.56
C ALA D 144 54.10 39.63 -21.48
N LEU D 145 53.85 38.79 -22.49
CA LEU D 145 54.27 37.37 -22.52
C LEU D 145 55.78 37.26 -22.27
N THR D 146 56.56 38.19 -22.84
CA THR D 146 58.05 38.19 -22.79
C THR D 146 58.55 38.48 -21.37
N GLU D 147 57.73 39.10 -20.52
CA GLU D 147 58.05 39.44 -19.10
C GLU D 147 57.39 38.47 -18.13
N LYS D 148 56.32 37.78 -18.55
CA LYS D 148 55.50 36.89 -17.69
C LYS D 148 56.41 35.83 -17.04
N GLY D 149 57.21 35.13 -17.86
CA GLY D 149 58.06 34.01 -17.43
C GLY D 149 58.82 34.30 -16.14
N ASN D 150 59.48 35.47 -16.08
CA ASN D 150 60.35 35.90 -14.96
C ASN D 150 59.55 35.96 -13.65
N PHE D 151 58.41 36.65 -13.66
CA PHE D 151 57.55 36.89 -12.46
C PHE D 151 57.02 35.55 -11.94
N LEU D 152 56.68 34.61 -12.82
CA LEU D 152 56.15 33.28 -12.43
C LEU D 152 57.22 32.52 -11.64
N SER D 153 58.49 32.60 -12.06
CA SER D 153 59.64 31.94 -11.39
C SER D 153 59.82 32.49 -9.97
N ILE D 154 59.61 33.81 -9.79
CA ILE D 154 59.69 34.52 -8.48
C ILE D 154 58.48 34.10 -7.63
N TRP D 155 57.29 34.08 -8.22
CA TRP D 155 56.02 33.57 -7.63
C TRP D 155 56.28 32.21 -6.97
N ILE D 156 56.88 31.26 -7.71
CA ILE D 156 57.14 29.87 -7.27
C ILE D 156 57.98 29.90 -5.99
N SER D 157 59.13 30.58 -6.02
CA SER D 157 60.13 30.66 -4.93
C SER D 157 59.51 31.32 -3.68
N GLN D 158 58.71 32.38 -3.87
CA GLN D 158 58.07 33.15 -2.78
C GLN D 158 56.98 32.29 -2.11
N ALA D 159 56.11 31.68 -2.92
CA ALA D 159 55.04 30.76 -2.47
C ALA D 159 55.67 29.61 -1.65
N ASP D 160 56.75 29.02 -2.15
CA ASP D 160 57.49 27.92 -1.48
C ASP D 160 57.94 28.39 -0.08
N ALA D 161 58.69 29.49 -0.03
CA ALA D 161 59.30 30.07 1.20
C ALA D 161 58.21 30.43 2.22
N LEU D 162 57.11 31.02 1.78
CA LEU D 162 55.99 31.50 2.63
C LEU D 162 55.32 30.30 3.33
N TYR D 163 55.22 29.16 2.66
CA TYR D 163 54.60 27.93 3.21
C TYR D 163 55.54 27.29 4.25
N ILE D 164 56.84 27.25 3.95
CA ILE D 164 57.89 26.70 4.85
C ILE D 164 57.83 27.44 6.19
N ARG D 165 57.63 28.78 6.15
CA ARG D 165 57.46 29.63 7.36
C ARG D 165 56.23 29.15 8.15
N MET D 166 55.08 29.03 7.47
CA MET D 166 53.78 28.61 8.07
C MET D 166 53.93 27.22 8.71
N ARG D 167 54.63 26.31 8.03
CA ARG D 167 54.92 24.93 8.49
C ARG D 167 55.77 24.98 9.77
N ASN D 168 56.87 25.74 9.74
CA ASN D 168 57.89 25.81 10.82
C ASN D 168 57.37 26.63 12.01
N SER D 169 56.35 27.46 11.80
CA SER D 169 55.73 28.35 12.81
C SER D 169 55.35 27.55 14.07
N THR D 170 55.40 28.20 15.23
CA THR D 170 55.01 27.64 16.56
C THR D 170 53.54 27.18 16.48
N ASN D 171 52.66 28.05 16.00
CA ASN D 171 51.20 27.85 15.88
C ASN D 171 50.83 27.49 14.45
N ASN D 172 51.50 26.50 13.86
CA ASN D 172 51.32 26.09 12.45
C ASN D 172 49.92 25.49 12.26
N ILE D 173 49.45 24.69 13.22
CA ILE D 173 48.12 24.00 13.18
C ILE D 173 47.00 25.04 13.03
N HIS D 174 47.21 26.27 13.51
CA HIS D 174 46.22 27.37 13.46
C HIS D 174 46.27 28.08 12.09
N LEU D 175 47.27 27.77 11.26
CA LEU D 175 47.48 28.35 9.90
C LEU D 175 47.07 27.34 8.82
N LEU D 176 46.44 26.22 9.20
CA LEU D 176 46.17 25.08 8.27
C LEU D 176 45.40 25.57 7.02
N LEU D 177 44.48 26.52 7.18
CA LEU D 177 43.68 27.06 6.05
C LEU D 177 44.51 28.07 5.25
N HIS D 178 45.43 28.78 5.90
CA HIS D 178 46.41 29.69 5.24
C HIS D 178 47.37 28.85 4.39
N MET D 179 47.68 27.63 4.85
CA MET D 179 48.47 26.61 4.10
C MET D 179 47.69 26.15 2.87
N VAL D 180 46.38 25.92 2.99
CA VAL D 180 45.48 25.57 1.84
C VAL D 180 45.61 26.67 0.78
N THR D 181 45.54 27.94 1.20
CA THR D 181 45.56 29.15 0.32
C THR D 181 46.91 29.29 -0.36
N VAL D 182 48.02 29.18 0.40
CA VAL D 182 49.41 29.31 -0.13
C VAL D 182 49.70 28.15 -1.09
N SER D 183 49.38 26.91 -0.69
CA SER D 183 49.59 25.68 -1.48
C SER D 183 48.85 25.78 -2.83
N THR D 184 47.64 26.35 -2.84
CA THR D 184 46.83 26.58 -4.05
C THR D 184 47.59 27.53 -4.99
N LEU D 185 48.05 28.67 -4.48
CA LEU D 185 48.79 29.70 -5.26
C LEU D 185 50.08 29.08 -5.83
N HIS D 186 50.80 28.30 -5.01
CA HIS D 186 52.07 27.65 -5.40
C HIS D 186 51.84 26.68 -6.56
N LEU D 187 50.90 25.74 -6.41
CA LEU D 187 50.61 24.71 -7.44
C LEU D 187 49.99 25.35 -8.69
N ALA D 188 49.22 26.44 -8.54
CA ALA D 188 48.63 27.20 -9.66
C ALA D 188 49.75 27.75 -10.55
N ALA D 189 50.80 28.31 -9.95
CA ALA D 189 51.99 28.87 -10.64
C ALA D 189 52.76 27.74 -11.33
N LEU D 190 52.96 26.62 -10.63
CA LEU D 190 53.68 25.42 -11.15
C LEU D 190 52.91 24.81 -12.32
N HIS D 191 51.59 24.74 -12.21
CA HIS D 191 50.67 24.24 -13.27
C HIS D 191 50.79 25.13 -14.51
N GLU D 192 50.66 26.45 -14.30
CA GLU D 192 50.80 27.49 -15.36
C GLU D 192 52.15 27.33 -16.07
N ARG D 193 53.22 27.07 -15.30
CA ARG D 193 54.60 26.95 -15.82
C ARG D 193 54.67 25.76 -16.79
N LEU D 194 54.15 24.60 -16.39
CA LEU D 194 54.12 23.36 -17.21
C LEU D 194 53.30 23.61 -18.48
N THR D 195 52.06 24.10 -18.32
CA THR D 195 51.06 24.26 -19.41
C THR D 195 51.59 25.17 -20.52
N PHE D 196 52.22 26.31 -20.16
CA PHE D 196 52.60 27.41 -21.09
C PHE D 196 54.10 27.69 -21.05
N GLY D 197 54.91 26.78 -20.49
CA GLY D 197 56.35 26.97 -20.26
C GLY D 197 57.09 27.30 -21.56
N GLU D 198 56.75 26.60 -22.63
CA GLU D 198 57.33 26.80 -24.00
C GLU D 198 57.13 28.28 -24.39
N GLU D 199 55.92 28.81 -24.20
CA GLU D 199 55.53 30.19 -24.60
C GLU D 199 56.20 31.22 -23.67
N LEU D 200 56.36 30.88 -22.39
CA LEU D 200 56.87 31.82 -21.34
C LEU D 200 58.39 31.97 -21.44
N TYR D 201 59.12 30.86 -21.53
CA TYR D 201 60.61 30.82 -21.43
C TYR D 201 61.26 30.61 -22.81
N GLY D 202 60.51 30.08 -23.78
CA GLY D 202 61.05 29.73 -25.12
C GLY D 202 62.07 28.61 -25.04
N THR D 203 61.84 27.64 -24.15
CA THR D 203 62.71 26.46 -23.91
C THR D 203 61.86 25.19 -23.94
N ASN D 204 62.51 24.03 -23.89
CA ASN D 204 61.85 22.70 -24.09
C ASN D 204 62.00 21.86 -22.80
N ASN D 205 61.85 22.49 -21.62
CA ASN D 205 62.17 21.86 -20.31
C ASN D 205 60.89 21.35 -19.63
N SER D 206 60.02 20.67 -20.40
CA SER D 206 58.72 20.14 -19.93
C SER D 206 58.91 18.98 -18.95
N THR D 207 60.06 18.28 -19.02
CA THR D 207 60.42 17.18 -18.09
C THR D 207 60.56 17.75 -16.67
N ASN D 208 61.33 18.85 -16.53
CA ASN D 208 61.60 19.53 -15.23
C ASN D 208 60.33 20.21 -14.73
N TRP D 209 59.55 20.87 -15.61
CA TRP D 209 58.29 21.55 -15.25
C TRP D 209 57.30 20.54 -14.65
N THR D 210 57.24 19.33 -15.22
CA THR D 210 56.37 18.21 -14.77
C THR D 210 56.85 17.72 -13.41
N ARG D 211 58.16 17.43 -13.30
CA ARG D 211 58.82 16.92 -12.06
C ARG D 211 58.52 17.87 -10.89
N ASP D 212 58.63 19.18 -11.11
CA ASP D 212 58.46 20.22 -10.06
C ASP D 212 56.99 20.26 -9.59
N LEU D 213 56.03 20.08 -10.49
CA LEU D 213 54.58 20.05 -10.16
C LEU D 213 54.29 18.80 -9.32
N VAL D 214 54.74 17.64 -9.78
CA VAL D 214 54.55 16.31 -9.12
C VAL D 214 55.16 16.36 -7.71
N ASP D 215 56.42 16.82 -7.59
CA ASP D 215 57.19 16.82 -6.32
C ASP D 215 56.45 17.66 -5.27
N LYS D 216 56.03 18.88 -5.62
CA LYS D 216 55.34 19.81 -4.69
C LYS D 216 53.95 19.26 -4.35
N PHE D 217 53.25 18.67 -5.33
CA PHE D 217 51.96 17.98 -5.13
C PHE D 217 52.11 16.87 -4.09
N GLU D 218 53.17 16.06 -4.20
CA GLU D 218 53.48 14.96 -3.25
C GLU D 218 53.70 15.55 -1.85
N THR D 219 54.66 16.47 -1.71
CA THR D 219 55.08 17.07 -0.42
C THR D 219 53.86 17.65 0.31
N TYR D 220 52.97 18.35 -0.42
CA TYR D 220 51.76 18.99 0.16
C TYR D 220 50.75 17.91 0.58
N THR D 221 50.29 17.08 -0.36
CA THR D 221 49.13 16.16 -0.18
C THR D 221 49.53 14.92 0.62
N SER D 222 50.77 14.43 0.48
CA SER D 222 51.23 13.13 1.05
C SER D 222 52.05 13.33 2.33
N ASP D 223 52.49 14.56 2.65
CA ASP D 223 53.39 14.84 3.80
C ASP D 223 52.84 16.01 4.63
N LEU D 224 53.00 17.24 4.15
CA LEU D 224 52.85 18.48 4.98
C LEU D 224 51.41 18.61 5.50
N ILE D 225 50.40 18.54 4.63
CA ILE D 225 48.97 18.74 5.01
C ILE D 225 48.54 17.64 5.99
N PRO D 226 48.73 16.34 5.69
CA PRO D 226 48.39 15.27 6.64
C PRO D 226 49.09 15.35 8.01
N ASN D 227 50.36 15.75 8.03
CA ASN D 227 51.24 15.73 9.24
C ASN D 227 50.88 16.90 10.16
N VAL D 228 50.57 18.08 9.59
CA VAL D 228 50.11 19.26 10.38
C VAL D 228 48.70 18.96 10.89
N PHE D 229 47.84 18.37 10.06
CA PHE D 229 46.48 17.90 10.43
C PHE D 229 46.58 16.92 11.59
N LYS D 230 47.52 15.98 11.52
CA LYS D 230 47.79 14.96 12.58
C LYS D 230 48.11 15.66 13.90
N ARG D 231 49.03 16.63 13.88
CA ARG D 231 49.43 17.45 15.06
C ARG D 231 48.20 18.19 15.61
N TRP D 232 47.43 18.83 14.73
CA TRP D 232 46.18 19.55 15.06
C TRP D 232 45.16 18.62 15.70
N LYS D 233 45.05 17.38 15.19
CA LYS D 233 44.08 16.35 15.64
C LYS D 233 44.48 15.82 17.03
N GLU D 234 45.78 15.78 17.32
CA GLU D 234 46.33 15.39 18.65
C GLU D 234 46.01 16.50 19.67
N TRP D 235 46.03 17.77 19.21
CA TRP D 235 45.85 18.98 20.06
C TRP D 235 44.38 19.24 20.37
N ARG D 236 43.48 19.09 19.38
CA ARG D 236 42.09 19.61 19.45
C ARG D 236 41.36 19.05 20.68
N PRO D 237 41.47 17.74 21.00
CA PRO D 237 40.82 17.18 22.19
C PRO D 237 41.28 17.81 23.52
N THR D 238 42.54 18.26 23.61
CA THR D 238 43.16 18.75 24.87
C THR D 238 42.51 20.06 25.33
N GLN D 239 41.74 20.72 24.46
CA GLN D 239 40.99 21.98 24.77
C GLN D 239 39.58 21.66 25.27
N ILE D 240 39.19 20.38 25.34
CA ILE D 240 37.91 19.92 25.93
C ILE D 240 38.20 19.35 27.32
N GLU D 241 37.78 20.06 28.37
CA GLU D 241 38.07 19.75 29.80
C GLU D 241 36.90 18.98 30.40
N ILE D 242 37.17 17.79 30.96
CA ILE D 242 36.23 17.00 31.81
C ILE D 242 36.69 17.12 33.26
N SER D 243 35.91 17.80 34.11
CA SER D 243 36.15 17.91 35.56
C SER D 243 34.98 17.27 36.33
N ALA D 244 35.30 16.48 37.36
CA ALA D 244 34.35 15.76 38.24
C ALA D 244 34.75 15.98 39.69
N TRP D 245 33.77 16.20 40.57
CA TRP D 245 33.97 16.41 42.03
C TRP D 245 32.67 16.12 42.79
N VAL D 246 32.78 15.97 44.11
CA VAL D 246 31.63 15.73 45.03
C VAL D 246 31.69 16.78 46.15
N ARG D 247 30.52 17.29 46.56
CA ARG D 247 30.33 18.02 47.83
C ARG D 247 29.66 17.07 48.82
N ARG D 248 30.45 16.51 49.75
CA ARG D 248 29.97 15.61 50.83
C ARG D 248 28.82 16.29 51.59
N GLY D 249 27.81 15.51 51.98
CA GLY D 249 26.66 15.98 52.78
C GLY D 249 27.07 16.30 54.21
N SER D 250 26.27 17.11 54.92
CA SER D 250 26.51 17.53 56.33
C SER D 250 25.18 17.87 57.01
N CYS D 251 25.17 17.81 58.35
CA CYS D 251 23.99 18.09 59.22
C CYS D 251 24.42 18.12 60.70
N CYS D 256 19.96 18.35 57.12
CA CYS D 256 20.19 17.01 56.51
C CYS D 256 20.46 17.17 55.01
N ARG D 257 21.56 17.86 54.66
CA ARG D 257 21.98 18.12 53.25
C ARG D 257 22.71 16.89 52.72
N PRO D 258 22.28 16.32 51.57
CA PRO D 258 22.86 15.08 51.06
C PRO D 258 24.19 15.28 50.30
N ASP D 259 24.86 14.17 50.01
CA ASP D 259 26.00 14.10 49.05
C ASP D 259 25.49 14.54 47.68
N VAL D 260 26.24 15.40 46.97
CA VAL D 260 25.97 15.78 45.56
C VAL D 260 27.24 15.53 44.75
N SER D 261 27.14 14.71 43.71
CA SER D 261 28.22 14.41 42.73
C SER D 261 28.04 15.30 41.50
N TYR D 262 29.13 15.92 41.03
CA TYR D 262 29.14 16.92 39.94
C TYR D 262 30.11 16.49 38.84
N ALA D 263 29.74 16.77 37.59
CA ALA D 263 30.61 16.63 36.40
C ALA D 263 30.26 17.73 35.39
N THR D 264 31.25 18.21 34.66
CA THR D 264 31.12 19.21 33.56
C THR D 264 32.07 18.81 32.43
N VAL D 265 31.63 19.03 31.19
CA VAL D 265 32.48 18.88 29.97
C VAL D 265 32.39 20.20 29.20
N GLU D 266 33.53 20.89 29.07
CA GLU D 266 33.62 22.24 28.46
C GLU D 266 34.65 22.21 27.33
N ASP D 267 34.24 22.62 26.13
CA ASP D 267 35.13 22.85 24.96
C ASP D 267 35.61 24.31 25.02
N LYS D 268 36.88 24.53 25.35
CA LYS D 268 37.50 25.88 25.49
C LYS D 268 37.41 26.63 24.16
N ILE D 269 37.45 25.90 23.04
CA ILE D 269 37.43 26.47 21.65
C ILE D 269 35.99 26.92 21.33
N SER D 270 35.05 25.98 21.17
CA SER D 270 33.65 26.25 20.76
C SER D 270 32.90 27.00 21.88
N GLY D 271 33.28 26.76 23.13
CA GLY D 271 32.64 27.36 24.32
C GLY D 271 31.41 26.58 24.76
N ALA D 272 31.18 25.39 24.18
CA ALA D 272 30.04 24.50 24.51
C ALA D 272 30.24 23.91 25.91
N LEU D 273 29.22 23.99 26.75
CA LEU D 273 29.24 23.54 28.17
C LEU D 273 28.03 22.62 28.41
N PHE D 274 28.29 21.41 28.94
CA PHE D 274 27.26 20.42 29.38
C PHE D 274 27.53 20.05 30.83
N SER D 275 26.53 20.28 31.70
CA SER D 275 26.63 20.17 33.18
C SER D 275 25.82 18.96 33.67
N PHE D 276 26.38 18.21 34.62
CA PHE D 276 25.76 17.01 35.24
C PHE D 276 25.89 17.10 36.77
N GLN D 277 24.84 16.67 37.48
CA GLN D 277 24.85 16.54 38.96
C GLN D 277 23.76 15.53 39.37
N ALA D 278 23.98 14.85 40.48
CA ALA D 278 23.03 13.89 41.09
C ALA D 278 23.20 13.93 42.62
N THR D 279 22.08 14.08 43.34
CA THR D 279 22.02 14.07 44.82
C THR D 279 21.97 12.62 45.31
N ASN D 280 22.45 12.37 46.55
CA ASN D 280 22.47 11.04 47.20
C ASN D 280 23.39 10.11 46.40
N ARG D 281 24.48 10.66 45.85
CA ARG D 281 25.56 9.92 45.16
C ARG D 281 26.90 10.58 45.51
N ASN D 282 27.90 9.77 45.87
CA ASN D 282 29.28 10.21 46.22
C ASN D 282 30.25 9.52 45.27
N SER D 283 30.38 10.05 44.04
CA SER D 283 31.16 9.44 42.94
C SER D 283 31.81 10.52 42.08
N THR D 284 33.09 10.33 41.76
CA THR D 284 33.88 11.17 40.82
C THR D 284 33.87 10.51 39.43
N THR D 285 33.37 9.27 39.32
CA THR D 285 33.43 8.43 38.09
C THR D 285 32.03 8.24 37.47
N LEU D 286 30.95 8.61 38.18
CA LEU D 286 29.55 8.32 37.77
C LEU D 286 29.27 8.87 36.37
N PHE D 287 29.78 10.07 36.05
CA PHE D 287 29.43 10.87 34.84
C PHE D 287 30.55 10.85 33.79
N LEU D 288 31.64 10.10 34.02
CA LEU D 288 32.82 10.10 33.11
C LEU D 288 32.40 9.62 31.72
N GLU D 289 31.64 8.53 31.64
CA GLU D 289 31.23 7.86 30.38
C GLU D 289 30.48 8.88 29.50
N VAL D 290 29.44 9.53 30.04
CA VAL D 290 28.59 10.50 29.30
C VAL D 290 29.41 11.74 28.93
N CYS D 291 30.35 12.14 29.80
CA CYS D 291 31.28 13.28 29.57
C CYS D 291 32.25 12.96 28.44
N GLU D 292 32.87 11.78 28.48
CA GLU D 292 33.81 11.29 27.43
C GLU D 292 33.07 11.16 26.08
N ASP D 293 31.82 10.70 26.11
CA ASP D 293 30.95 10.59 24.90
C ASP D 293 30.70 11.98 24.32
N HIS D 294 30.39 12.96 25.17
CA HIS D 294 30.23 14.39 24.78
C HIS D 294 31.52 14.91 24.15
N LYS D 295 32.68 14.58 24.76
CA LYS D 295 34.02 14.97 24.25
C LYS D 295 34.21 14.35 22.86
N THR D 296 33.99 13.04 22.74
CA THR D 296 34.09 12.26 21.47
C THR D 296 33.25 12.96 20.39
N ARG D 297 32.00 13.30 20.72
CA ARG D 297 31.05 14.02 19.83
C ARG D 297 31.65 15.36 19.40
N MET D 298 32.13 16.15 20.37
CA MET D 298 32.72 17.50 20.14
C MET D 298 33.94 17.40 19.21
N VAL D 299 34.77 16.37 19.40
CA VAL D 299 35.98 16.10 18.56
C VAL D 299 35.54 15.73 17.15
N ASN D 300 34.50 14.89 17.02
CA ASN D 300 33.90 14.47 15.72
C ASN D 300 33.58 15.73 14.90
N GLU D 301 32.83 16.66 15.48
CA GLU D 301 32.32 17.88 14.80
C GLU D 301 33.49 18.76 14.37
N ALA D 302 34.54 18.85 15.20
CA ALA D 302 35.75 19.66 14.94
C ALA D 302 36.54 19.03 13.78
N ILE D 303 36.87 17.74 13.89
CA ILE D 303 37.66 16.96 12.89
C ILE D 303 36.95 17.07 11.52
N ALA D 304 35.63 16.89 11.48
CA ALA D 304 34.81 16.99 10.25
C ALA D 304 34.87 18.43 9.72
N ASP D 305 34.80 19.42 10.62
CA ASP D 305 34.90 20.88 10.30
C ASP D 305 36.26 21.18 9.63
N MET D 306 37.36 20.67 10.20
CA MET D 306 38.74 20.93 9.71
C MET D 306 38.95 20.16 8.39
N ALA D 307 38.58 18.88 8.37
CA ALA D 307 38.62 18.00 7.17
C ALA D 307 37.98 18.71 5.97
N SER D 308 36.81 19.32 6.18
CA SER D 308 36.07 20.14 5.17
C SER D 308 36.98 21.26 4.66
N CYS D 309 37.56 22.05 5.56
CA CYS D 309 38.39 23.25 5.27
C CYS D 309 39.63 22.86 4.44
N LEU D 310 40.14 21.63 4.61
CA LEU D 310 41.35 21.11 3.90
C LEU D 310 40.94 20.41 2.60
N SER D 311 39.65 20.19 2.37
CA SER D 311 39.10 19.37 1.26
C SER D 311 39.40 19.97 -0.11
N PRO D 312 39.54 21.30 -0.28
CA PRO D 312 39.96 21.87 -1.57
C PRO D 312 41.32 21.33 -2.06
N THR D 313 42.22 20.92 -1.14
CA THR D 313 43.55 20.35 -1.45
C THR D 313 43.41 18.97 -2.11
N PHE D 314 42.23 18.34 -2.01
CA PHE D 314 41.93 17.02 -2.62
C PHE D 314 41.84 17.18 -4.15
N ALA D 315 41.51 18.38 -4.62
CA ALA D 315 41.34 18.72 -6.06
C ALA D 315 42.69 18.96 -6.73
N PHE D 316 43.77 19.14 -5.97
CA PHE D 316 45.15 19.35 -6.49
C PHE D 316 45.54 18.20 -7.44
N HIS D 317 45.04 16.99 -7.16
CA HIS D 317 45.25 15.77 -7.98
C HIS D 317 44.86 16.03 -9.44
N LYS D 318 43.79 16.79 -9.68
CA LYS D 318 43.24 17.08 -11.03
C LYS D 318 44.17 18.00 -11.82
N LEU D 319 45.09 18.72 -11.15
CA LEU D 319 46.07 19.62 -11.80
C LEU D 319 47.18 18.80 -12.47
N LEU D 320 47.46 17.59 -11.99
CA LEU D 320 48.49 16.69 -12.57
C LEU D 320 48.05 16.27 -13.97
N PRO D 321 48.99 16.11 -14.94
CA PRO D 321 48.68 15.48 -16.22
C PRO D 321 47.94 14.16 -16.06
N ASP D 322 46.98 13.88 -16.95
CA ASP D 322 46.10 12.68 -16.93
C ASP D 322 46.95 11.40 -16.89
N ASP D 323 48.09 11.39 -17.58
CA ASP D 323 48.92 10.17 -17.82
C ASP D 323 49.73 9.79 -16.57
N ILE D 324 49.71 10.61 -15.51
CA ILE D 324 50.44 10.34 -14.24
C ILE D 324 49.46 10.28 -13.04
N GLN D 325 48.20 10.69 -13.22
CA GLN D 325 47.19 10.80 -12.13
C GLN D 325 47.00 9.45 -11.41
N THR D 326 47.06 8.33 -12.13
CA THR D 326 46.83 6.96 -11.60
C THR D 326 47.94 6.57 -10.60
N GLN D 327 49.11 7.22 -10.67
CA GLN D 327 50.30 6.89 -9.84
C GLN D 327 50.15 7.45 -8.42
N PHE D 328 49.26 8.42 -8.22
CA PHE D 328 49.13 9.19 -6.95
C PHE D 328 47.70 9.13 -6.42
N SER D 329 47.56 9.06 -5.10
CA SER D 329 46.28 9.22 -4.35
C SER D 329 45.92 10.70 -4.31
N PRO D 330 44.62 11.06 -4.44
CA PRO D 330 44.21 12.46 -4.38
C PRO D 330 44.30 13.06 -2.96
N TYR D 331 44.24 12.22 -1.92
CA TYR D 331 44.34 12.62 -0.50
C TYR D 331 44.82 11.44 0.34
N ASP D 332 45.25 11.73 1.58
CA ASP D 332 45.63 10.71 2.59
C ASP D 332 44.34 10.08 3.16
N ARG D 333 44.03 8.85 2.73
CA ARG D 333 42.79 8.12 3.10
C ARG D 333 42.72 7.93 4.63
N GLN D 334 43.83 7.55 5.26
CA GLN D 334 43.90 7.29 6.73
C GLN D 334 43.42 8.52 7.51
N GLN D 335 43.73 9.73 7.02
CA GLN D 335 43.43 11.01 7.72
C GLN D 335 42.07 11.57 7.29
N PHE D 336 41.77 11.56 5.98
CA PHE D 336 40.62 12.30 5.39
C PHE D 336 39.58 11.34 4.79
N GLY D 337 39.81 10.02 4.84
CA GLY D 337 38.96 8.99 4.23
C GLY D 337 37.55 8.98 4.80
N GLN D 338 37.44 9.04 6.14
CA GLN D 338 36.13 9.05 6.85
C GLN D 338 36.17 10.07 8.00
N VAL D 339 35.13 10.90 8.08
CA VAL D 339 34.85 11.82 9.22
C VAL D 339 33.41 11.58 9.70
N PHE D 340 33.05 12.12 10.86
CA PHE D 340 31.77 11.84 11.57
C PHE D 340 31.15 13.15 12.05
N ARG D 341 29.82 13.21 12.02
CA ARG D 341 28.99 14.24 12.71
C ARG D 341 27.98 13.51 13.62
N GLY D 342 27.65 14.11 14.77
CA GLY D 342 26.94 13.45 15.86
C GLY D 342 27.93 12.75 16.79
N PRO D 343 27.50 11.79 17.65
CA PRO D 343 26.11 11.29 17.64
C PRO D 343 25.05 12.31 18.06
N TYR D 344 23.79 12.03 17.69
CA TYR D 344 22.58 12.82 18.01
C TYR D 344 21.62 11.95 18.82
N SER D 345 21.05 12.52 19.89
CA SER D 345 20.02 11.89 20.76
C SER D 345 19.30 12.99 21.54
N GLN D 346 18.13 12.68 22.11
CA GLN D 346 17.38 13.60 23.00
C GLN D 346 18.26 13.92 24.22
N ASP D 347 18.99 12.93 24.73
CA ASP D 347 19.89 13.06 25.91
C ASP D 347 21.05 14.02 25.59
N LEU D 348 21.69 13.84 24.43
CA LEU D 348 22.92 14.60 24.04
C LEU D 348 22.61 16.09 23.84
N SER D 349 21.33 16.45 23.64
CA SER D 349 20.88 17.85 23.41
C SER D 349 20.72 18.62 24.73
N HIS D 350 20.47 17.91 25.84
CA HIS D 350 20.18 18.53 27.16
C HIS D 350 21.47 19.11 27.77
N GLY D 351 21.40 20.35 28.24
CA GLY D 351 22.56 21.15 28.69
C GLY D 351 22.88 20.97 30.17
N LEU D 352 21.86 20.84 31.03
CA LEU D 352 22.02 20.86 32.51
C LEU D 352 21.19 19.75 33.16
N TRP D 353 21.85 18.68 33.62
CA TRP D 353 21.22 17.49 34.27
C TRP D 353 21.27 17.64 35.80
N THR D 354 20.12 17.43 36.46
CA THR D 354 19.94 17.53 37.93
C THR D 354 19.76 16.13 38.54
N ALA D 355 19.79 15.08 37.72
CA ALA D 355 19.63 13.66 38.13
C ALA D 355 20.41 12.75 37.18
N PHE D 356 20.62 11.49 37.58
CA PHE D 356 21.38 10.47 36.81
C PHE D 356 20.42 9.60 36.00
N LYS D 357 20.60 9.61 34.67
CA LYS D 357 19.85 8.78 33.68
C LYS D 357 20.83 7.74 33.09
N ASN D 358 20.30 6.64 32.57
CA ASN D 358 21.05 5.73 31.65
C ASN D 358 21.15 6.46 30.31
N PHE D 359 22.23 7.23 30.14
CA PHE D 359 22.40 8.23 29.05
C PHE D 359 22.57 7.52 27.71
N ARG D 360 21.81 7.96 26.70
CA ARG D 360 21.92 7.51 25.30
C ARG D 360 22.88 8.46 24.58
N SER D 361 24.18 8.28 24.81
CA SER D 361 25.25 9.27 24.50
C SER D 361 26.20 8.77 23.40
N ARG D 362 26.04 7.54 22.91
CA ARG D 362 26.80 7.03 21.73
C ARG D 362 26.05 5.88 21.05
N THR D 363 26.49 5.54 19.83
CA THR D 363 25.91 4.47 18.96
C THR D 363 26.53 3.13 19.34
N THR D 364 25.77 2.04 19.16
CA THR D 364 26.17 0.65 19.52
C THR D 364 26.33 -0.21 18.26
N ARG D 365 25.76 0.20 17.13
CA ARG D 365 25.76 -0.55 15.85
C ARG D 365 26.19 0.40 14.72
N SER D 366 27.26 0.05 14.00
CA SER D 366 27.75 0.76 12.80
C SER D 366 27.31 -0.02 11.55
N ASP D 367 26.91 0.70 10.49
CA ASP D 367 26.53 0.12 9.18
C ASP D 367 27.81 -0.25 8.41
N GLN D 368 27.67 -0.95 7.29
CA GLN D 368 28.80 -1.28 6.37
C GLN D 368 29.49 0.04 5.97
N THR D 369 30.82 0.01 5.78
CA THR D 369 31.66 1.18 5.43
C THR D 369 32.42 0.95 4.11
N LEU D 370 32.49 -0.29 3.61
CA LEU D 370 33.31 -0.68 2.43
C LEU D 370 32.79 0.04 1.18
N ARG D 371 31.46 0.16 1.03
CA ARG D 371 30.80 1.03 0.02
C ARG D 371 30.63 2.43 0.64
N ASP D 372 30.86 3.49 -0.14
CA ASP D 372 30.88 4.89 0.37
C ASP D 372 30.05 5.81 -0.54
N ARG D 373 29.06 5.27 -1.25
CA ARG D 373 28.11 6.04 -2.09
C ARG D 373 26.69 5.49 -1.87
N ILE D 374 25.74 6.36 -1.51
CA ILE D 374 24.33 6.00 -1.19
C ILE D 374 23.47 6.21 -2.44
N LEU D 375 22.68 5.21 -2.81
CA LEU D 375 21.77 5.24 -3.99
C LEU D 375 20.34 5.48 -3.52
N GLU D 376 19.92 4.86 -2.41
CA GLU D 376 18.56 5.02 -1.83
C GLU D 376 18.66 5.10 -0.30
N VAL D 377 17.73 5.84 0.31
CA VAL D 377 17.43 5.81 1.78
C VAL D 377 16.00 5.31 1.95
N ILE D 378 15.82 4.19 2.65
CA ILE D 378 14.49 3.58 2.97
C ILE D 378 14.14 3.98 4.40
N ILE D 379 13.03 4.70 4.58
CA ILE D 379 12.51 5.14 5.91
C ILE D 379 11.13 4.53 6.12
N ARG D 380 10.93 3.84 7.23
CA ARG D 380 9.61 3.42 7.75
C ARG D 380 9.27 4.32 8.95
N ALA D 381 8.07 4.90 8.96
CA ALA D 381 7.62 5.84 10.02
C ALA D 381 6.09 5.76 10.20
N GLY D 382 5.64 5.95 11.44
CA GLY D 382 4.24 6.23 11.80
C GLY D 382 4.16 7.48 12.66
N HIS D 383 3.94 7.33 13.97
CA HIS D 383 4.02 8.41 14.99
C HIS D 383 5.50 8.78 15.22
N HIS D 384 6.41 7.81 15.19
CA HIS D 384 7.88 8.02 15.19
C HIS D 384 8.52 7.25 14.03
N VAL D 385 9.84 7.32 13.88
CA VAL D 385 10.60 6.58 12.83
C VAL D 385 10.71 5.11 13.29
N ASP D 386 10.19 4.20 12.46
CA ASP D 386 10.16 2.73 12.75
C ASP D 386 11.49 2.12 12.30
N ALA D 387 11.98 2.48 11.11
CA ALA D 387 13.21 1.89 10.53
C ALA D 387 13.88 2.85 9.54
N ILE D 388 15.21 2.76 9.47
CA ILE D 388 16.07 3.42 8.45
C ILE D 388 16.98 2.35 7.85
N GLN D 389 17.06 2.31 6.52
CA GLN D 389 18.05 1.49 5.77
C GLN D 389 18.67 2.34 4.67
N PHE D 390 19.99 2.51 4.71
CA PHE D 390 20.82 3.07 3.62
C PHE D 390 21.06 1.95 2.60
N VAL D 391 20.81 2.24 1.31
CA VAL D 391 21.09 1.31 0.17
C VAL D 391 22.26 1.90 -0.62
N TYR D 392 23.40 1.22 -0.59
CA TYR D 392 24.71 1.72 -1.08
C TYR D 392 24.98 1.25 -2.51
N ASP D 393 26.04 1.80 -3.09
CA ASP D 393 26.68 1.42 -4.38
C ASP D 393 27.11 -0.06 -4.30
N HIS D 394 27.50 -0.63 -5.44
CA HIS D 394 28.07 -2.00 -5.56
C HIS D 394 29.16 -1.99 -6.63
N SER D 395 30.26 -2.73 -6.40
CA SER D 395 31.40 -2.90 -7.34
C SER D 395 30.85 -3.14 -8.76
N ASN D 396 29.90 -4.07 -8.89
CA ASN D 396 29.05 -4.22 -10.09
C ASN D 396 28.07 -3.06 -10.14
N PRO D 397 28.18 -2.15 -11.14
CA PRO D 397 27.39 -0.91 -11.14
C PRO D 397 25.89 -1.08 -11.42
N ASN D 398 25.44 -2.30 -11.75
CA ASN D 398 24.03 -2.62 -12.06
C ASN D 398 23.31 -3.15 -10.81
N LEU D 399 24.04 -3.44 -9.74
CA LEU D 399 23.48 -3.96 -8.45
C LEU D 399 23.54 -2.88 -7.38
N THR D 400 23.01 -3.18 -6.19
CA THR D 400 23.05 -2.33 -4.98
C THR D 400 23.58 -3.16 -3.80
N THR D 401 23.98 -2.49 -2.72
CA THR D 401 24.35 -3.12 -1.42
C THR D 401 23.41 -2.60 -0.34
N PRO D 402 22.27 -3.29 -0.08
CA PRO D 402 21.43 -2.98 1.07
C PRO D 402 22.23 -2.94 2.37
N GLY D 403 22.06 -1.86 3.15
CA GLY D 403 22.71 -1.69 4.47
C GLY D 403 21.96 -2.46 5.55
N THR D 404 22.51 -2.49 6.77
CA THR D 404 21.85 -3.02 7.99
C THR D 404 20.52 -2.27 8.18
N VAL D 405 19.44 -3.00 8.43
CA VAL D 405 18.10 -2.43 8.78
C VAL D 405 18.13 -2.10 10.27
N ALA D 406 17.96 -0.81 10.61
CA ALA D 406 17.84 -0.30 12.00
C ALA D 406 16.36 -0.20 12.36
N GLY D 407 16.00 -0.56 13.60
CA GLY D 407 14.64 -0.41 14.15
C GLY D 407 13.74 -1.58 13.78
N ASN D 408 12.49 -1.29 13.41
CA ASN D 408 11.39 -2.28 13.18
C ASN D 408 11.00 -2.28 11.71
N ALA D 409 11.33 -3.36 10.99
CA ALA D 409 11.15 -3.52 9.52
C ALA D 409 9.67 -3.62 9.13
N ALA D 410 8.78 -3.92 10.09
CA ALA D 410 7.33 -4.17 9.85
C ALA D 410 6.48 -2.93 10.19
N GLY D 411 7.04 -1.97 10.95
CA GLY D 411 6.29 -0.83 11.52
C GLY D 411 6.04 0.27 10.51
N GLY D 412 4.93 0.99 10.66
CA GLY D 412 4.63 2.25 9.93
C GLY D 412 4.49 2.04 8.44
N THR D 413 4.71 3.12 7.68
CA THR D 413 4.64 3.18 6.18
C THR D 413 6.06 3.25 5.61
N ARG D 414 6.33 2.46 4.58
CA ARG D 414 7.66 2.38 3.91
C ARG D 414 7.78 3.53 2.90
N HIS D 415 8.90 4.27 2.96
CA HIS D 415 9.23 5.37 2.02
C HIS D 415 10.61 5.12 1.41
N GLN D 416 10.64 4.80 0.11
CA GLN D 416 11.89 4.62 -0.68
C GLN D 416 12.26 5.96 -1.32
N VAL D 417 13.34 6.58 -0.84
CA VAL D 417 13.87 7.88 -1.39
C VAL D 417 15.06 7.54 -2.29
N ASP D 418 14.85 7.63 -3.61
CA ASP D 418 15.93 7.52 -4.63
C ASP D 418 16.80 8.78 -4.53
N VAL D 419 18.08 8.61 -4.17
CA VAL D 419 19.07 9.72 -4.03
C VAL D 419 20.15 9.60 -5.13
N ARG D 420 19.90 8.76 -6.14
CA ARG D 420 20.60 8.83 -7.45
C ARG D 420 20.25 10.18 -8.07
N ASP D 421 21.26 10.98 -8.43
CA ASP D 421 21.13 12.26 -9.18
C ASP D 421 20.68 13.40 -8.25
N ARG D 422 20.66 13.20 -6.92
CA ARG D 422 20.41 14.27 -5.92
C ARG D 422 21.06 13.88 -4.59
N PRO D 423 22.36 14.23 -4.38
CA PRO D 423 23.05 13.92 -3.12
C PRO D 423 22.38 14.58 -1.90
N ILE D 424 22.48 13.92 -0.74
CA ILE D 424 21.94 14.42 0.57
C ILE D 424 22.91 15.49 1.09
N GLN D 425 22.43 16.72 1.27
CA GLN D 425 23.20 17.87 1.82
C GLN D 425 23.00 17.92 3.34
N GLU D 426 21.76 17.76 3.81
CA GLU D 426 21.42 17.77 5.27
C GLU D 426 20.34 16.73 5.57
N LEU D 427 20.42 16.14 6.77
CA LEU D 427 19.33 15.36 7.42
C LEU D 427 18.81 16.17 8.61
N ARG D 428 17.49 16.24 8.79
CA ARG D 428 16.83 16.85 9.98
C ARG D 428 16.17 15.74 10.80
N MET D 429 16.55 15.63 12.07
CA MET D 429 16.03 14.64 13.04
C MET D 429 15.19 15.36 14.08
N GLU D 430 13.97 14.87 14.35
CA GLU D 430 13.16 15.25 15.53
C GLU D 430 13.23 14.11 16.55
N PHE D 431 13.37 14.44 17.83
CA PHE D 431 13.35 13.49 18.97
C PHE D 431 12.16 13.81 19.87
N SER D 432 11.33 12.81 20.16
CA SER D 432 10.24 12.84 21.16
C SER D 432 10.23 11.52 21.93
N GLN D 433 9.96 11.58 23.24
CA GLN D 433 9.78 10.40 24.13
C GLN D 433 11.07 9.56 24.16
N ASP D 434 12.22 10.20 23.90
CA ASP D 434 13.59 9.65 24.06
C ASP D 434 14.00 8.81 22.84
N VAL D 435 13.25 8.90 21.73
CA VAL D 435 13.55 8.19 20.46
C VAL D 435 13.42 9.17 19.30
N LEU D 436 13.89 8.77 18.12
CA LEU D 436 13.79 9.53 16.84
C LEU D 436 12.32 9.53 16.40
N ALA D 437 11.73 10.73 16.28
CA ALA D 437 10.28 10.95 16.01
C ALA D 437 10.03 11.18 14.52
N SER D 438 11.00 11.75 13.80
CA SER D 438 10.88 12.03 12.35
C SER D 438 12.26 12.18 11.70
N LEU D 439 12.31 11.97 10.38
CA LEU D 439 13.51 12.22 9.52
C LEU D 439 13.06 12.93 8.25
N GLN D 440 13.83 13.94 7.82
CA GLN D 440 13.61 14.72 6.57
C GLN D 440 14.96 14.91 5.87
N LEU D 441 14.99 14.79 4.54
CA LEU D 441 16.22 14.91 3.71
C LEU D 441 16.22 16.26 2.99
N HIS D 442 17.35 16.95 3.00
CA HIS D 442 17.62 18.20 2.22
C HIS D 442 18.69 17.89 1.17
N PHE D 443 18.34 18.05 -0.10
CA PHE D 443 19.19 17.66 -1.27
C PHE D 443 20.11 18.83 -1.66
N GLU D 444 21.17 18.50 -2.42
CA GLU D 444 22.22 19.45 -2.87
C GLU D 444 21.61 20.66 -3.59
N ASP D 445 20.53 20.46 -4.37
CA ASP D 445 19.93 21.50 -5.24
C ASP D 445 18.94 22.37 -4.45
N GLY D 446 18.70 22.07 -3.17
CA GLY D 446 17.85 22.88 -2.28
C GLY D 446 16.48 22.27 -2.04
N THR D 447 16.03 21.35 -2.92
CA THR D 447 14.77 20.58 -2.75
C THR D 447 14.93 19.62 -1.55
N SER D 448 13.81 19.10 -1.04
CA SER D 448 13.76 18.23 0.15
C SER D 448 12.65 17.18 -0.02
N THR D 449 12.67 16.16 0.84
CA THR D 449 11.55 15.18 1.01
C THR D 449 10.52 15.80 1.95
N ARG D 450 9.37 15.14 2.10
CA ARG D 450 8.43 15.33 3.24
C ARG D 450 9.18 15.02 4.53
N LYS D 451 8.70 15.53 5.66
CA LYS D 451 9.06 15.04 7.02
C LYS D 451 8.36 13.70 7.24
N PHE D 452 9.13 12.62 7.43
CA PHE D 452 8.62 11.23 7.62
C PHE D 452 8.54 10.92 9.12
N GLY D 453 7.33 10.77 9.64
CA GLY D 453 7.05 10.51 11.06
C GLY D 453 6.66 11.78 11.80
N ASN D 454 5.93 11.64 12.91
CA ASN D 454 5.51 12.74 13.82
C ASN D 454 4.86 13.87 13.02
N GLU D 455 3.95 13.52 12.10
CA GLU D 455 3.32 14.47 11.15
C GLU D 455 2.48 15.51 11.94
N LEU D 456 1.87 15.10 13.05
CA LEU D 456 0.87 15.90 13.81
C LEU D 456 1.40 16.34 15.18
N GLY D 457 2.46 15.72 15.69
CA GLY D 457 2.91 15.85 17.09
C GLY D 457 3.92 16.98 17.30
N TRP D 458 4.31 17.19 18.56
CA TRP D 458 5.30 18.20 19.00
C TRP D 458 6.67 17.55 19.12
N ALA D 459 7.68 18.13 18.47
CA ALA D 459 9.09 17.69 18.53
C ALA D 459 9.75 18.28 19.78
N THR D 460 10.22 17.44 20.70
CA THR D 460 10.95 17.88 21.91
C THR D 460 12.25 18.56 21.49
N ARG D 461 13.00 17.91 20.58
CA ARG D 461 14.31 18.38 20.06
C ARG D 461 14.34 18.25 18.55
N ILE D 462 14.80 19.30 17.85
CA ILE D 462 15.01 19.34 16.37
C ILE D 462 16.50 19.55 16.13
N LEU D 463 17.17 18.58 15.50
CA LEU D 463 18.62 18.60 15.18
C LEU D 463 18.80 18.46 13.67
N THR D 464 19.80 19.16 13.11
CA THR D 464 20.14 19.13 11.66
C THR D 464 21.59 18.66 11.50
N CYS D 465 21.80 17.57 10.77
CA CYS D 465 23.13 17.03 10.40
C CYS D 465 23.48 17.53 8.98
N THR D 466 24.36 18.53 8.89
CA THR D 466 24.82 19.14 7.61
C THR D 466 26.14 18.50 7.20
N ALA D 467 26.19 17.93 5.99
CA ALA D 467 27.41 17.35 5.38
C ALA D 467 28.55 18.36 5.48
N PRO D 468 29.75 17.96 5.96
CA PRO D 468 30.92 18.81 5.86
C PRO D 468 31.12 19.18 4.38
N TYR D 469 31.19 20.48 4.09
CA TYR D 469 31.29 21.00 2.70
C TYR D 469 32.54 20.39 2.04
N GLY D 470 32.35 19.67 0.93
CA GLY D 470 33.40 18.91 0.23
C GLY D 470 33.32 17.42 0.49
N TYR D 471 32.48 16.99 1.45
CA TYR D 471 32.27 15.58 1.83
C TYR D 471 30.82 15.17 1.50
N ARG D 472 30.61 13.88 1.20
CA ARG D 472 29.26 13.27 1.00
C ARG D 472 28.98 12.28 2.14
N PHE D 473 27.71 12.06 2.46
CA PHE D 473 27.24 10.96 3.34
C PHE D 473 27.74 9.63 2.76
N SER D 474 28.46 8.83 3.56
CA SER D 474 29.15 7.58 3.13
C SER D 474 28.68 6.36 3.94
N SER D 475 28.27 6.56 5.20
CA SER D 475 27.77 5.51 6.11
C SER D 475 27.05 6.15 7.30
N TRP D 476 26.63 5.33 8.28
CA TRP D 476 26.02 5.81 9.55
C TRP D 476 26.09 4.71 10.61
N ALA D 477 25.84 5.09 11.87
CA ALA D 477 25.73 4.21 13.04
C ALA D 477 24.50 4.62 13.84
N PHE D 478 24.08 3.78 14.80
CA PHE D 478 22.83 3.98 15.56
C PHE D 478 22.86 3.16 16.86
N ARG D 479 22.03 3.58 17.82
CA ARG D 479 21.59 2.76 18.98
C ARG D 479 20.09 2.50 18.84
N GLU D 480 19.65 1.28 19.17
CA GLU D 480 18.23 0.88 19.25
C GLU D 480 17.81 0.82 20.73
N ASP D 481 16.56 1.16 21.01
CA ASP D 481 15.92 1.02 22.36
C ASP D 481 14.43 0.76 22.14
N PRO D 482 13.76 0.01 23.05
CA PRO D 482 12.30 -0.15 22.98
C PRO D 482 11.61 1.21 23.08
N GLY D 483 10.85 1.59 22.05
CA GLY D 483 10.11 2.86 21.97
C GLY D 483 8.82 2.81 22.77
N PRO D 484 8.02 3.91 22.78
CA PRO D 484 6.82 4.00 23.60
C PRO D 484 5.67 3.06 23.18
N TYR D 485 5.73 2.51 21.96
CA TYR D 485 4.72 1.56 21.41
C TYR D 485 5.23 0.12 21.53
N ARG D 486 6.20 -0.13 22.42
CA ARG D 486 6.75 -1.47 22.74
C ARG D 486 7.25 -2.15 21.46
N THR D 487 7.79 -1.36 20.52
CA THR D 487 8.51 -1.82 19.30
C THR D 487 9.94 -1.27 19.36
N THR D 488 10.84 -1.85 18.57
CA THR D 488 12.26 -1.39 18.46
C THR D 488 12.27 -0.04 17.75
N ALA D 489 12.86 0.97 18.38
CA ALA D 489 12.98 2.36 17.87
C ALA D 489 14.47 2.76 17.83
N ILE D 490 14.78 3.86 17.15
CA ILE D 490 16.15 4.40 16.98
C ILE D 490 16.30 5.61 17.92
N SER D 491 17.21 5.50 18.89
CA SER D 491 17.41 6.47 20.00
C SER D 491 18.60 7.40 19.72
N VAL D 492 19.68 6.86 19.15
CA VAL D 492 20.92 7.62 18.81
C VAL D 492 21.25 7.40 17.33
N LEU D 493 21.72 8.45 16.65
CA LEU D 493 22.24 8.41 15.26
C LEU D 493 23.59 9.11 15.20
N ARG D 494 24.51 8.58 14.38
CA ARG D 494 25.80 9.23 14.02
C ARG D 494 26.05 8.98 12.53
N PHE D 495 26.40 10.02 11.77
CA PHE D 495 26.57 9.96 10.30
C PHE D 495 28.06 10.05 9.96
N GLN D 496 28.50 9.21 9.01
CA GLN D 496 29.90 9.12 8.51
C GLN D 496 29.94 9.72 7.11
N PHE D 497 31.06 10.36 6.77
CA PHE D 497 31.26 11.09 5.49
C PHE D 497 32.61 10.69 4.88
N THR D 498 32.71 10.83 3.55
CA THR D 498 33.93 10.61 2.74
C THR D 498 34.01 11.75 1.73
N PRO D 499 35.24 12.18 1.32
CA PRO D 499 35.38 13.26 0.34
C PRO D 499 34.62 13.05 -0.98
N GLU D 500 33.91 14.09 -1.43
CA GLU D 500 33.26 14.17 -2.77
C GLU D 500 34.22 14.89 -3.73
N LEU D 501 34.91 14.13 -4.60
CA LEU D 501 35.96 14.65 -5.51
C LEU D 501 35.33 15.25 -6.78
N ASP D 502 34.02 15.08 -6.99
CA ASP D 502 33.28 15.57 -8.18
C ASP D 502 32.17 16.53 -7.73
N MET D 503 32.40 17.30 -6.67
CA MET D 503 31.39 18.24 -6.10
C MET D 503 31.29 19.47 -6.99
N PRO D 504 30.08 19.78 -7.53
CA PRO D 504 29.89 20.98 -8.33
C PRO D 504 29.90 22.23 -7.44
N LEU D 505 30.34 23.37 -7.99
CA LEU D 505 30.35 24.68 -7.29
C LEU D 505 29.05 25.42 -7.61
N PRO D 506 28.66 26.42 -6.80
CA PRO D 506 27.53 27.29 -7.14
C PRO D 506 27.78 28.04 -8.47
N ALA D 507 26.71 28.29 -9.22
CA ALA D 507 26.73 28.95 -10.55
C ALA D 507 27.66 30.18 -10.52
N SER D 508 27.59 30.97 -9.44
CA SER D 508 28.43 32.17 -9.18
C SER D 508 29.91 31.85 -9.41
N TYR D 509 30.39 30.72 -8.86
CA TYR D 509 31.80 30.28 -8.89
C TYR D 509 32.02 29.31 -10.06
C1 GOL E . 1.89 -1.59 4.45
O1 GOL E . 1.94 -0.83 5.65
C2 GOL E . 1.05 -0.91 3.39
O2 GOL E . -0.16 -0.39 3.95
C3 GOL E . 1.80 0.22 2.69
O3 GOL E . 1.75 1.42 3.44
C1 GOL F . 15.94 -15.67 8.27
O1 GOL F . 16.56 -15.22 7.07
C2 GOL F . 16.63 -15.13 9.50
O2 GOL F . 16.65 -13.70 9.43
C3 GOL F . 15.97 -15.57 10.79
O3 GOL F . 16.86 -15.45 11.90
C1 GOL G . 9.56 -32.91 10.78
O1 GOL G . 8.77 -33.44 11.83
C2 GOL G . 8.84 -32.93 9.46
O2 GOL G . 8.80 -34.27 8.94
C3 GOL G . 7.43 -32.39 9.55
O3 GOL G . 7.38 -31.19 10.31
C1 GOL H . 5.23 4.43 15.20
O1 GOL H . 6.27 3.51 15.50
C2 GOL H . 3.88 3.74 15.12
O2 GOL H . 2.87 4.73 14.96
C3 GOL H . 3.80 2.74 13.98
O3 GOL H . 4.74 1.68 14.13
#